data_2RNN
#
_entry.id   2RNN
#
_entity_poly.entity_id   1
_entity_poly.type   'polypeptide(L)'
_entity_poly.pdbx_seq_one_letter_code
;GSHMINLEDYWEDETPGPDREPTNELRNEVEETITLMELLKVSELKDICRSVSFPVSGRKAVLQDLIRNFLQNALVVGKS
DPYRVQAVKFLIERIRKNEPLPVYKDLWNALRKG
;
_entity_poly.pdbx_strand_id   A
#
# COMPACT_ATOMS: atom_id res chain seq x y z
N GLY A 1 5.15 23.87 2.93
CA GLY A 1 6.30 24.56 2.36
C GLY A 1 7.36 24.86 3.39
N SER A 2 7.96 26.05 3.28
CA SER A 2 9.01 26.47 4.22
C SER A 2 8.65 27.81 4.86
N HIS A 3 7.53 28.38 4.46
CA HIS A 3 7.07 29.66 4.99
C HIS A 3 6.39 29.47 6.34
N MET A 4 6.30 28.22 6.79
CA MET A 4 5.66 27.90 8.06
C MET A 4 6.41 26.78 8.78
N ILE A 5 7.61 26.48 8.31
CA ILE A 5 8.44 25.44 8.90
C ILE A 5 9.91 25.81 8.86
N ASN A 6 10.77 24.81 9.03
CA ASN A 6 12.21 25.02 9.00
C ASN A 6 12.96 23.70 9.11
N LEU A 7 14.00 23.55 8.29
CA LEU A 7 14.80 22.33 8.28
C LEU A 7 15.56 22.17 9.61
N GLU A 8 15.95 23.30 10.19
CA GLU A 8 16.68 23.27 11.46
C GLU A 8 15.71 23.34 12.64
N ASP A 9 14.43 23.17 12.35
CA ASP A 9 13.40 23.20 13.39
C ASP A 9 12.25 22.27 13.05
N TYR A 10 12.57 21.18 12.34
CA TYR A 10 11.56 20.21 11.95
C TYR A 10 12.20 18.98 11.31
N TRP A 11 13.41 18.66 11.76
CA TRP A 11 14.14 17.52 11.23
C TRP A 11 14.00 16.32 12.16
N GLU A 12 13.63 16.58 13.41
CA GLU A 12 13.47 15.52 14.39
C GLU A 12 13.02 16.08 15.73
N ASP A 13 12.04 15.42 16.35
CA ASP A 13 11.53 15.87 17.65
C ASP A 13 11.16 14.66 18.52
N GLU A 14 11.66 13.49 18.16
CA GLU A 14 11.38 12.27 18.90
C GLU A 14 9.88 12.10 19.10
N THR A 15 9.09 12.62 18.17
CA THR A 15 7.65 12.53 18.24
C THR A 15 7.20 11.09 18.50
N PRO A 16 6.09 10.93 19.24
CA PRO A 16 5.54 9.62 19.58
C PRO A 16 4.95 8.92 18.36
N GLY A 17 4.44 7.70 18.57
CA GLY A 17 3.86 6.94 17.48
C GLY A 17 2.40 6.61 17.72
N PRO A 18 1.55 7.65 17.72
CA PRO A 18 0.10 7.49 17.95
C PRO A 18 -0.58 6.80 16.77
N ASP A 19 -1.82 6.37 17.00
CA ASP A 19 -2.59 5.69 15.95
C ASP A 19 -4.02 6.21 15.92
N ARG A 20 -4.25 7.37 16.54
CA ARG A 20 -5.57 7.97 16.56
C ARG A 20 -5.56 9.33 15.87
N GLU A 21 -4.41 10.00 15.89
CA GLU A 21 -4.28 11.31 15.26
C GLU A 21 -3.79 11.17 13.82
N PRO A 22 -4.59 11.72 12.88
CA PRO A 22 -4.26 11.66 11.46
C PRO A 22 -3.06 12.55 11.09
N THR A 23 -2.28 12.10 10.12
CA THR A 23 -1.11 12.85 9.69
C THR A 23 -1.27 13.35 8.26
N ASN A 24 -0.84 14.58 8.01
CA ASN A 24 -0.95 15.17 6.69
C ASN A 24 -0.34 14.24 5.63
N GLU A 25 0.82 13.68 5.95
CA GLU A 25 1.50 12.77 5.03
C GLU A 25 0.70 11.48 4.85
N LEU A 26 0.02 11.06 5.91
CA LEU A 26 -0.77 9.84 5.86
C LEU A 26 -1.93 9.98 4.87
N ARG A 27 -2.71 11.04 5.03
CA ARG A 27 -3.85 11.28 4.14
C ARG A 27 -3.38 11.68 2.75
N ASN A 28 -2.22 12.34 2.69
CA ASN A 28 -1.65 12.78 1.42
C ASN A 28 -1.14 11.59 0.61
N GLU A 29 -0.37 10.73 1.27
CA GLU A 29 0.18 9.55 0.60
C GLU A 29 -0.93 8.58 0.22
N VAL A 30 -1.90 8.42 1.11
CA VAL A 30 -3.02 7.50 0.86
C VAL A 30 -3.91 8.02 -0.26
N GLU A 31 -4.18 9.32 -0.25
CA GLU A 31 -5.01 9.94 -1.28
C GLU A 31 -4.37 9.80 -2.65
N GLU A 32 -3.10 10.16 -2.75
CA GLU A 32 -2.37 10.08 -4.01
C GLU A 32 -2.28 8.63 -4.49
N THR A 33 -1.93 7.73 -3.59
CA THR A 33 -1.80 6.32 -3.92
C THR A 33 -3.11 5.77 -4.47
N ILE A 34 -4.21 6.11 -3.82
CA ILE A 34 -5.53 5.65 -4.25
C ILE A 34 -5.90 6.26 -5.60
N THR A 35 -5.53 7.52 -5.81
CA THR A 35 -5.83 8.21 -7.05
C THR A 35 -5.07 7.59 -8.22
N LEU A 36 -3.80 7.29 -7.99
CA LEU A 36 -2.95 6.71 -9.03
C LEU A 36 -3.29 5.23 -9.23
N MET A 37 -3.54 4.53 -8.13
CA MET A 37 -3.88 3.11 -8.19
C MET A 37 -5.30 2.92 -8.72
N GLU A 38 -6.13 3.96 -8.61
CA GLU A 38 -7.50 3.89 -9.07
C GLU A 38 -7.56 3.53 -10.55
N LEU A 39 -6.46 3.78 -11.25
CA LEU A 39 -6.39 3.47 -12.68
C LEU A 39 -5.77 2.10 -12.91
N LEU A 40 -5.88 1.23 -11.91
CA LEU A 40 -5.33 -0.12 -12.00
C LEU A 40 -5.87 -0.84 -13.24
N LYS A 41 -5.09 -1.79 -13.74
CA LYS A 41 -5.48 -2.56 -14.92
C LYS A 41 -5.44 -4.05 -14.63
N VAL A 42 -5.98 -4.85 -15.56
CA VAL A 42 -6.00 -6.30 -15.40
C VAL A 42 -4.62 -6.83 -15.04
N SER A 43 -3.59 -6.26 -15.68
CA SER A 43 -2.22 -6.69 -15.43
C SER A 43 -1.81 -6.42 -13.97
N GLU A 44 -2.05 -5.20 -13.52
CA GLU A 44 -1.72 -4.81 -12.16
C GLU A 44 -2.54 -5.62 -11.14
N LEU A 45 -3.86 -5.58 -11.31
CA LEU A 45 -4.76 -6.29 -10.41
C LEU A 45 -4.34 -7.75 -10.26
N LYS A 46 -4.05 -8.40 -11.39
CA LYS A 46 -3.63 -9.79 -11.39
C LYS A 46 -2.31 -9.96 -10.64
N ASP A 47 -1.36 -9.08 -10.93
CA ASP A 47 -0.05 -9.12 -10.27
C ASP A 47 -0.20 -9.12 -8.76
N ILE A 48 -0.98 -8.17 -8.25
CA ILE A 48 -1.21 -8.06 -6.82
C ILE A 48 -1.90 -9.30 -6.26
N CYS A 49 -3.02 -9.67 -6.88
CA CYS A 49 -3.78 -10.84 -6.45
C CYS A 49 -2.88 -12.06 -6.37
N ARG A 50 -1.89 -12.13 -7.26
CA ARG A 50 -0.96 -13.26 -7.30
C ARG A 50 0.04 -13.17 -6.15
N SER A 51 0.66 -12.00 -5.99
CA SER A 51 1.64 -11.80 -4.94
C SER A 51 1.03 -12.06 -3.57
N VAL A 52 -0.12 -11.44 -3.31
CA VAL A 52 -0.82 -11.60 -2.04
C VAL A 52 -1.52 -12.95 -1.97
N SER A 53 -1.51 -13.67 -3.09
CA SER A 53 -2.16 -14.98 -3.16
C SER A 53 -3.67 -14.85 -2.96
N PHE A 54 -4.17 -13.62 -3.11
CA PHE A 54 -5.60 -13.36 -2.96
C PHE A 54 -6.40 -14.01 -4.08
N PRO A 55 -7.70 -14.20 -3.85
CA PRO A 55 -8.60 -14.81 -4.84
C PRO A 55 -8.85 -13.91 -6.04
N VAL A 56 -8.27 -14.27 -7.17
CA VAL A 56 -8.43 -13.49 -8.40
C VAL A 56 -9.56 -14.04 -9.25
N SER A 57 -10.49 -14.74 -8.62
CA SER A 57 -11.63 -15.32 -9.32
C SER A 57 -12.69 -14.27 -9.61
N GLY A 58 -12.58 -13.13 -8.94
CA GLY A 58 -13.54 -12.05 -9.13
C GLY A 58 -13.30 -11.29 -10.42
N ARG A 59 -13.29 -9.96 -10.32
CA ARG A 59 -13.07 -9.11 -11.49
C ARG A 59 -12.23 -7.89 -11.13
N LYS A 60 -11.86 -7.12 -12.14
CA LYS A 60 -11.05 -5.91 -11.93
C LYS A 60 -11.70 -5.00 -10.90
N ALA A 61 -13.03 -4.94 -10.92
CA ALA A 61 -13.77 -4.11 -9.98
C ALA A 61 -13.62 -4.60 -8.55
N VAL A 62 -13.68 -5.92 -8.37
CA VAL A 62 -13.54 -6.53 -7.04
C VAL A 62 -12.15 -6.28 -6.48
N LEU A 63 -11.13 -6.51 -7.31
CA LEU A 63 -9.75 -6.32 -6.88
C LEU A 63 -9.49 -4.86 -6.52
N GLN A 64 -9.78 -3.96 -7.45
CA GLN A 64 -9.58 -2.54 -7.23
C GLN A 64 -10.39 -2.05 -6.03
N ASP A 65 -11.55 -2.66 -5.82
CA ASP A 65 -12.42 -2.29 -4.71
C ASP A 65 -11.79 -2.71 -3.37
N LEU A 66 -11.22 -3.90 -3.35
CA LEU A 66 -10.59 -4.42 -2.14
C LEU A 66 -9.39 -3.58 -1.74
N ILE A 67 -8.52 -3.30 -2.70
CA ILE A 67 -7.33 -2.50 -2.45
C ILE A 67 -7.70 -1.08 -2.04
N ARG A 68 -8.57 -0.46 -2.82
CA ARG A 68 -9.01 0.91 -2.53
C ARG A 68 -9.57 1.01 -1.10
N ASN A 69 -10.45 0.08 -0.75
CA ASN A 69 -11.06 0.07 0.57
C ASN A 69 -10.00 -0.18 1.64
N PHE A 70 -9.01 -1.01 1.32
CA PHE A 70 -7.94 -1.33 2.25
C PHE A 70 -7.18 -0.07 2.65
N LEU A 71 -6.70 0.67 1.66
CA LEU A 71 -5.95 1.89 1.91
C LEU A 71 -6.85 2.97 2.51
N GLN A 72 -8.09 3.03 2.03
CA GLN A 72 -9.05 4.02 2.51
C GLN A 72 -9.39 3.77 3.98
N ASN A 73 -9.53 2.50 4.35
CA ASN A 73 -9.85 2.12 5.71
C ASN A 73 -8.59 2.02 6.57
N ALA A 74 -7.44 1.96 5.90
CA ALA A 74 -6.17 1.86 6.61
C ALA A 74 -5.98 3.03 7.56
N LEU A 75 -6.72 4.10 7.34
CA LEU A 75 -6.63 5.30 8.18
C LEU A 75 -7.99 5.62 8.80
N VAL A 76 -8.48 4.70 9.63
CA VAL A 76 -9.76 4.90 10.30
C VAL A 76 -9.57 5.17 11.79
N VAL A 77 -10.35 6.11 12.31
CA VAL A 77 -10.27 6.49 13.72
C VAL A 77 -10.37 5.25 14.61
N GLY A 78 -9.27 4.93 15.29
CA GLY A 78 -9.26 3.77 16.17
C GLY A 78 -9.26 2.46 15.41
N LYS A 79 -8.49 2.41 14.33
CA LYS A 79 -8.42 1.20 13.50
C LYS A 79 -7.32 1.32 12.46
N SER A 80 -6.25 2.05 12.81
CA SER A 80 -5.14 2.25 11.88
C SER A 80 -4.67 0.92 11.31
N ASP A 81 -4.14 0.97 10.08
CA ASP A 81 -3.66 -0.23 9.42
C ASP A 81 -2.71 0.13 8.27
N PRO A 82 -1.48 0.52 8.62
CA PRO A 82 -0.46 0.91 7.64
C PRO A 82 0.05 -0.28 6.83
N TYR A 83 -0.19 -1.48 7.35
CA TYR A 83 0.24 -2.70 6.68
C TYR A 83 -0.22 -2.72 5.23
N ARG A 84 -1.51 -2.52 5.02
CA ARG A 84 -2.08 -2.51 3.68
C ARG A 84 -1.50 -1.38 2.85
N VAL A 85 -1.18 -0.27 3.52
CA VAL A 85 -0.62 0.89 2.84
C VAL A 85 0.72 0.56 2.19
N GLN A 86 1.64 0.02 2.98
CA GLN A 86 2.95 -0.35 2.47
C GLN A 86 2.85 -1.49 1.46
N ALA A 87 1.96 -2.43 1.72
CA ALA A 87 1.76 -3.58 0.84
C ALA A 87 1.27 -3.12 -0.54
N VAL A 88 0.23 -2.29 -0.55
CA VAL A 88 -0.33 -1.78 -1.79
C VAL A 88 0.68 -0.93 -2.55
N LYS A 89 1.31 0.00 -1.84
CA LYS A 89 2.31 0.88 -2.44
C LYS A 89 3.40 0.08 -3.13
N PHE A 90 3.91 -0.94 -2.43
CA PHE A 90 4.96 -1.79 -2.98
C PHE A 90 4.48 -2.52 -4.23
N LEU A 91 3.28 -3.09 -4.15
CA LEU A 91 2.69 -3.81 -5.27
C LEU A 91 2.57 -2.91 -6.50
N ILE A 92 1.99 -1.73 -6.31
CA ILE A 92 1.82 -0.79 -7.40
C ILE A 92 3.15 -0.43 -8.04
N GLU A 93 4.10 -0.01 -7.21
CA GLU A 93 5.42 0.36 -7.69
C GLU A 93 6.09 -0.82 -8.41
N ARG A 94 6.04 -1.98 -7.79
CA ARG A 94 6.64 -3.19 -8.36
C ARG A 94 6.15 -3.41 -9.79
N ILE A 95 4.84 -3.36 -9.98
CA ILE A 95 4.24 -3.55 -11.28
C ILE A 95 4.58 -2.39 -12.22
N ARG A 96 4.71 -1.20 -11.64
CA ARG A 96 5.03 -0.01 -12.41
C ARG A 96 6.50 0.01 -12.82
N LYS A 97 7.30 -0.81 -12.15
CA LYS A 97 8.73 -0.90 -12.43
C LYS A 97 9.09 -2.26 -13.01
N ASN A 98 8.10 -3.16 -13.06
CA ASN A 98 8.32 -4.50 -13.60
C ASN A 98 9.27 -5.29 -12.72
N GLU A 99 9.15 -5.10 -11.41
CA GLU A 99 10.02 -5.79 -10.45
C GLU A 99 9.38 -7.11 -10.02
N PRO A 100 10.20 -8.00 -9.45
CA PRO A 100 9.74 -9.32 -8.97
C PRO A 100 8.85 -9.21 -7.74
N LEU A 101 7.88 -10.12 -7.64
CA LEU A 101 6.96 -10.12 -6.50
C LEU A 101 7.31 -11.26 -5.54
N PRO A 102 8.04 -10.91 -4.47
CA PRO A 102 8.45 -11.88 -3.44
C PRO A 102 7.27 -12.36 -2.60
N VAL A 103 7.57 -13.07 -1.51
CA VAL A 103 6.54 -13.58 -0.62
C VAL A 103 5.82 -12.45 0.10
N TYR A 104 4.49 -12.48 0.07
CA TYR A 104 3.68 -11.46 0.72
C TYR A 104 3.92 -11.47 2.22
N LYS A 105 3.98 -12.66 2.81
CA LYS A 105 4.20 -12.79 4.24
C LYS A 105 5.60 -12.34 4.62
N ASP A 106 6.60 -12.90 3.95
CA ASP A 106 7.99 -12.54 4.22
C ASP A 106 8.23 -11.05 4.00
N LEU A 107 7.85 -10.57 2.82
CA LEU A 107 8.02 -9.16 2.47
C LEU A 107 7.33 -8.27 3.50
N TRP A 108 6.07 -8.57 3.79
CA TRP A 108 5.30 -7.79 4.75
C TRP A 108 6.03 -7.69 6.08
N ASN A 109 6.44 -8.84 6.62
CA ASN A 109 7.15 -8.88 7.89
C ASN A 109 8.42 -8.03 7.83
N ALA A 110 9.11 -8.11 6.70
CA ALA A 110 10.35 -7.35 6.50
C ALA A 110 10.09 -5.85 6.63
N LEU A 111 9.07 -5.37 5.92
CA LEU A 111 8.73 -3.96 5.95
C LEU A 111 8.10 -3.57 7.29
N ARG A 112 7.48 -4.55 7.95
CA ARG A 112 6.85 -4.32 9.24
C ARG A 112 7.89 -3.99 10.31
N LYS A 113 8.86 -4.88 10.46
CA LYS A 113 9.92 -4.69 11.45
C LYS A 113 10.98 -3.72 10.93
N GLY A 114 11.08 -3.62 9.61
CA GLY A 114 12.06 -2.72 9.02
C GLY A 114 11.53 -1.31 8.86
N GLY A 1 13.54 13.49 8.61
CA GLY A 1 12.34 14.28 8.78
C GLY A 1 11.79 14.78 7.45
N SER A 2 12.54 15.68 6.82
CA SER A 2 12.12 16.26 5.54
C SER A 2 13.25 17.07 4.91
N HIS A 3 13.62 18.16 5.58
CA HIS A 3 14.68 19.02 5.08
C HIS A 3 14.38 19.51 3.67
N MET A 4 13.09 19.55 3.32
CA MET A 4 12.67 20.00 2.00
C MET A 4 13.49 19.33 0.91
N ILE A 5 13.89 18.08 1.15
CA ILE A 5 14.67 17.33 0.19
C ILE A 5 13.79 16.70 -0.88
N ASN A 6 13.15 15.59 -0.53
CA ASN A 6 12.27 14.89 -1.46
C ASN A 6 11.59 13.70 -0.78
N LEU A 7 10.49 13.24 -1.36
CA LEU A 7 9.76 12.10 -0.82
C LEU A 7 10.13 10.82 -1.53
N GLU A 8 10.46 10.93 -2.82
CA GLU A 8 10.85 9.78 -3.62
C GLU A 8 12.36 9.70 -3.78
N ASP A 9 13.07 10.56 -3.06
CA ASP A 9 14.53 10.59 -3.12
C ASP A 9 15.13 10.52 -1.72
N TYR A 10 14.39 9.92 -0.80
CA TYR A 10 14.86 9.79 0.59
C TYR A 10 15.12 8.33 0.94
N TRP A 11 14.91 7.45 -0.04
CA TRP A 11 15.12 6.03 0.17
C TRP A 11 14.45 5.55 1.46
N GLU A 12 13.32 6.17 1.80
CA GLU A 12 12.58 5.81 3.00
C GLU A 12 11.08 5.86 2.75
N ASP A 13 10.44 4.70 2.81
CA ASP A 13 9.00 4.60 2.59
C ASP A 13 8.38 3.55 3.49
N GLU A 14 9.13 3.13 4.51
CA GLU A 14 8.65 2.11 5.45
C GLU A 14 8.66 2.65 6.88
N THR A 15 8.32 3.93 7.04
CA THR A 15 8.29 4.55 8.34
C THR A 15 6.97 4.29 9.06
N PRO A 16 7.02 4.21 10.39
CA PRO A 16 5.84 3.95 11.22
C PRO A 16 4.87 5.14 11.23
N GLY A 17 3.86 5.07 12.08
CA GLY A 17 2.88 6.13 12.16
C GLY A 17 1.90 5.93 13.32
N PRO A 18 1.16 6.99 13.66
CA PRO A 18 0.17 6.96 14.74
C PRO A 18 -1.04 6.10 14.38
N ASP A 19 -1.65 5.50 15.41
CA ASP A 19 -2.81 4.66 15.21
C ASP A 19 -4.10 5.42 15.53
N ARG A 20 -3.98 6.73 15.67
CA ARG A 20 -5.13 7.57 15.98
C ARG A 20 -5.01 8.92 15.28
N GLU A 21 -4.14 9.78 15.81
CA GLU A 21 -3.95 11.10 15.22
C GLU A 21 -3.53 11.01 13.75
N PRO A 22 -4.31 11.65 12.88
CA PRO A 22 -4.05 11.65 11.44
C PRO A 22 -2.81 12.47 11.08
N THR A 23 -2.05 11.98 10.10
CA THR A 23 -0.84 12.66 9.66
C THR A 23 -0.98 13.15 8.22
N ASN A 24 -0.49 14.35 7.96
CA ASN A 24 -0.56 14.94 6.63
C ASN A 24 -0.01 13.97 5.58
N GLU A 25 1.13 13.36 5.90
CA GLU A 25 1.76 12.41 5.00
C GLU A 25 0.91 11.14 4.85
N LEU A 26 0.21 10.78 5.92
CA LEU A 26 -0.63 9.59 5.91
C LEU A 26 -1.77 9.74 4.90
N ARG A 27 -2.52 10.84 5.02
CA ARG A 27 -3.64 11.10 4.13
C ARG A 27 -3.14 11.45 2.73
N ASN A 28 -1.98 12.09 2.66
CA ASN A 28 -1.40 12.48 1.39
C ASN A 28 -0.92 11.26 0.61
N GLU A 29 -0.21 10.37 1.29
CA GLU A 29 0.30 9.16 0.67
C GLU A 29 -0.83 8.23 0.27
N VAL A 30 -1.81 8.08 1.15
CA VAL A 30 -2.95 7.22 0.90
C VAL A 30 -3.79 7.75 -0.27
N GLU A 31 -4.02 9.06 -0.27
CA GLU A 31 -4.81 9.69 -1.33
C GLU A 31 -4.13 9.51 -2.69
N GLU A 32 -2.84 9.83 -2.75
CA GLU A 32 -2.09 9.70 -3.99
C GLU A 32 -2.08 8.26 -4.48
N THR A 33 -1.82 7.33 -3.58
CA THR A 33 -1.78 5.92 -3.92
C THR A 33 -3.13 5.45 -4.47
N ILE A 34 -4.20 5.91 -3.87
CA ILE A 34 -5.55 5.56 -4.30
C ILE A 34 -5.87 6.16 -5.66
N THR A 35 -5.33 7.36 -5.90
CA THR A 35 -5.56 8.06 -7.17
C THR A 35 -4.86 7.36 -8.31
N LEU A 36 -3.63 6.90 -8.06
CA LEU A 36 -2.84 6.21 -9.08
C LEU A 36 -3.34 4.79 -9.28
N MET A 37 -3.74 4.14 -8.19
CA MET A 37 -4.24 2.77 -8.25
C MET A 37 -5.67 2.74 -8.78
N GLU A 38 -6.37 3.85 -8.63
CA GLU A 38 -7.75 3.95 -9.09
C GLU A 38 -7.85 3.63 -10.58
N LEU A 39 -6.75 3.82 -11.29
CA LEU A 39 -6.70 3.54 -12.72
C LEU A 39 -5.94 2.26 -13.01
N LEU A 40 -5.92 1.35 -12.03
CA LEU A 40 -5.24 0.07 -12.18
C LEU A 40 -5.69 -0.64 -13.45
N LYS A 41 -4.94 -1.66 -13.84
CA LYS A 41 -5.26 -2.42 -15.04
C LYS A 41 -5.33 -3.92 -14.73
N VAL A 42 -5.88 -4.69 -15.67
CA VAL A 42 -6.01 -6.13 -15.49
C VAL A 42 -4.67 -6.77 -15.11
N SER A 43 -3.60 -6.29 -15.74
CA SER A 43 -2.26 -6.81 -15.48
C SER A 43 -1.83 -6.50 -14.04
N GLU A 44 -1.98 -5.24 -13.65
CA GLU A 44 -1.61 -4.80 -12.31
C GLU A 44 -2.44 -5.53 -11.26
N LEU A 45 -3.75 -5.51 -11.42
CA LEU A 45 -4.66 -6.17 -10.49
C LEU A 45 -4.27 -7.63 -10.29
N LYS A 46 -4.07 -8.34 -11.39
CA LYS A 46 -3.68 -9.75 -11.33
C LYS A 46 -2.38 -9.93 -10.56
N ASP A 47 -1.40 -9.09 -10.88
CA ASP A 47 -0.10 -9.16 -10.22
C ASP A 47 -0.26 -9.07 -8.71
N ILE A 48 -1.04 -8.09 -8.25
CA ILE A 48 -1.27 -7.91 -6.83
C ILE A 48 -1.94 -9.13 -6.21
N CYS A 49 -3.04 -9.56 -6.81
CA CYS A 49 -3.77 -10.73 -6.32
C CYS A 49 -2.86 -11.95 -6.25
N ARG A 50 -1.87 -12.00 -7.13
CA ARG A 50 -0.93 -13.12 -7.17
C ARG A 50 0.05 -13.03 -6.01
N SER A 51 0.68 -11.87 -5.84
CA SER A 51 1.65 -11.66 -4.77
C SER A 51 1.01 -11.88 -3.41
N VAL A 52 -0.13 -11.22 -3.19
CA VAL A 52 -0.85 -11.35 -1.92
C VAL A 52 -1.57 -12.68 -1.82
N SER A 53 -1.58 -13.42 -2.93
CA SER A 53 -2.24 -14.72 -2.98
C SER A 53 -3.74 -14.57 -2.78
N PHE A 54 -4.24 -13.36 -3.01
CA PHE A 54 -5.67 -13.08 -2.86
C PHE A 54 -6.47 -13.76 -3.97
N PRO A 55 -7.78 -13.93 -3.73
CA PRO A 55 -8.69 -14.56 -4.69
C PRO A 55 -8.93 -13.69 -5.92
N VAL A 56 -8.29 -14.04 -7.03
CA VAL A 56 -8.44 -13.28 -8.27
C VAL A 56 -9.56 -13.85 -9.12
N SER A 57 -10.38 -14.70 -8.52
CA SER A 57 -11.50 -15.32 -9.22
C SER A 57 -12.56 -14.28 -9.56
N GLY A 58 -12.45 -13.10 -8.96
CA GLY A 58 -13.40 -12.04 -9.21
C GLY A 58 -13.13 -11.30 -10.50
N ARG A 59 -13.15 -9.98 -10.44
CA ARG A 59 -12.89 -9.15 -11.61
C ARG A 59 -12.09 -7.91 -11.24
N LYS A 60 -11.68 -7.15 -12.27
CA LYS A 60 -10.90 -5.94 -12.05
C LYS A 60 -11.58 -5.02 -11.04
N ALA A 61 -12.91 -5.00 -11.09
CA ALA A 61 -13.69 -4.16 -10.17
C ALA A 61 -13.56 -4.66 -8.73
N VAL A 62 -13.63 -5.98 -8.57
CA VAL A 62 -13.52 -6.58 -7.24
C VAL A 62 -12.16 -6.32 -6.62
N LEU A 63 -11.11 -6.51 -7.43
CA LEU A 63 -9.75 -6.29 -6.95
C LEU A 63 -9.52 -4.83 -6.58
N GLN A 64 -9.80 -3.94 -7.52
CA GLN A 64 -9.62 -2.51 -7.29
C GLN A 64 -10.47 -2.04 -6.11
N ASP A 65 -11.63 -2.66 -5.92
CA ASP A 65 -12.53 -2.32 -4.82
C ASP A 65 -11.94 -2.74 -3.48
N LEU A 66 -11.38 -3.95 -3.44
CA LEU A 66 -10.77 -4.47 -2.22
C LEU A 66 -9.60 -3.61 -1.78
N ILE A 67 -8.72 -3.28 -2.72
CA ILE A 67 -7.55 -2.46 -2.44
C ILE A 67 -7.96 -1.05 -2.02
N ARG A 68 -8.82 -0.44 -2.83
CA ARG A 68 -9.30 0.91 -2.55
C ARG A 68 -9.84 1.02 -1.12
N ASN A 69 -10.71 0.08 -0.77
CA ASN A 69 -11.31 0.07 0.57
C ASN A 69 -10.24 -0.13 1.63
N PHE A 70 -9.32 -1.06 1.38
CA PHE A 70 -8.24 -1.35 2.32
C PHE A 70 -7.50 -0.08 2.71
N LEU A 71 -7.09 0.69 1.70
CA LEU A 71 -6.37 1.94 1.94
C LEU A 71 -7.27 2.97 2.59
N GLN A 72 -8.50 3.07 2.12
CA GLN A 72 -9.47 4.02 2.66
C GLN A 72 -9.69 3.78 4.14
N ASN A 73 -9.77 2.50 4.53
CA ASN A 73 -9.99 2.13 5.92
C ASN A 73 -8.67 2.05 6.67
N ALA A 74 -7.57 2.00 5.93
CA ALA A 74 -6.24 1.92 6.52
C ALA A 74 -6.00 3.09 7.48
N LEU A 75 -6.76 4.15 7.30
CA LEU A 75 -6.63 5.34 8.14
C LEU A 75 -7.95 5.68 8.82
N VAL A 76 -8.40 4.79 9.70
CA VAL A 76 -9.66 5.01 10.42
C VAL A 76 -9.40 5.31 11.90
N VAL A 77 -10.21 6.21 12.45
CA VAL A 77 -10.08 6.59 13.85
C VAL A 77 -10.11 5.37 14.76
N GLY A 78 -8.97 5.07 15.39
CA GLY A 78 -8.89 3.93 16.27
C GLY A 78 -8.98 2.61 15.53
N LYS A 79 -8.31 2.53 14.39
CA LYS A 79 -8.31 1.31 13.59
C LYS A 79 -7.32 1.42 12.43
N SER A 80 -6.22 2.15 12.66
CA SER A 80 -5.20 2.34 11.64
C SER A 80 -4.78 1.00 11.05
N ASP A 81 -4.04 1.06 9.94
CA ASP A 81 -3.57 -0.15 9.27
C ASP A 81 -2.58 0.19 8.17
N PRO A 82 -1.35 0.56 8.57
CA PRO A 82 -0.29 0.92 7.62
C PRO A 82 0.22 -0.29 6.83
N TYR A 83 0.02 -1.48 7.39
CA TYR A 83 0.46 -2.71 6.73
C TYR A 83 -0.05 -2.77 5.30
N ARG A 84 -1.37 -2.68 5.14
CA ARG A 84 -1.99 -2.73 3.82
C ARG A 84 -1.48 -1.60 2.93
N VAL A 85 -1.16 -0.47 3.55
CA VAL A 85 -0.64 0.68 2.82
C VAL A 85 0.68 0.36 2.13
N GLN A 86 1.68 -0.02 2.92
CA GLN A 86 2.98 -0.37 2.37
C GLN A 86 2.88 -1.52 1.39
N ALA A 87 2.05 -2.50 1.72
CA ALA A 87 1.87 -3.66 0.85
C ALA A 87 1.33 -3.25 -0.51
N VAL A 88 0.25 -2.47 -0.51
CA VAL A 88 -0.36 -2.00 -1.75
C VAL A 88 0.59 -1.11 -2.53
N LYS A 89 1.13 -0.09 -1.86
CA LYS A 89 2.06 0.84 -2.50
C LYS A 89 3.20 0.08 -3.19
N PHE A 90 3.70 -0.94 -2.51
CA PHE A 90 4.79 -1.75 -3.06
C PHE A 90 4.35 -2.51 -4.29
N LEU A 91 3.17 -3.12 -4.21
CA LEU A 91 2.62 -3.88 -5.33
C LEU A 91 2.49 -3.01 -6.58
N ILE A 92 1.85 -1.85 -6.43
CA ILE A 92 1.66 -0.93 -7.53
C ILE A 92 3.01 -0.48 -8.10
N GLU A 93 3.91 -0.08 -7.22
CA GLU A 93 5.24 0.37 -7.64
C GLU A 93 5.98 -0.73 -8.38
N ARG A 94 5.94 -1.94 -7.83
CA ARG A 94 6.61 -3.08 -8.44
C ARG A 94 6.06 -3.35 -9.84
N ILE A 95 4.76 -3.14 -10.00
CA ILE A 95 4.11 -3.36 -11.30
C ILE A 95 4.56 -2.32 -12.32
N ARG A 96 4.53 -1.05 -11.91
CA ARG A 96 4.93 0.04 -12.79
C ARG A 96 6.45 0.09 -12.94
N LYS A 97 7.15 -0.65 -12.09
CA LYS A 97 8.61 -0.69 -12.12
C LYS A 97 9.10 -2.00 -12.72
N ASN A 98 8.19 -2.96 -12.87
CA ASN A 98 8.53 -4.26 -13.44
C ASN A 98 9.49 -5.01 -12.52
N GLU A 99 9.27 -4.89 -11.22
CA GLU A 99 10.11 -5.56 -10.24
C GLU A 99 9.51 -6.91 -9.84
N PRO A 100 10.34 -7.78 -9.26
CA PRO A 100 9.92 -9.11 -8.81
C PRO A 100 8.99 -9.05 -7.61
N LEU A 101 8.03 -9.98 -7.54
CA LEU A 101 7.09 -10.04 -6.45
C LEU A 101 7.42 -11.18 -5.49
N PRO A 102 8.12 -10.85 -4.40
CA PRO A 102 8.51 -11.83 -3.39
C PRO A 102 7.31 -12.35 -2.59
N VAL A 103 7.60 -13.08 -1.51
CA VAL A 103 6.55 -13.63 -0.66
C VAL A 103 5.81 -12.53 0.08
N TYR A 104 4.49 -12.63 0.11
CA TYR A 104 3.65 -11.64 0.80
C TYR A 104 3.94 -11.62 2.29
N LYS A 105 4.06 -12.81 2.88
CA LYS A 105 4.34 -12.94 4.30
C LYS A 105 5.74 -12.43 4.64
N ASP A 106 6.72 -12.92 3.89
CA ASP A 106 8.11 -12.52 4.11
C ASP A 106 8.28 -11.02 3.88
N LEU A 107 7.84 -10.55 2.72
CA LEU A 107 7.94 -9.13 2.37
C LEU A 107 7.25 -8.27 3.43
N TRP A 108 6.06 -8.68 3.82
CA TRP A 108 5.29 -7.93 4.82
C TRP A 108 6.07 -7.82 6.12
N ASN A 109 6.61 -8.94 6.59
CA ASN A 109 7.37 -8.97 7.82
C ASN A 109 8.58 -8.04 7.74
N ALA A 110 9.25 -8.07 6.59
CA ALA A 110 10.43 -7.22 6.37
C ALA A 110 10.06 -5.74 6.48
N LEU A 111 9.00 -5.35 5.78
CA LEU A 111 8.55 -3.96 5.79
C LEU A 111 7.97 -3.59 7.16
N ARG A 112 7.46 -4.59 7.87
CA ARG A 112 6.87 -4.37 9.18
C ARG A 112 7.94 -3.99 10.21
N LYS A 113 8.98 -4.82 10.31
CA LYS A 113 10.07 -4.57 11.24
C LYS A 113 11.00 -3.48 10.71
N GLY A 114 11.02 -3.32 9.40
CA GLY A 114 11.88 -2.31 8.79
C GLY A 114 11.65 -0.94 9.37
N GLY A 1 25.40 8.65 0.37
CA GLY A 1 25.60 7.77 -0.77
C GLY A 1 24.34 7.59 -1.59
N SER A 2 24.22 6.43 -2.24
CA SER A 2 23.05 6.13 -3.07
C SER A 2 23.16 4.75 -3.69
N HIS A 3 24.39 4.36 -4.02
CA HIS A 3 24.64 3.05 -4.63
C HIS A 3 24.66 1.96 -3.57
N MET A 4 24.48 2.35 -2.31
CA MET A 4 24.46 1.40 -1.22
C MET A 4 23.47 1.82 -0.14
N ILE A 5 22.57 2.74 -0.50
CA ILE A 5 21.56 3.22 0.44
C ILE A 5 20.24 3.48 -0.27
N ASN A 6 19.37 4.25 0.38
CA ASN A 6 18.07 4.59 -0.19
C ASN A 6 17.32 5.57 0.70
N LEU A 7 16.74 6.60 0.08
CA LEU A 7 15.99 7.61 0.83
C LEU A 7 14.84 6.97 1.60
N GLU A 8 14.37 5.83 1.11
CA GLU A 8 13.27 5.12 1.75
C GLU A 8 13.80 4.05 2.71
N ASP A 9 15.10 4.10 2.99
CA ASP A 9 15.72 3.13 3.88
C ASP A 9 16.72 3.82 4.80
N TYR A 10 16.53 5.11 5.04
CA TYR A 10 17.42 5.88 5.90
C TYR A 10 16.84 7.26 6.17
N TRP A 11 15.51 7.36 6.20
CA TRP A 11 14.85 8.62 6.46
C TRP A 11 14.35 8.70 7.90
N GLU A 12 14.29 7.55 8.56
CA GLU A 12 13.83 7.49 9.94
C GLU A 12 13.85 6.05 10.46
N ASP A 13 14.33 5.87 11.69
CA ASP A 13 14.40 4.55 12.30
C ASP A 13 13.87 4.58 13.72
N GLU A 14 13.16 5.66 14.06
CA GLU A 14 12.60 5.80 15.40
C GLU A 14 11.39 6.75 15.38
N THR A 15 10.61 6.67 14.31
CA THR A 15 9.43 7.52 14.18
C THR A 15 8.22 6.90 14.87
N PRO A 16 7.32 7.76 15.37
CA PRO A 16 6.11 7.32 16.08
C PRO A 16 5.10 6.68 15.14
N GLY A 17 3.98 6.24 15.69
CA GLY A 17 2.95 5.60 14.89
C GLY A 17 1.63 5.48 15.63
N PRO A 18 0.90 6.60 15.75
CA PRO A 18 -0.39 6.64 16.43
C PRO A 18 -1.47 5.90 15.66
N ASP A 19 -2.40 5.30 16.39
CA ASP A 19 -3.50 4.55 15.77
C ASP A 19 -4.80 5.36 15.83
N ARG A 20 -4.67 6.66 16.05
CA ARG A 20 -5.83 7.54 16.13
C ARG A 20 -5.59 8.83 15.34
N GLU A 21 -4.78 9.72 15.90
CA GLU A 21 -4.47 10.98 15.25
C GLU A 21 -3.86 10.75 13.87
N PRO A 22 -4.51 11.33 12.84
CA PRO A 22 -4.04 11.20 11.45
C PRO A 22 -2.75 11.96 11.20
N THR A 23 -2.35 12.06 9.93
CA THR A 23 -1.13 12.76 9.56
C THR A 23 -1.21 13.27 8.13
N ASN A 24 -0.71 14.48 7.91
CA ASN A 24 -0.72 15.09 6.58
C ASN A 24 -0.15 14.13 5.54
N GLU A 25 0.94 13.46 5.89
CA GLU A 25 1.59 12.52 4.99
C GLU A 25 0.72 11.27 4.80
N LEU A 26 0.01 10.89 5.86
CA LEU A 26 -0.86 9.72 5.81
C LEU A 26 -1.95 9.89 4.77
N ARG A 27 -2.70 10.98 4.88
CA ARG A 27 -3.79 11.26 3.94
C ARG A 27 -3.24 11.63 2.57
N ASN A 28 -2.06 12.27 2.57
CA ASN A 28 -1.43 12.69 1.32
C ASN A 28 -0.97 11.48 0.52
N GLU A 29 -0.31 10.54 1.20
CA GLU A 29 0.19 9.34 0.54
C GLU A 29 -0.96 8.43 0.12
N VAL A 30 -1.98 8.36 0.96
CA VAL A 30 -3.15 7.52 0.68
C VAL A 30 -3.97 8.10 -0.46
N GLU A 31 -4.03 9.43 -0.53
CA GLU A 31 -4.79 10.11 -1.57
C GLU A 31 -4.10 9.95 -2.92
N GLU A 32 -2.80 10.23 -2.97
CA GLU A 32 -2.04 10.13 -4.20
C GLU A 32 -1.95 8.67 -4.66
N THR A 33 -1.80 7.77 -3.70
CA THR A 33 -1.70 6.35 -4.01
C THR A 33 -3.02 5.81 -4.55
N ILE A 34 -4.12 6.21 -3.91
CA ILE A 34 -5.44 5.76 -4.33
C ILE A 34 -5.81 6.33 -5.69
N THR A 35 -5.41 7.58 -5.93
CA THR A 35 -5.69 8.24 -7.20
C THR A 35 -4.87 7.64 -8.33
N LEU A 36 -3.62 7.32 -8.04
CA LEU A 36 -2.73 6.73 -9.04
C LEU A 36 -3.04 5.25 -9.25
N MET A 37 -3.42 4.57 -8.17
CA MET A 37 -3.75 3.15 -8.25
C MET A 37 -5.16 2.95 -8.81
N GLU A 38 -6.01 3.97 -8.67
CA GLU A 38 -7.37 3.90 -9.16
C GLU A 38 -7.40 3.54 -10.64
N LEU A 39 -6.30 3.82 -11.33
CA LEU A 39 -6.19 3.52 -12.75
C LEU A 39 -5.51 2.17 -12.99
N LEU A 40 -5.66 1.27 -12.03
CA LEU A 40 -5.07 -0.06 -12.12
C LEU A 40 -5.68 -0.84 -13.29
N LYS A 41 -4.86 -1.66 -13.94
CA LYS A 41 -5.31 -2.45 -15.07
C LYS A 41 -5.38 -3.93 -14.69
N VAL A 42 -5.92 -4.74 -15.59
CA VAL A 42 -6.05 -6.18 -15.36
C VAL A 42 -4.69 -6.81 -15.08
N SER A 43 -3.65 -6.28 -15.73
CA SER A 43 -2.30 -6.80 -15.56
C SER A 43 -1.83 -6.62 -14.12
N GLU A 44 -1.97 -5.40 -13.61
CA GLU A 44 -1.55 -5.10 -12.23
C GLU A 44 -2.42 -5.86 -11.23
N LEU A 45 -3.73 -5.75 -11.37
CA LEU A 45 -4.67 -6.42 -10.49
C LEU A 45 -4.34 -7.91 -10.38
N LYS A 46 -4.08 -8.53 -11.52
CA LYS A 46 -3.76 -9.95 -11.56
C LYS A 46 -2.44 -10.23 -10.82
N ASP A 47 -1.42 -9.45 -11.13
CA ASP A 47 -0.11 -9.60 -10.50
C ASP A 47 -0.24 -9.55 -8.98
N ILE A 48 -0.95 -8.55 -8.49
CA ILE A 48 -1.15 -8.38 -7.05
C ILE A 48 -1.88 -9.57 -6.45
N CYS A 49 -3.02 -9.91 -7.05
CA CYS A 49 -3.82 -11.03 -6.57
C CYS A 49 -2.98 -12.31 -6.49
N ARG A 50 -2.05 -12.46 -7.43
CA ARG A 50 -1.17 -13.62 -7.46
C ARG A 50 -0.12 -13.55 -6.37
N SER A 51 0.61 -12.43 -6.34
CA SER A 51 1.66 -12.24 -5.35
C SER A 51 1.11 -12.37 -3.94
N VAL A 52 0.02 -11.67 -3.66
CA VAL A 52 -0.61 -11.72 -2.35
C VAL A 52 -1.36 -13.03 -2.14
N SER A 53 -1.44 -13.83 -3.20
CA SER A 53 -2.13 -15.11 -3.14
C SER A 53 -3.62 -14.92 -2.88
N PHE A 54 -4.09 -13.69 -3.09
CA PHE A 54 -5.50 -13.36 -2.88
C PHE A 54 -6.37 -14.04 -3.94
N PRO A 55 -7.67 -14.17 -3.63
CA PRO A 55 -8.64 -14.80 -4.54
C PRO A 55 -8.91 -13.94 -5.78
N VAL A 56 -8.41 -14.38 -6.92
CA VAL A 56 -8.60 -13.66 -8.16
C VAL A 56 -9.80 -14.20 -8.94
N SER A 57 -10.72 -14.82 -8.22
CA SER A 57 -11.91 -15.39 -8.84
C SER A 57 -12.92 -14.30 -9.19
N GLY A 58 -12.67 -13.09 -8.69
CA GLY A 58 -13.56 -11.98 -8.96
C GLY A 58 -13.23 -11.28 -10.26
N ARG A 59 -13.21 -9.95 -10.22
CA ARG A 59 -12.91 -9.16 -11.42
C ARG A 59 -12.06 -7.94 -11.06
N LYS A 60 -11.64 -7.20 -12.08
CA LYS A 60 -10.82 -6.01 -11.88
C LYS A 60 -11.46 -5.07 -10.86
N ALA A 61 -12.79 -4.98 -10.90
CA ALA A 61 -13.52 -4.13 -9.98
C ALA A 61 -13.39 -4.63 -8.54
N VAL A 62 -13.48 -5.94 -8.37
CA VAL A 62 -13.36 -6.55 -7.04
C VAL A 62 -11.97 -6.31 -6.45
N LEU A 63 -10.94 -6.57 -7.25
CA LEU A 63 -9.57 -6.39 -6.80
C LEU A 63 -9.30 -4.93 -6.44
N GLN A 64 -9.57 -4.04 -7.37
CA GLN A 64 -9.37 -2.61 -7.14
C GLN A 64 -10.20 -2.12 -5.96
N ASP A 65 -11.36 -2.71 -5.77
CA ASP A 65 -12.25 -2.35 -4.68
C ASP A 65 -11.66 -2.77 -3.33
N LEU A 66 -11.06 -3.95 -3.31
CA LEU A 66 -10.45 -4.47 -2.09
C LEU A 66 -9.26 -3.62 -1.67
N ILE A 67 -8.35 -3.37 -2.61
CA ILE A 67 -7.16 -2.57 -2.34
C ILE A 67 -7.54 -1.14 -1.96
N ARG A 68 -8.44 -0.54 -2.74
CA ARG A 68 -8.89 0.82 -2.48
C ARG A 68 -9.49 0.94 -1.09
N ASN A 69 -10.38 0.03 -0.74
CA ASN A 69 -11.02 0.04 0.57
C ASN A 69 -10.00 -0.20 1.68
N PHE A 70 -9.01 -1.04 1.39
CA PHE A 70 -7.97 -1.35 2.37
C PHE A 70 -7.18 -0.10 2.74
N LEU A 71 -6.74 0.63 1.73
CA LEU A 71 -5.97 1.86 1.95
C LEU A 71 -6.85 2.96 2.54
N GLN A 72 -8.10 3.01 2.08
CA GLN A 72 -9.05 4.00 2.57
C GLN A 72 -9.41 3.75 4.02
N ASN A 73 -9.53 2.47 4.38
CA ASN A 73 -9.88 2.09 5.75
C ASN A 73 -8.65 2.01 6.63
N ALA A 74 -7.48 1.92 5.99
CA ALA A 74 -6.22 1.85 6.72
C ALA A 74 -6.03 3.05 7.63
N LEU A 75 -6.77 4.12 7.34
CA LEU A 75 -6.67 5.34 8.13
C LEU A 75 -7.90 5.49 9.04
N VAL A 76 -8.30 4.40 9.67
CA VAL A 76 -9.46 4.40 10.56
C VAL A 76 -9.05 4.69 12.00
N VAL A 77 -9.70 5.67 12.61
CA VAL A 77 -9.40 6.04 13.99
C VAL A 77 -9.52 4.84 14.93
N GLY A 78 -8.62 4.77 15.91
CA GLY A 78 -8.64 3.67 16.85
C GLY A 78 -8.63 2.31 16.16
N LYS A 79 -8.04 2.27 14.97
CA LYS A 79 -7.97 1.03 14.21
C LYS A 79 -7.11 1.20 12.96
N SER A 80 -6.11 2.06 13.06
CA SER A 80 -5.21 2.32 11.94
C SER A 80 -4.68 1.02 11.35
N ASP A 81 -4.06 1.11 10.18
CA ASP A 81 -3.51 -0.06 9.50
C ASP A 81 -2.59 0.35 8.35
N PRO A 82 -1.37 0.79 8.71
CA PRO A 82 -0.38 1.22 7.73
C PRO A 82 0.17 0.06 6.90
N TYR A 83 0.07 -1.14 7.46
CA TYR A 83 0.56 -2.34 6.77
C TYR A 83 -0.01 -2.43 5.36
N ARG A 84 -1.31 -2.20 5.23
CA ARG A 84 -1.98 -2.25 3.94
C ARG A 84 -1.45 -1.16 3.01
N VAL A 85 -1.13 -0.01 3.59
CA VAL A 85 -0.61 1.11 2.82
C VAL A 85 0.73 0.77 2.17
N GLN A 86 1.68 0.35 3.00
CA GLN A 86 3.01 -0.01 2.51
C GLN A 86 2.93 -1.17 1.53
N ALA A 87 2.08 -2.15 1.82
CA ALA A 87 1.91 -3.31 0.96
C ALA A 87 1.38 -2.89 -0.41
N VAL A 88 0.31 -2.10 -0.43
CA VAL A 88 -0.27 -1.64 -1.68
C VAL A 88 0.71 -0.78 -2.46
N LYS A 89 1.31 0.19 -1.78
CA LYS A 89 2.28 1.08 -2.41
C LYS A 89 3.38 0.30 -3.11
N PHE A 90 3.94 -0.68 -2.40
CA PHE A 90 5.00 -1.51 -2.94
C PHE A 90 4.52 -2.27 -4.17
N LEU A 91 3.35 -2.89 -4.06
CA LEU A 91 2.78 -3.65 -5.16
C LEU A 91 2.61 -2.78 -6.40
N ILE A 92 1.99 -1.62 -6.23
CA ILE A 92 1.78 -0.69 -7.33
C ILE A 92 3.10 -0.33 -8.01
N GLU A 93 4.07 0.10 -7.20
CA GLU A 93 5.38 0.48 -7.73
C GLU A 93 6.04 -0.69 -8.44
N ARG A 94 6.04 -1.86 -7.79
CA ARG A 94 6.64 -3.05 -8.37
C ARG A 94 6.13 -3.29 -9.78
N ILE A 95 4.81 -3.31 -9.93
CA ILE A 95 4.20 -3.54 -11.23
C ILE A 95 4.42 -2.35 -12.16
N ARG A 96 4.57 -1.17 -11.57
CA ARG A 96 4.80 0.05 -12.33
C ARG A 96 6.22 0.09 -12.91
N LYS A 97 7.12 -0.68 -12.28
CA LYS A 97 8.50 -0.74 -12.72
C LYS A 97 8.82 -2.09 -13.34
N ASN A 98 7.89 -3.04 -13.20
CA ASN A 98 8.07 -4.38 -13.75
C ASN A 98 9.24 -5.09 -13.09
N GLU A 99 8.99 -5.72 -11.95
CA GLU A 99 10.02 -6.42 -11.21
C GLU A 99 9.42 -7.62 -10.45
N PRO A 100 10.29 -8.57 -10.08
CA PRO A 100 9.88 -9.77 -9.35
C PRO A 100 9.46 -9.46 -7.91
N LEU A 101 8.15 -9.52 -7.66
CA LEU A 101 7.63 -9.24 -6.33
C LEU A 101 7.98 -10.37 -5.36
N PRO A 102 8.41 -9.98 -4.15
CA PRO A 102 8.79 -10.94 -3.10
C PRO A 102 7.59 -11.70 -2.55
N VAL A 103 7.81 -12.45 -1.47
CA VAL A 103 6.73 -13.22 -0.85
C VAL A 103 5.80 -12.32 -0.05
N TYR A 104 4.51 -12.65 -0.08
CA TYR A 104 3.51 -11.86 0.63
C TYR A 104 3.80 -11.85 2.12
N LYS A 105 4.12 -13.02 2.67
CA LYS A 105 4.42 -13.15 4.09
C LYS A 105 5.75 -12.48 4.44
N ASP A 106 6.79 -12.81 3.68
CA ASP A 106 8.11 -12.23 3.90
C ASP A 106 8.07 -10.71 3.79
N LEU A 107 7.52 -10.21 2.69
CA LEU A 107 7.42 -8.78 2.46
C LEU A 107 6.60 -8.11 3.56
N TRP A 108 5.40 -8.63 3.79
CA TRP A 108 4.51 -8.09 4.81
C TRP A 108 5.24 -7.97 6.15
N ASN A 109 5.97 -9.03 6.51
CA ASN A 109 6.71 -9.04 7.77
C ASN A 109 7.87 -8.06 7.73
N ALA A 110 8.60 -8.05 6.62
CA ALA A 110 9.74 -7.16 6.46
C ALA A 110 9.30 -5.70 6.60
N LEU A 111 8.24 -5.32 5.89
CA LEU A 111 7.73 -3.96 5.94
C LEU A 111 7.08 -3.67 7.29
N ARG A 112 6.47 -4.70 7.87
CA ARG A 112 5.80 -4.55 9.16
C ARG A 112 6.79 -4.11 10.24
N LYS A 113 7.88 -4.85 10.37
CA LYS A 113 8.90 -4.54 11.36
C LYS A 113 9.83 -3.44 10.86
N GLY A 114 9.91 -3.30 9.54
CA GLY A 114 10.76 -2.28 8.96
C GLY A 114 10.08 -0.93 8.85
N GLY A 1 8.39 13.15 -7.56
CA GLY A 1 9.79 13.00 -7.20
C GLY A 1 9.98 12.11 -5.98
N SER A 2 8.96 11.30 -5.66
CA SER A 2 9.03 10.41 -4.52
C SER A 2 8.98 8.95 -4.96
N HIS A 3 8.43 8.72 -6.15
CA HIS A 3 8.32 7.37 -6.69
C HIS A 3 9.54 7.02 -7.55
N MET A 4 10.59 7.83 -7.42
CA MET A 4 11.81 7.61 -8.19
C MET A 4 13.04 7.72 -7.30
N ILE A 5 12.85 7.52 -6.00
CA ILE A 5 13.94 7.60 -5.03
C ILE A 5 14.47 9.04 -4.92
N ASN A 6 14.55 9.53 -3.69
CA ASN A 6 15.03 10.88 -3.44
C ASN A 6 15.37 11.08 -1.97
N LEU A 7 16.45 11.82 -1.72
CA LEU A 7 16.88 12.08 -0.35
C LEU A 7 15.80 12.79 0.45
N GLU A 8 14.85 13.39 -0.26
CA GLU A 8 13.75 14.10 0.39
C GLU A 8 12.47 13.26 0.34
N ASP A 9 12.59 12.04 -0.14
CA ASP A 9 11.44 11.14 -0.24
C ASP A 9 11.84 9.71 0.08
N TYR A 10 12.97 9.55 0.77
CA TYR A 10 13.47 8.23 1.12
C TYR A 10 14.40 8.31 2.34
N TRP A 11 14.24 9.37 3.12
CA TRP A 11 15.06 9.56 4.32
C TRP A 11 14.36 9.01 5.56
N GLU A 12 13.08 8.70 5.41
CA GLU A 12 12.30 8.17 6.53
C GLU A 12 12.28 9.15 7.70
N ASP A 13 11.22 9.92 7.79
CA ASP A 13 11.08 10.91 8.86
C ASP A 13 9.61 11.06 9.27
N GLU A 14 8.79 10.09 8.88
CA GLU A 14 7.36 10.11 9.20
C GLU A 14 7.01 8.98 10.16
N THR A 15 7.92 8.67 11.07
CA THR A 15 7.70 7.61 12.04
C THR A 15 6.34 7.75 12.73
N PRO A 16 5.73 6.61 13.07
CA PRO A 16 4.42 6.58 13.73
C PRO A 16 4.49 7.09 15.16
N GLY A 17 3.32 7.33 15.75
CA GLY A 17 3.27 7.83 17.12
C GLY A 17 1.89 7.65 17.74
N PRO A 18 0.92 8.45 17.27
CA PRO A 18 -0.45 8.39 17.78
C PRO A 18 -1.17 7.10 17.38
N ASP A 19 -2.05 6.63 18.25
CA ASP A 19 -2.81 5.41 17.99
C ASP A 19 -4.18 5.73 17.40
N ARG A 20 -4.36 6.98 16.97
CA ARG A 20 -5.62 7.41 16.40
C ARG A 20 -5.44 8.71 15.61
N GLU A 21 -4.63 9.61 16.15
CA GLU A 21 -4.38 10.89 15.51
C GLU A 21 -3.81 10.69 14.10
N PRO A 22 -4.50 11.25 13.10
CA PRO A 22 -4.09 11.15 11.70
C PRO A 22 -2.81 11.94 11.41
N THR A 23 -2.47 12.06 10.13
CA THR A 23 -1.28 12.79 9.72
C THR A 23 -1.44 13.34 8.30
N ASN A 24 -0.99 14.57 8.09
CA ASN A 24 -1.07 15.20 6.78
C ASN A 24 -0.51 14.28 5.69
N GLU A 25 0.63 13.66 5.98
CA GLU A 25 1.27 12.77 5.03
C GLU A 25 0.45 11.49 4.85
N LEU A 26 -0.16 11.04 5.94
CA LEU A 26 -0.97 9.83 5.91
C LEU A 26 -2.12 9.97 4.92
N ARG A 27 -2.94 11.01 5.11
CA ARG A 27 -4.07 11.26 4.24
C ARG A 27 -3.61 11.66 2.84
N ASN A 28 -2.51 12.39 2.78
CA ASN A 28 -1.96 12.84 1.51
C ASN A 28 -1.49 11.65 0.66
N GLU A 29 -0.86 10.69 1.31
CA GLU A 29 -0.36 9.50 0.62
C GLU A 29 -1.52 8.59 0.22
N VAL A 30 -2.57 8.57 1.05
CA VAL A 30 -3.73 7.74 0.78
C VAL A 30 -4.46 8.22 -0.47
N GLU A 31 -4.85 9.49 -0.48
CA GLU A 31 -5.56 10.07 -1.61
C GLU A 31 -4.70 10.01 -2.88
N GLU A 32 -3.42 10.31 -2.72
CA GLU A 32 -2.50 10.30 -3.86
C GLU A 32 -2.31 8.88 -4.39
N THR A 33 -2.04 7.93 -3.49
CA THR A 33 -1.84 6.54 -3.87
C THR A 33 -3.12 5.95 -4.46
N ILE A 34 -4.26 6.27 -3.86
CA ILE A 34 -5.54 5.78 -4.34
C ILE A 34 -5.88 6.34 -5.71
N THR A 35 -5.52 7.61 -5.93
CA THR A 35 -5.79 8.27 -7.20
C THR A 35 -4.96 7.66 -8.32
N LEU A 36 -3.68 7.42 -8.05
CA LEU A 36 -2.79 6.83 -9.04
C LEU A 36 -3.08 5.35 -9.23
N MET A 37 -3.34 4.66 -8.13
CA MET A 37 -3.65 3.23 -8.17
C MET A 37 -5.05 2.99 -8.73
N GLU A 38 -5.89 4.01 -8.66
CA GLU A 38 -7.26 3.92 -9.16
C GLU A 38 -7.27 3.52 -10.63
N LEU A 39 -6.15 3.75 -11.31
CA LEU A 39 -6.04 3.41 -12.73
C LEU A 39 -5.53 1.99 -12.91
N LEU A 40 -5.57 1.20 -11.84
CA LEU A 40 -5.12 -0.18 -11.88
C LEU A 40 -5.77 -0.93 -13.03
N LYS A 41 -4.97 -1.71 -13.76
CA LYS A 41 -5.46 -2.48 -14.89
C LYS A 41 -5.40 -3.97 -14.59
N VAL A 42 -5.93 -4.77 -15.51
CA VAL A 42 -5.93 -6.23 -15.35
C VAL A 42 -4.54 -6.74 -14.98
N SER A 43 -3.52 -6.14 -15.59
CA SER A 43 -2.14 -6.54 -15.33
C SER A 43 -1.74 -6.22 -13.89
N GLU A 44 -1.99 -4.98 -13.48
CA GLU A 44 -1.66 -4.55 -12.13
C GLU A 44 -2.43 -5.35 -11.09
N LEU A 45 -3.75 -5.43 -11.26
CA LEU A 45 -4.60 -6.16 -10.34
C LEU A 45 -4.11 -7.60 -10.16
N LYS A 46 -3.93 -8.30 -11.29
CA LYS A 46 -3.45 -9.67 -11.26
C LYS A 46 -2.12 -9.78 -10.52
N ASP A 47 -1.21 -8.88 -10.84
CA ASP A 47 0.10 -8.87 -10.21
C ASP A 47 -0.03 -8.81 -8.69
N ILE A 48 -0.83 -7.88 -8.20
CA ILE A 48 -1.04 -7.73 -6.77
C ILE A 48 -1.72 -8.96 -6.18
N CYS A 49 -2.84 -9.35 -6.77
CA CYS A 49 -3.58 -10.52 -6.31
C CYS A 49 -2.67 -11.73 -6.18
N ARG A 50 -1.68 -11.82 -7.05
CA ARG A 50 -0.73 -12.93 -7.04
C ARG A 50 0.25 -12.79 -5.88
N SER A 51 0.91 -11.63 -5.81
CA SER A 51 1.88 -11.38 -4.76
C SER A 51 1.26 -11.58 -3.38
N VAL A 52 -0.04 -11.34 -3.29
CA VAL A 52 -0.76 -11.49 -2.03
C VAL A 52 -1.49 -12.83 -1.97
N SER A 53 -1.53 -13.53 -3.10
CA SER A 53 -2.19 -14.82 -3.18
C SER A 53 -3.70 -14.67 -3.00
N PHE A 54 -4.18 -13.43 -3.08
CA PHE A 54 -5.60 -13.15 -2.92
C PHE A 54 -6.42 -13.80 -4.03
N PRO A 55 -7.72 -13.96 -3.79
CA PRO A 55 -8.64 -14.57 -4.76
C PRO A 55 -8.87 -13.70 -5.98
N VAL A 56 -8.23 -14.05 -7.09
CA VAL A 56 -8.36 -13.28 -8.32
C VAL A 56 -9.44 -13.89 -9.22
N SER A 57 -10.38 -14.60 -8.61
CA SER A 57 -11.47 -15.23 -9.36
C SER A 57 -12.56 -14.21 -9.67
N GLY A 58 -12.53 -13.08 -8.99
CA GLY A 58 -13.53 -12.05 -9.21
C GLY A 58 -13.26 -11.26 -10.48
N ARG A 59 -13.31 -9.93 -10.37
CA ARG A 59 -13.08 -9.06 -11.52
C ARG A 59 -12.22 -7.87 -11.13
N LYS A 60 -11.88 -7.04 -12.11
CA LYS A 60 -11.05 -5.87 -11.87
C LYS A 60 -11.70 -4.95 -10.85
N ALA A 61 -13.02 -4.79 -10.94
CA ALA A 61 -13.76 -3.94 -10.03
C ALA A 61 -13.64 -4.45 -8.59
N VAL A 62 -13.73 -5.77 -8.42
CA VAL A 62 -13.63 -6.38 -7.10
C VAL A 62 -12.23 -6.19 -6.51
N LEU A 63 -11.21 -6.41 -7.35
CA LEU A 63 -9.83 -6.26 -6.90
C LEU A 63 -9.53 -4.81 -6.53
N GLN A 64 -9.80 -3.89 -7.45
CA GLN A 64 -9.55 -2.47 -7.21
C GLN A 64 -10.37 -1.98 -6.02
N ASP A 65 -11.55 -2.55 -5.84
CA ASP A 65 -12.43 -2.16 -4.74
C ASP A 65 -11.86 -2.64 -3.41
N LEU A 66 -11.30 -3.84 -3.40
CA LEU A 66 -10.72 -4.41 -2.18
C LEU A 66 -9.49 -3.61 -1.74
N ILE A 67 -8.60 -3.34 -2.69
CA ILE A 67 -7.39 -2.58 -2.41
C ILE A 67 -7.71 -1.16 -1.97
N ARG A 68 -8.52 -0.48 -2.78
CA ARG A 68 -8.91 0.89 -2.48
C ARG A 68 -9.54 1.00 -1.10
N ASN A 69 -10.50 0.11 -0.82
CA ASN A 69 -11.18 0.10 0.47
C ASN A 69 -10.20 -0.17 1.60
N PHE A 70 -9.27 -1.09 1.36
CA PHE A 70 -8.26 -1.44 2.36
C PHE A 70 -7.46 -0.22 2.78
N LEU A 71 -6.97 0.52 1.79
CA LEU A 71 -6.18 1.73 2.06
C LEU A 71 -7.02 2.78 2.78
N GLN A 72 -8.21 3.05 2.25
CA GLN A 72 -9.11 4.03 2.84
C GLN A 72 -9.51 3.62 4.27
N ASN A 73 -9.55 2.31 4.50
CA ASN A 73 -9.92 1.79 5.81
C ASN A 73 -8.74 1.86 6.78
N ALA A 74 -7.54 1.79 6.23
CA ALA A 74 -6.33 1.86 7.04
C ALA A 74 -6.31 3.10 7.91
N LEU A 75 -7.08 4.12 7.52
CA LEU A 75 -7.15 5.37 8.26
C LEU A 75 -8.38 5.38 9.17
N VAL A 76 -8.64 4.26 9.82
CA VAL A 76 -9.78 4.15 10.73
C VAL A 76 -9.42 4.65 12.12
N VAL A 77 -10.31 5.45 12.70
CA VAL A 77 -10.10 5.99 14.04
C VAL A 77 -9.88 4.88 15.05
N GLY A 78 -8.68 4.85 15.63
CA GLY A 78 -8.37 3.83 16.63
C GLY A 78 -8.13 2.47 16.00
N LYS A 79 -7.44 2.45 14.86
CA LYS A 79 -7.15 1.20 14.16
C LYS A 79 -6.20 1.45 13.00
N SER A 80 -5.29 2.40 13.16
CA SER A 80 -4.33 2.73 12.12
C SER A 80 -3.63 1.48 11.59
N ASP A 81 -4.03 1.05 10.41
CA ASP A 81 -3.45 -0.14 9.80
C ASP A 81 -2.73 0.22 8.49
N PRO A 82 -1.52 0.78 8.62
CA PRO A 82 -0.71 1.18 7.48
C PRO A 82 -0.16 -0.02 6.71
N TYR A 83 -0.34 -1.20 7.27
CA TYR A 83 0.14 -2.42 6.65
C TYR A 83 -0.34 -2.52 5.20
N ARG A 84 -1.64 -2.32 5.01
CA ARG A 84 -2.24 -2.39 3.68
C ARG A 84 -1.63 -1.32 2.76
N VAL A 85 -1.28 -0.17 3.34
CA VAL A 85 -0.70 0.92 2.58
C VAL A 85 0.66 0.53 2.02
N GLN A 86 1.59 0.19 2.91
CA GLN A 86 2.93 -0.21 2.50
C GLN A 86 2.88 -1.36 1.50
N ALA A 87 2.01 -2.33 1.77
CA ALA A 87 1.87 -3.49 0.90
C ALA A 87 1.46 -3.06 -0.51
N VAL A 88 0.42 -2.24 -0.59
CA VAL A 88 -0.08 -1.77 -1.88
C VAL A 88 1.00 -0.98 -2.62
N LYS A 89 1.59 -0.02 -1.93
CA LYS A 89 2.64 0.81 -2.52
C LYS A 89 3.73 -0.06 -3.15
N PHE A 90 4.23 -1.03 -2.39
CA PHE A 90 5.27 -1.93 -2.88
C PHE A 90 4.82 -2.65 -4.15
N LEU A 91 3.65 -3.28 -4.07
CA LEU A 91 3.09 -4.01 -5.20
C LEU A 91 3.03 -3.13 -6.45
N ILE A 92 2.46 -1.93 -6.29
CA ILE A 92 2.34 -0.99 -7.40
C ILE A 92 3.70 -0.70 -8.02
N GLU A 93 4.70 -0.49 -7.16
CA GLU A 93 6.05 -0.20 -7.63
C GLU A 93 6.57 -1.33 -8.51
N ARG A 94 6.55 -2.55 -7.98
CA ARG A 94 7.03 -3.71 -8.71
C ARG A 94 6.32 -3.83 -10.07
N ILE A 95 5.02 -3.56 -10.08
CA ILE A 95 4.24 -3.62 -11.31
C ILE A 95 4.74 -2.62 -12.34
N ARG A 96 4.88 -1.35 -11.91
CA ARG A 96 5.35 -0.30 -12.80
C ARG A 96 6.84 -0.46 -13.09
N LYS A 97 7.49 -1.33 -12.33
CA LYS A 97 8.92 -1.58 -12.51
C LYS A 97 9.15 -2.83 -13.35
N ASN A 98 8.12 -3.66 -13.47
CA ASN A 98 8.22 -4.90 -14.24
C ASN A 98 9.25 -5.84 -13.62
N GLU A 99 8.96 -6.29 -12.40
CA GLU A 99 9.85 -7.22 -11.70
C GLU A 99 9.07 -8.15 -10.79
N PRO A 100 9.65 -9.32 -10.49
CA PRO A 100 9.03 -10.32 -9.63
C PRO A 100 8.96 -9.89 -8.18
N LEU A 101 7.78 -9.97 -7.59
CA LEU A 101 7.58 -9.58 -6.19
C LEU A 101 8.03 -10.69 -5.25
N PRO A 102 8.49 -10.30 -4.06
CA PRO A 102 8.96 -11.24 -3.04
C PRO A 102 7.81 -12.05 -2.43
N VAL A 103 8.10 -12.76 -1.35
CA VAL A 103 7.10 -13.58 -0.67
C VAL A 103 6.12 -12.70 0.10
N TYR A 104 4.86 -13.12 0.11
CA TYR A 104 3.82 -12.38 0.83
C TYR A 104 4.14 -12.27 2.31
N LYS A 105 4.57 -13.39 2.90
CA LYS A 105 4.91 -13.42 4.32
C LYS A 105 6.19 -12.63 4.58
N ASP A 106 7.23 -12.90 3.79
CA ASP A 106 8.50 -12.21 3.94
C ASP A 106 8.33 -10.71 3.80
N LEU A 107 7.70 -10.29 2.70
CA LEU A 107 7.48 -8.88 2.44
C LEU A 107 6.64 -8.25 3.54
N TRP A 108 5.48 -8.85 3.80
CA TRP A 108 4.58 -8.34 4.83
C TRP A 108 5.33 -8.13 6.15
N ASN A 109 6.15 -9.12 6.52
CA ASN A 109 6.92 -9.04 7.76
C ASN A 109 8.00 -7.96 7.66
N ALA A 110 8.69 -7.92 6.53
CA ALA A 110 9.74 -6.94 6.32
C ALA A 110 9.20 -5.52 6.44
N LEU A 111 8.09 -5.25 5.74
CA LEU A 111 7.47 -3.94 5.77
C LEU A 111 6.82 -3.66 7.12
N ARG A 112 6.31 -4.71 7.75
CA ARG A 112 5.67 -4.59 9.05
C ARG A 112 6.64 -4.04 10.09
N LYS A 113 7.80 -4.68 10.20
CA LYS A 113 8.82 -4.25 11.15
C LYS A 113 9.64 -3.09 10.60
N GLY A 114 9.65 -2.97 9.27
CA GLY A 114 10.40 -1.90 8.64
C GLY A 114 9.76 -1.43 7.35
N GLY A 1 22.74 0.92 -3.99
CA GLY A 1 22.36 1.71 -2.84
C GLY A 1 23.42 1.70 -1.76
N SER A 2 24.31 2.69 -1.79
CA SER A 2 25.38 2.78 -0.81
C SER A 2 26.24 4.01 -1.06
N HIS A 3 26.42 4.35 -2.34
CA HIS A 3 27.23 5.50 -2.72
C HIS A 3 26.43 6.79 -2.56
N MET A 4 25.18 6.67 -2.13
CA MET A 4 24.33 7.83 -1.93
C MET A 4 23.46 7.66 -0.68
N ILE A 5 23.81 6.67 0.14
CA ILE A 5 23.07 6.41 1.37
C ILE A 5 24.01 5.97 2.49
N ASN A 6 23.45 5.36 3.52
CA ASN A 6 24.23 4.89 4.66
C ASN A 6 23.35 4.13 5.65
N LEU A 7 23.87 3.00 6.13
CA LEU A 7 23.14 2.17 7.08
C LEU A 7 22.93 2.91 8.40
N GLU A 8 23.90 3.72 8.78
CA GLU A 8 23.82 4.48 10.02
C GLU A 8 22.97 5.74 9.83
N ASP A 9 22.53 5.97 8.60
CA ASP A 9 21.71 7.13 8.28
C ASP A 9 20.35 6.71 7.75
N TYR A 10 19.91 5.52 8.15
CA TYR A 10 18.61 4.99 7.71
C TYR A 10 18.26 3.71 8.47
N TRP A 11 18.72 3.63 9.71
CA TRP A 11 18.45 2.46 10.54
C TRP A 11 17.29 2.71 11.49
N GLU A 12 16.93 3.98 11.64
CA GLU A 12 15.84 4.36 12.53
C GLU A 12 16.10 3.92 13.96
N ASP A 13 16.59 4.84 14.78
CA ASP A 13 16.89 4.54 16.17
C ASP A 13 16.44 5.69 17.08
N GLU A 14 15.58 6.56 16.56
CA GLU A 14 15.08 7.69 17.32
C GLU A 14 13.76 8.19 16.75
N THR A 15 12.92 7.26 16.32
CA THR A 15 11.62 7.59 15.75
C THR A 15 10.49 7.14 16.67
N PRO A 16 9.39 7.91 16.68
CA PRO A 16 8.22 7.62 17.50
C PRO A 16 7.47 6.37 17.03
N GLY A 17 6.34 6.10 17.66
CA GLY A 17 5.55 4.94 17.29
C GLY A 17 4.08 5.28 17.08
N PRO A 18 3.78 5.90 15.93
CA PRO A 18 2.41 6.30 15.60
C PRO A 18 1.51 5.10 15.29
N ASP A 19 0.23 5.22 15.63
CA ASP A 19 -0.72 4.14 15.39
C ASP A 19 -2.15 4.69 15.29
N ARG A 20 -2.25 5.98 14.97
CA ARG A 20 -3.55 6.63 14.84
C ARG A 20 -3.40 8.08 14.42
N GLU A 21 -2.34 8.72 14.92
CA GLU A 21 -2.08 10.12 14.61
C GLU A 21 -1.94 10.32 13.10
N PRO A 22 -2.78 11.21 12.54
CA PRO A 22 -2.77 11.51 11.10
C PRO A 22 -1.53 12.28 10.68
N THR A 23 -1.18 12.17 9.41
CA THR A 23 0.00 12.85 8.87
C THR A 23 -0.25 13.34 7.45
N ASN A 24 0.21 14.55 7.15
CA ASN A 24 0.04 15.14 5.83
C ASN A 24 0.50 14.17 4.74
N GLU A 25 1.65 13.54 4.96
CA GLU A 25 2.20 12.59 4.01
C GLU A 25 1.33 11.34 3.93
N LEU A 26 0.70 10.99 5.04
CA LEU A 26 -0.15 9.81 5.10
C LEU A 26 -1.37 9.99 4.20
N ARG A 27 -2.10 11.07 4.39
CA ARG A 27 -3.29 11.36 3.59
C ARG A 27 -2.91 11.70 2.16
N ASN A 28 -1.75 12.31 1.98
CA ASN A 28 -1.27 12.69 0.66
C ASN A 28 -0.86 11.46 -0.14
N GLU A 29 -0.05 10.60 0.47
CA GLU A 29 0.42 9.39 -0.19
C GLU A 29 -0.75 8.45 -0.49
N VAL A 30 -1.67 8.34 0.46
CA VAL A 30 -2.84 7.47 0.30
C VAL A 30 -3.77 8.02 -0.78
N GLU A 31 -4.00 9.32 -0.76
CA GLU A 31 -4.87 9.96 -1.74
C GLU A 31 -4.36 9.72 -3.16
N GLU A 32 -3.08 9.99 -3.38
CA GLU A 32 -2.47 9.82 -4.69
C GLU A 32 -2.49 8.34 -5.10
N THR A 33 -2.06 7.47 -4.19
CA THR A 33 -2.04 6.04 -4.46
C THR A 33 -3.40 5.55 -4.90
N ILE A 34 -4.44 5.88 -4.14
CA ILE A 34 -5.79 5.46 -4.45
C ILE A 34 -6.24 6.03 -5.79
N THR A 35 -5.89 7.28 -6.06
CA THR A 35 -6.25 7.94 -7.30
C THR A 35 -5.66 7.22 -8.50
N LEU A 36 -4.42 6.76 -8.35
CA LEU A 36 -3.72 6.05 -9.42
C LEU A 36 -4.16 4.59 -9.47
N MET A 37 -4.58 4.06 -8.34
CA MET A 37 -5.03 2.68 -8.25
C MET A 37 -6.36 2.49 -8.96
N GLU A 38 -7.25 3.46 -8.82
CA GLU A 38 -8.56 3.41 -9.45
C GLU A 38 -8.44 3.09 -10.94
N LEU A 39 -7.31 3.49 -11.52
CA LEU A 39 -7.07 3.25 -12.95
C LEU A 39 -6.25 1.98 -13.15
N LEU A 40 -6.50 0.98 -12.31
CA LEU A 40 -5.79 -0.28 -12.39
C LEU A 40 -6.21 -1.06 -13.64
N LYS A 41 -5.39 -2.03 -14.03
CA LYS A 41 -5.67 -2.85 -15.20
C LYS A 41 -5.53 -4.33 -14.88
N VAL A 42 -5.78 -5.17 -15.89
CA VAL A 42 -5.68 -6.61 -15.71
C VAL A 42 -4.26 -7.03 -15.32
N SER A 43 -3.28 -6.29 -15.83
CA SER A 43 -1.88 -6.58 -15.54
C SER A 43 -1.55 -6.29 -14.07
N GLU A 44 -1.93 -5.11 -13.62
CA GLU A 44 -1.68 -4.71 -12.24
C GLU A 44 -2.52 -5.53 -11.27
N LEU A 45 -3.79 -5.70 -11.61
CA LEU A 45 -4.72 -6.46 -10.78
C LEU A 45 -4.21 -7.88 -10.58
N LYS A 46 -3.87 -8.55 -11.68
CA LYS A 46 -3.37 -9.92 -11.63
C LYS A 46 -2.05 -9.99 -10.85
N ASP A 47 -1.15 -9.04 -11.13
CA ASP A 47 0.14 -8.99 -10.46
C ASP A 47 -0.03 -8.99 -8.94
N ILE A 48 -0.88 -8.09 -8.45
CA ILE A 48 -1.14 -7.97 -7.03
C ILE A 48 -1.76 -9.26 -6.48
N CYS A 49 -2.85 -9.69 -7.11
CA CYS A 49 -3.55 -10.90 -6.69
C CYS A 49 -2.58 -12.09 -6.62
N ARG A 50 -1.56 -12.07 -7.47
CA ARG A 50 -0.57 -13.13 -7.51
C ARG A 50 0.38 -13.04 -6.33
N SER A 51 0.95 -11.85 -6.12
CA SER A 51 1.88 -11.63 -5.03
C SER A 51 1.22 -11.94 -3.68
N VAL A 52 0.05 -11.36 -3.46
CA VAL A 52 -0.69 -11.58 -2.22
C VAL A 52 -1.29 -12.98 -2.17
N SER A 53 -1.20 -13.69 -3.29
CA SER A 53 -1.75 -15.04 -3.38
C SER A 53 -3.27 -15.03 -3.23
N PHE A 54 -3.87 -13.87 -3.48
CA PHE A 54 -5.32 -13.72 -3.38
C PHE A 54 -6.00 -14.28 -4.62
N PRO A 55 -7.30 -14.58 -4.49
CA PRO A 55 -8.11 -15.13 -5.58
C PRO A 55 -8.36 -14.11 -6.68
N VAL A 56 -7.83 -14.36 -7.87
CA VAL A 56 -8.00 -13.46 -8.99
C VAL A 56 -9.11 -13.94 -9.92
N SER A 57 -10.04 -14.72 -9.37
CA SER A 57 -11.15 -15.24 -10.15
C SER A 57 -12.45 -14.52 -9.79
N GLY A 58 -12.32 -13.28 -9.30
CA GLY A 58 -13.48 -12.50 -8.93
C GLY A 58 -13.86 -11.49 -10.00
N ARG A 59 -13.22 -10.33 -9.96
CA ARG A 59 -13.49 -9.28 -10.93
C ARG A 59 -12.62 -8.05 -10.66
N LYS A 60 -12.28 -7.33 -11.73
CA LYS A 60 -11.44 -6.15 -11.61
C LYS A 60 -11.99 -5.20 -10.54
N ALA A 61 -13.25 -4.82 -10.68
CA ALA A 61 -13.90 -3.92 -9.73
C ALA A 61 -13.77 -4.46 -8.31
N VAL A 62 -13.88 -5.78 -8.17
CA VAL A 62 -13.79 -6.43 -6.86
C VAL A 62 -12.39 -6.28 -6.28
N LEU A 63 -11.37 -6.50 -7.11
CA LEU A 63 -9.99 -6.39 -6.67
C LEU A 63 -9.64 -4.95 -6.33
N GLN A 64 -9.88 -4.05 -7.28
CA GLN A 64 -9.58 -2.63 -7.08
C GLN A 64 -10.34 -2.09 -5.88
N ASP A 65 -11.53 -2.63 -5.64
CA ASP A 65 -12.35 -2.19 -4.51
C ASP A 65 -11.73 -2.64 -3.19
N LEU A 66 -11.30 -3.88 -3.12
CA LEU A 66 -10.69 -4.43 -1.91
C LEU A 66 -9.43 -3.65 -1.55
N ILE A 67 -8.56 -3.45 -2.53
CA ILE A 67 -7.31 -2.72 -2.31
C ILE A 67 -7.58 -1.27 -1.95
N ARG A 68 -8.39 -0.61 -2.76
CA ARG A 68 -8.73 0.80 -2.52
C ARG A 68 -9.30 0.99 -1.12
N ASN A 69 -10.27 0.16 -0.77
CA ASN A 69 -10.90 0.23 0.55
C ASN A 69 -9.87 0.03 1.66
N PHE A 70 -9.02 -0.97 1.49
CA PHE A 70 -7.98 -1.27 2.47
C PHE A 70 -7.13 -0.03 2.76
N LEU A 71 -6.65 0.61 1.70
CA LEU A 71 -5.83 1.81 1.83
C LEU A 71 -6.63 2.96 2.42
N GLN A 72 -7.93 2.98 2.11
CA GLN A 72 -8.80 4.03 2.61
C GLN A 72 -9.08 3.87 4.09
N ASN A 73 -9.23 2.62 4.53
CA ASN A 73 -9.50 2.32 5.93
C ASN A 73 -8.20 2.21 6.72
N ALA A 74 -7.08 2.12 6.00
CA ALA A 74 -5.78 2.01 6.63
C ALA A 74 -5.52 3.19 7.57
N LEU A 75 -6.24 4.27 7.35
CA LEU A 75 -6.10 5.48 8.16
C LEU A 75 -7.41 5.84 8.84
N VAL A 76 -7.89 4.97 9.72
CA VAL A 76 -9.14 5.20 10.44
C VAL A 76 -8.89 5.51 11.90
N VAL A 77 -9.51 6.58 12.39
CA VAL A 77 -9.36 6.99 13.78
C VAL A 77 -9.62 5.82 14.73
N GLY A 78 -8.60 5.45 15.51
CA GLY A 78 -8.73 4.35 16.44
C GLY A 78 -8.76 3.00 15.74
N LYS A 79 -8.01 2.88 14.67
CA LYS A 79 -7.95 1.63 13.91
C LYS A 79 -6.94 1.73 12.77
N SER A 80 -5.87 2.49 12.99
CA SER A 80 -4.84 2.67 11.99
C SER A 80 -4.37 1.32 11.44
N ASP A 81 -3.68 1.36 10.31
CA ASP A 81 -3.17 0.14 9.69
C ASP A 81 -2.24 0.47 8.52
N PRO A 82 -1.02 0.90 8.84
CA PRO A 82 -0.02 1.26 7.83
C PRO A 82 0.50 0.05 7.07
N TYR A 83 0.36 -1.13 7.67
CA TYR A 83 0.81 -2.36 7.05
C TYR A 83 0.28 -2.50 5.63
N ARG A 84 -1.05 -2.41 5.48
CA ARG A 84 -1.68 -2.51 4.18
C ARG A 84 -1.22 -1.39 3.25
N VAL A 85 -0.92 -0.23 3.84
CA VAL A 85 -0.46 0.92 3.07
C VAL A 85 0.85 0.62 2.37
N GLN A 86 1.85 0.21 3.14
CA GLN A 86 3.17 -0.10 2.59
C GLN A 86 3.08 -1.29 1.63
N ALA A 87 2.26 -2.28 1.99
CA ALA A 87 2.09 -3.46 1.16
C ALA A 87 1.46 -3.11 -0.18
N VAL A 88 0.35 -2.38 -0.14
CA VAL A 88 -0.34 -1.97 -1.35
C VAL A 88 0.50 -1.01 -2.18
N LYS A 89 1.06 0.00 -1.52
CA LYS A 89 1.89 0.99 -2.19
C LYS A 89 3.06 0.32 -2.90
N PHE A 90 3.68 -0.64 -2.22
CA PHE A 90 4.81 -1.36 -2.79
C PHE A 90 4.39 -2.18 -4.01
N LEU A 91 3.29 -2.90 -3.88
CA LEU A 91 2.77 -3.72 -4.96
C LEU A 91 2.49 -2.88 -6.20
N ILE A 92 1.76 -1.79 -6.02
CA ILE A 92 1.43 -0.90 -7.12
C ILE A 92 2.70 -0.35 -7.78
N GLU A 93 3.58 0.22 -6.97
CA GLU A 93 4.83 0.78 -7.47
C GLU A 93 5.64 -0.28 -8.22
N ARG A 94 5.84 -1.42 -7.58
CA ARG A 94 6.60 -2.52 -8.19
C ARG A 94 6.06 -2.84 -9.57
N ILE A 95 4.74 -2.94 -9.68
CA ILE A 95 4.10 -3.24 -10.95
C ILE A 95 4.18 -2.07 -11.91
N ARG A 96 4.16 -0.86 -11.36
CA ARG A 96 4.24 0.35 -12.18
C ARG A 96 5.67 0.59 -12.67
N LYS A 97 6.63 -0.09 -12.04
CA LYS A 97 8.04 0.04 -12.41
C LYS A 97 8.55 -1.26 -13.01
N ASN A 98 7.75 -2.31 -12.93
CA ASN A 98 8.13 -3.62 -13.46
C ASN A 98 9.31 -4.20 -12.68
N GLU A 99 9.00 -4.95 -11.64
CA GLU A 99 10.04 -5.57 -10.81
C GLU A 99 9.56 -6.91 -10.25
N PRO A 100 10.52 -7.74 -9.81
CA PRO A 100 10.22 -9.06 -9.25
C PRO A 100 9.55 -8.96 -7.88
N LEU A 101 8.25 -9.25 -7.84
CA LEU A 101 7.49 -9.20 -6.60
C LEU A 101 7.90 -10.34 -5.67
N PRO A 102 8.50 -9.97 -4.52
CA PRO A 102 8.95 -10.94 -3.52
C PRO A 102 7.78 -11.62 -2.81
N VAL A 103 8.09 -12.37 -1.76
CA VAL A 103 7.07 -13.07 -0.98
C VAL A 103 6.21 -12.08 -0.20
N TYR A 104 4.90 -12.19 -0.37
CA TYR A 104 3.96 -11.31 0.33
C TYR A 104 4.06 -11.49 1.84
N LYS A 105 4.06 -12.73 2.28
CA LYS A 105 4.15 -13.04 3.70
C LYS A 105 5.48 -12.55 4.28
N ASP A 106 6.58 -12.97 3.66
CA ASP A 106 7.91 -12.57 4.11
C ASP A 106 8.05 -11.05 4.10
N LEU A 107 7.73 -10.44 2.97
CA LEU A 107 7.83 -8.99 2.83
C LEU A 107 6.96 -8.28 3.86
N TRP A 108 5.67 -8.62 3.87
CA TRP A 108 4.73 -8.02 4.81
C TRP A 108 5.26 -8.13 6.25
N ASN A 109 5.64 -9.33 6.64
CA ASN A 109 6.16 -9.57 7.99
C ASN A 109 7.43 -8.75 8.23
N ALA A 110 8.29 -8.70 7.22
CA ALA A 110 9.54 -7.96 7.33
C ALA A 110 9.28 -6.48 7.55
N LEU A 111 8.39 -5.91 6.74
CA LEU A 111 8.05 -4.50 6.85
C LEU A 111 7.24 -4.23 8.11
N ARG A 112 6.53 -5.25 8.59
CA ARG A 112 5.71 -5.12 9.79
C ARG A 112 6.60 -4.95 11.02
N LYS A 113 7.52 -5.88 11.21
CA LYS A 113 8.43 -5.84 12.35
C LYS A 113 9.54 -4.81 12.13
N GLY A 114 9.82 -4.53 10.87
CA GLY A 114 10.86 -3.56 10.54
C GLY A 114 12.25 -4.16 10.61
N GLY A 1 10.24 20.63 0.97
CA GLY A 1 11.52 20.02 1.32
C GLY A 1 11.81 20.10 2.80
N SER A 2 10.76 20.29 3.60
CA SER A 2 10.91 20.37 5.04
C SER A 2 9.57 20.60 5.72
N HIS A 3 8.69 21.34 5.04
CA HIS A 3 7.36 21.62 5.58
C HIS A 3 6.43 20.43 5.37
N MET A 4 6.94 19.38 4.74
CA MET A 4 6.15 18.19 4.47
C MET A 4 6.99 16.93 4.66
N ILE A 5 8.16 17.09 5.29
CA ILE A 5 9.05 15.96 5.52
C ILE A 5 9.75 16.09 6.87
N ASN A 6 10.84 15.36 7.04
CA ASN A 6 11.61 15.39 8.28
C ASN A 6 12.87 14.55 8.17
N LEU A 7 13.98 15.08 8.66
CA LEU A 7 15.26 14.38 8.61
C LEU A 7 15.17 13.05 9.37
N GLU A 8 14.36 13.03 10.41
CA GLU A 8 14.19 11.82 11.22
C GLU A 8 13.13 10.91 10.61
N ASP A 9 12.64 11.28 9.43
CA ASP A 9 11.61 10.50 8.75
C ASP A 9 12.03 10.20 7.32
N TYR A 10 13.34 10.19 7.08
CA TYR A 10 13.88 9.92 5.75
C TYR A 10 15.05 8.95 5.83
N TRP A 11 15.31 8.45 7.03
CA TRP A 11 16.41 7.51 7.23
C TRP A 11 16.05 6.12 6.74
N GLU A 12 14.76 5.89 6.50
CA GLU A 12 14.29 4.60 6.02
C GLU A 12 12.96 4.76 5.28
N ASP A 13 12.29 3.63 5.04
CA ASP A 13 11.01 3.64 4.34
C ASP A 13 10.06 2.60 4.95
N GLU A 14 10.39 2.14 6.15
CA GLU A 14 9.57 1.15 6.83
C GLU A 14 9.41 1.48 8.31
N THR A 15 9.25 2.78 8.60
CA THR A 15 9.11 3.23 9.97
C THR A 15 7.67 3.06 10.46
N PRO A 16 7.51 2.82 11.77
CA PRO A 16 6.19 2.64 12.38
C PRO A 16 5.38 3.93 12.42
N GLY A 17 4.06 3.79 12.55
CA GLY A 17 3.20 4.95 12.59
C GLY A 17 2.26 4.92 13.79
N PRO A 18 1.48 6.00 13.94
CA PRO A 18 0.52 6.13 15.05
C PRO A 18 -0.65 5.17 14.90
N ASP A 19 -1.57 5.21 15.88
CA ASP A 19 -2.75 4.35 15.85
C ASP A 19 -4.01 5.16 16.11
N ARG A 20 -3.97 6.45 15.79
CA ARG A 20 -5.10 7.33 15.99
C ARG A 20 -4.91 8.65 15.25
N GLU A 21 -4.06 9.51 15.79
CA GLU A 21 -3.79 10.81 15.19
C GLU A 21 -3.28 10.64 13.76
N PRO A 22 -3.98 11.26 12.81
CA PRO A 22 -3.61 11.20 11.38
C PRO A 22 -2.34 11.96 11.07
N THR A 23 -2.04 12.11 9.79
CA THR A 23 -0.85 12.83 9.36
C THR A 23 -0.98 13.33 7.93
N ASN A 24 -0.53 14.56 7.68
CA ASN A 24 -0.60 15.15 6.36
C ASN A 24 -0.02 14.21 5.31
N GLU A 25 1.12 13.60 5.63
CA GLU A 25 1.77 12.68 4.71
C GLU A 25 0.95 11.40 4.53
N LEU A 26 0.24 11.02 5.59
CA LEU A 26 -0.59 9.83 5.55
C LEU A 26 -1.74 9.98 4.56
N ARG A 27 -2.50 11.05 4.71
CA ARG A 27 -3.63 11.32 3.81
C ARG A 27 -3.14 11.69 2.42
N ASN A 28 -1.97 12.33 2.36
CA ASN A 28 -1.39 12.73 1.08
C ASN A 28 -0.89 11.53 0.30
N GLU A 29 -0.14 10.66 0.97
CA GLU A 29 0.40 9.46 0.34
C GLU A 29 -0.71 8.51 -0.08
N VAL A 30 -1.71 8.36 0.80
CA VAL A 30 -2.85 7.49 0.53
C VAL A 30 -3.68 8.01 -0.63
N GLU A 31 -4.01 9.29 -0.59
CA GLU A 31 -4.80 9.92 -1.64
C GLU A 31 -4.14 9.76 -3.00
N GLU A 32 -2.85 10.09 -3.06
CA GLU A 32 -2.10 9.99 -4.31
C GLU A 32 -2.02 8.53 -4.78
N THR A 33 -1.67 7.64 -3.86
CA THR A 33 -1.57 6.22 -4.18
C THR A 33 -2.89 5.67 -4.70
N ILE A 34 -3.97 5.99 -3.99
CA ILE A 34 -5.30 5.52 -4.39
C ILE A 34 -5.71 6.11 -5.72
N THR A 35 -5.30 7.35 -5.98
CA THR A 35 -5.63 8.02 -7.23
C THR A 35 -4.91 7.37 -8.41
N LEU A 36 -3.64 7.07 -8.22
CA LEU A 36 -2.83 6.44 -9.26
C LEU A 36 -3.23 4.97 -9.45
N MET A 37 -3.45 4.29 -8.32
CA MET A 37 -3.84 2.88 -8.36
C MET A 37 -5.27 2.72 -8.84
N GLU A 38 -6.07 3.78 -8.68
CA GLU A 38 -7.46 3.74 -9.09
C GLU A 38 -7.59 3.36 -10.56
N LEU A 39 -6.53 3.62 -11.32
CA LEU A 39 -6.52 3.30 -12.75
C LEU A 39 -5.89 1.94 -13.00
N LEU A 40 -5.96 1.07 -12.00
CA LEU A 40 -5.40 -0.27 -12.11
C LEU A 40 -5.89 -0.97 -13.39
N LYS A 41 -5.09 -1.90 -13.88
CA LYS A 41 -5.44 -2.65 -15.10
C LYS A 41 -5.41 -4.15 -14.85
N VAL A 42 -5.73 -4.92 -15.87
CA VAL A 42 -5.72 -6.38 -15.76
C VAL A 42 -4.36 -6.90 -15.36
N SER A 43 -3.31 -6.21 -15.81
CA SER A 43 -1.94 -6.62 -15.50
C SER A 43 -1.64 -6.38 -14.02
N GLU A 44 -1.93 -5.17 -13.54
CA GLU A 44 -1.68 -4.83 -12.15
C GLU A 44 -2.58 -5.64 -11.22
N LEU A 45 -3.83 -5.80 -11.62
CA LEU A 45 -4.80 -6.57 -10.82
C LEU A 45 -4.34 -8.01 -10.65
N LYS A 46 -4.00 -8.66 -11.76
CA LYS A 46 -3.53 -10.05 -11.73
C LYS A 46 -2.24 -10.17 -10.93
N ASP A 47 -1.32 -9.26 -11.16
CA ASP A 47 -0.03 -9.26 -10.46
C ASP A 47 -0.24 -9.24 -8.95
N ILE A 48 -1.06 -8.30 -8.49
CA ILE A 48 -1.34 -8.17 -7.06
C ILE A 48 -2.01 -9.42 -6.52
N CYS A 49 -3.09 -9.85 -7.17
CA CYS A 49 -3.82 -11.04 -6.75
C CYS A 49 -2.89 -12.24 -6.66
N ARG A 50 -1.89 -12.27 -7.53
CA ARG A 50 -0.92 -13.37 -7.54
C ARG A 50 0.02 -13.29 -6.35
N SER A 51 0.61 -12.11 -6.16
CA SER A 51 1.54 -11.90 -5.05
C SER A 51 0.88 -12.19 -3.72
N VAL A 52 -0.29 -11.58 -3.50
CA VAL A 52 -1.04 -11.77 -2.26
C VAL A 52 -1.70 -13.14 -2.22
N SER A 53 -1.65 -13.85 -3.35
CA SER A 53 -2.24 -15.18 -3.44
C SER A 53 -3.76 -15.11 -3.27
N PHE A 54 -4.31 -13.94 -3.53
CA PHE A 54 -5.76 -13.73 -3.42
C PHE A 54 -6.48 -14.31 -4.63
N PRO A 55 -7.79 -14.56 -4.47
CA PRO A 55 -8.63 -15.12 -5.55
C PRO A 55 -8.86 -14.13 -6.67
N VAL A 56 -8.26 -14.40 -7.83
CA VAL A 56 -8.40 -13.53 -9.00
C VAL A 56 -9.53 -14.00 -9.91
N SER A 57 -10.48 -14.73 -9.33
CA SER A 57 -11.61 -15.26 -10.09
C SER A 57 -12.88 -14.47 -9.79
N GLY A 58 -12.71 -13.22 -9.35
CA GLY A 58 -13.85 -12.38 -9.05
C GLY A 58 -14.14 -11.37 -10.14
N ARG A 59 -13.48 -10.22 -10.07
CA ARG A 59 -13.68 -9.16 -11.05
C ARG A 59 -12.77 -7.97 -10.77
N LYS A 60 -12.33 -7.31 -11.83
CA LYS A 60 -11.46 -6.15 -11.70
C LYS A 60 -12.00 -5.16 -10.68
N ALA A 61 -13.27 -4.79 -10.84
CA ALA A 61 -13.91 -3.86 -9.93
C ALA A 61 -13.86 -4.36 -8.50
N VAL A 62 -14.05 -5.66 -8.32
CA VAL A 62 -14.03 -6.27 -7.00
C VAL A 62 -12.64 -6.16 -6.37
N LEU A 63 -11.63 -6.60 -7.10
CA LEU A 63 -10.25 -6.55 -6.62
C LEU A 63 -9.85 -5.11 -6.28
N GLN A 64 -10.00 -4.21 -7.25
CA GLN A 64 -9.66 -2.80 -7.05
C GLN A 64 -10.45 -2.21 -5.88
N ASP A 65 -11.68 -2.68 -5.70
CA ASP A 65 -12.53 -2.19 -4.63
C ASP A 65 -11.99 -2.62 -3.27
N LEU A 66 -11.52 -3.87 -3.19
CA LEU A 66 -10.98 -4.39 -1.94
C LEU A 66 -9.70 -3.65 -1.55
N ILE A 67 -8.77 -3.54 -2.49
CA ILE A 67 -7.50 -2.85 -2.23
C ILE A 67 -7.75 -1.38 -1.88
N ARG A 68 -8.58 -0.72 -2.68
CA ARG A 68 -8.90 0.68 -2.46
C ARG A 68 -9.46 0.91 -1.06
N ASN A 69 -10.44 0.08 -0.69
CA ASN A 69 -11.06 0.19 0.62
C ASN A 69 -10.05 -0.09 1.74
N PHE A 70 -9.12 -0.99 1.46
CA PHE A 70 -8.10 -1.35 2.43
C PHE A 70 -7.21 -0.15 2.76
N LEU A 71 -6.68 0.49 1.74
CA LEU A 71 -5.83 1.66 1.92
C LEU A 71 -6.62 2.83 2.47
N GLN A 72 -7.88 2.92 2.07
CA GLN A 72 -8.75 4.01 2.54
C GLN A 72 -9.13 3.81 4.00
N ASN A 73 -9.35 2.57 4.38
CA ASN A 73 -9.72 2.25 5.76
C ASN A 73 -8.49 2.08 6.63
N ALA A 74 -7.32 1.96 5.99
CA ALA A 74 -6.07 1.80 6.72
C ALA A 74 -5.83 2.95 7.68
N LEU A 75 -6.52 4.07 7.43
CA LEU A 75 -6.38 5.25 8.28
C LEU A 75 -7.72 5.62 8.91
N VAL A 76 -8.25 4.71 9.73
CA VAL A 76 -9.52 4.94 10.40
C VAL A 76 -9.32 5.18 11.90
N VAL A 77 -10.06 6.14 12.45
CA VAL A 77 -9.97 6.46 13.86
C VAL A 77 -10.13 5.22 14.72
N GLY A 78 -9.11 4.90 15.50
CA GLY A 78 -9.16 3.73 16.36
C GLY A 78 -9.17 2.44 15.58
N LYS A 79 -8.58 2.45 14.39
CA LYS A 79 -8.52 1.27 13.55
C LYS A 79 -7.39 1.38 12.53
N SER A 80 -6.29 2.01 12.93
CA SER A 80 -5.14 2.19 12.05
C SER A 80 -4.75 0.88 11.40
N ASP A 81 -3.99 0.96 10.31
CA ASP A 81 -3.55 -0.22 9.58
C ASP A 81 -2.55 0.15 8.49
N PRO A 82 -1.31 0.45 8.89
CA PRO A 82 -0.25 0.82 7.96
C PRO A 82 0.21 -0.35 7.09
N TYR A 83 -0.06 -1.57 7.56
CA TYR A 83 0.33 -2.77 6.83
C TYR A 83 -0.16 -2.70 5.39
N ARG A 84 -1.47 -2.49 5.22
CA ARG A 84 -2.07 -2.41 3.89
C ARG A 84 -1.47 -1.24 3.10
N VAL A 85 -1.12 -0.17 3.80
CA VAL A 85 -0.54 1.01 3.17
C VAL A 85 0.76 0.66 2.46
N GLN A 86 1.70 0.10 3.21
CA GLN A 86 2.99 -0.28 2.65
C GLN A 86 2.83 -1.36 1.58
N ALA A 87 1.94 -2.31 1.84
CA ALA A 87 1.69 -3.40 0.91
C ALA A 87 1.20 -2.88 -0.43
N VAL A 88 0.17 -2.03 -0.38
CA VAL A 88 -0.40 -1.45 -1.60
C VAL A 88 0.63 -0.60 -2.33
N LYS A 89 1.24 0.34 -1.62
CA LYS A 89 2.26 1.20 -2.21
C LYS A 89 3.31 0.40 -2.95
N PHE A 90 3.79 -0.68 -2.32
CA PHE A 90 4.80 -1.53 -2.91
C PHE A 90 4.25 -2.26 -4.14
N LEU A 91 2.98 -2.64 -4.07
CA LEU A 91 2.33 -3.34 -5.18
C LEU A 91 2.28 -2.46 -6.42
N ILE A 92 1.77 -1.24 -6.26
CA ILE A 92 1.67 -0.30 -7.37
C ILE A 92 3.04 0.04 -7.93
N GLU A 93 3.96 0.40 -7.04
CA GLU A 93 5.32 0.75 -7.46
C GLU A 93 5.99 -0.43 -8.16
N ARG A 94 5.98 -1.58 -7.51
CA ARG A 94 6.59 -2.78 -8.07
C ARG A 94 6.07 -3.05 -9.48
N ILE A 95 4.77 -2.91 -9.66
CA ILE A 95 4.15 -3.13 -10.96
C ILE A 95 4.47 -1.99 -11.93
N ARG A 96 4.62 -0.79 -11.39
CA ARG A 96 4.93 0.38 -12.20
C ARG A 96 6.39 0.37 -12.62
N LYS A 97 7.20 -0.43 -11.92
CA LYS A 97 8.62 -0.52 -12.22
C LYS A 97 8.97 -1.88 -12.82
N ASN A 98 8.02 -2.81 -12.73
CA ASN A 98 8.22 -4.15 -13.27
C ASN A 98 9.35 -4.87 -12.53
N GLU A 99 8.99 -5.54 -11.44
CA GLU A 99 9.98 -6.28 -10.64
C GLU A 99 9.37 -7.54 -10.06
N PRO A 100 10.24 -8.49 -9.67
CA PRO A 100 9.81 -9.76 -9.09
C PRO A 100 9.20 -9.61 -7.70
N LEU A 101 7.89 -9.82 -7.62
CA LEU A 101 7.18 -9.70 -6.35
C LEU A 101 7.56 -10.84 -5.39
N PRO A 102 8.22 -10.48 -4.29
CA PRO A 102 8.65 -11.45 -3.28
C PRO A 102 7.48 -12.05 -2.51
N VAL A 103 7.79 -12.79 -1.45
CA VAL A 103 6.76 -13.41 -0.63
C VAL A 103 5.97 -12.37 0.14
N TYR A 104 4.65 -12.55 0.19
CA TYR A 104 3.77 -11.62 0.90
C TYR A 104 4.07 -11.62 2.39
N LYS A 105 4.26 -12.80 2.95
CA LYS A 105 4.56 -12.95 4.37
C LYS A 105 5.94 -12.37 4.71
N ASP A 106 6.94 -12.79 3.93
CA ASP A 106 8.31 -12.32 4.13
C ASP A 106 8.40 -10.80 3.94
N LEU A 107 7.90 -10.34 2.80
CA LEU A 107 7.93 -8.90 2.49
C LEU A 107 7.21 -8.10 3.56
N TRP A 108 6.02 -8.57 3.93
CA TRP A 108 5.22 -7.89 4.95
C TRP A 108 5.99 -7.79 6.27
N ASN A 109 6.47 -8.94 6.76
CA ASN A 109 7.22 -8.99 8.00
C ASN A 109 8.43 -8.07 7.95
N ALA A 110 9.06 -8.00 6.77
CA ALA A 110 10.24 -7.17 6.58
C ALA A 110 9.89 -5.69 6.74
N LEU A 111 8.83 -5.26 6.07
CA LEU A 111 8.38 -3.87 6.15
C LEU A 111 7.79 -3.56 7.51
N ARG A 112 7.26 -4.58 8.17
CA ARG A 112 6.65 -4.42 9.49
C ARG A 112 7.72 -4.13 10.54
N LYS A 113 8.72 -4.98 10.61
CA LYS A 113 9.81 -4.82 11.57
C LYS A 113 10.78 -3.74 11.13
N GLY A 114 10.84 -3.51 9.81
CA GLY A 114 11.73 -2.49 9.27
C GLY A 114 11.51 -1.14 9.91
N GLY A 1 20.43 4.95 -2.04
CA GLY A 1 19.01 5.12 -1.77
C GLY A 1 18.30 5.88 -2.86
N SER A 2 17.69 5.16 -3.79
CA SER A 2 16.97 5.77 -4.90
C SER A 2 16.33 4.71 -5.79
N HIS A 3 17.01 3.58 -5.93
CA HIS A 3 16.50 2.48 -6.76
C HIS A 3 15.45 1.68 -6.00
N MET A 4 15.18 2.08 -4.76
CA MET A 4 14.20 1.39 -3.94
C MET A 4 13.42 2.38 -3.09
N ILE A 5 13.52 3.66 -3.43
CA ILE A 5 12.82 4.71 -2.70
C ILE A 5 12.32 5.80 -3.64
N ASN A 6 12.02 6.97 -3.07
CA ASN A 6 11.54 8.09 -3.86
C ASN A 6 11.36 9.34 -2.99
N LEU A 7 11.82 10.47 -3.50
CA LEU A 7 11.72 11.72 -2.76
C LEU A 7 10.26 12.13 -2.59
N GLU A 8 9.40 11.65 -3.48
CA GLU A 8 7.98 11.97 -3.41
C GLU A 8 7.26 11.04 -2.44
N ASP A 9 8.02 10.15 -1.81
CA ASP A 9 7.45 9.20 -0.86
C ASP A 9 8.45 8.88 0.24
N TYR A 10 9.44 9.76 0.42
CA TYR A 10 10.45 9.57 1.44
C TYR A 10 10.97 10.92 1.95
N TRP A 11 10.21 11.98 1.69
CA TRP A 11 10.58 13.31 2.12
C TRP A 11 10.24 13.53 3.58
N GLU A 12 9.42 12.63 4.13
CA GLU A 12 9.01 12.73 5.52
C GLU A 12 8.97 11.35 6.18
N ASP A 13 9.83 11.13 7.16
CA ASP A 13 9.89 9.85 7.86
C ASP A 13 10.27 10.06 9.33
N GLU A 14 10.14 11.29 9.80
CA GLU A 14 10.46 11.62 11.18
C GLU A 14 9.20 11.86 11.99
N THR A 15 8.14 11.11 11.67
CA THR A 15 6.87 11.24 12.38
C THR A 15 6.56 10.00 13.20
N PRO A 16 5.88 10.19 14.34
CA PRO A 16 5.51 9.10 15.24
C PRO A 16 4.45 8.20 14.65
N GLY A 17 3.92 7.29 15.46
CA GLY A 17 2.89 6.38 14.99
C GLY A 17 1.68 6.35 15.91
N PRO A 18 0.85 7.39 15.82
CA PRO A 18 -0.35 7.52 16.65
C PRO A 18 -1.43 6.51 16.24
N ASP A 19 -2.20 6.05 17.22
CA ASP A 19 -3.27 5.08 16.97
C ASP A 19 -4.61 5.78 16.87
N ARG A 20 -4.59 7.11 16.75
CA ARG A 20 -5.82 7.89 16.65
C ARG A 20 -5.64 9.05 15.67
N GLU A 21 -4.92 10.08 16.11
CA GLU A 21 -4.67 11.26 15.28
C GLU A 21 -3.98 10.86 13.98
N PRO A 22 -4.60 11.21 12.84
CA PRO A 22 -4.06 10.91 11.51
C PRO A 22 -2.82 11.73 11.20
N THR A 23 -2.05 11.28 10.21
CA THR A 23 -0.83 11.97 9.80
C THR A 23 -0.96 12.54 8.40
N ASN A 24 -0.48 13.76 8.21
CA ASN A 24 -0.54 14.42 6.90
C ASN A 24 0.03 13.51 5.81
N GLU A 25 1.16 12.88 6.11
CA GLU A 25 1.80 11.99 5.15
C GLU A 25 0.96 10.74 4.91
N LEU A 26 0.23 10.32 5.93
CA LEU A 26 -0.63 9.14 5.83
C LEU A 26 -1.76 9.38 4.84
N ARG A 27 -2.50 10.45 5.05
CA ARG A 27 -3.62 10.78 4.16
C ARG A 27 -3.11 11.23 2.79
N ASN A 28 -1.94 11.85 2.76
CA ASN A 28 -1.35 12.31 1.52
C ASN A 28 -0.87 11.13 0.67
N GLU A 29 -0.10 10.24 1.29
CA GLU A 29 0.42 9.07 0.59
C GLU A 29 -0.71 8.16 0.13
N VAL A 30 -1.69 7.95 1.00
CA VAL A 30 -2.83 7.11 0.68
C VAL A 30 -3.67 7.71 -0.46
N GLU A 31 -4.00 8.98 -0.32
CA GLU A 31 -4.80 9.67 -1.33
C GLU A 31 -4.14 9.56 -2.71
N GLU A 32 -2.85 9.87 -2.77
CA GLU A 32 -2.11 9.80 -4.02
C GLU A 32 -2.11 8.38 -4.58
N THR A 33 -1.83 7.41 -3.71
CA THR A 33 -1.78 6.02 -4.11
C THR A 33 -3.14 5.57 -4.68
N ILE A 34 -4.21 6.00 -4.03
CA ILE A 34 -5.56 5.65 -4.47
C ILE A 34 -5.88 6.28 -5.82
N THR A 35 -5.42 7.50 -6.02
CA THR A 35 -5.65 8.21 -7.27
C THR A 35 -4.93 7.54 -8.43
N LEU A 36 -3.69 7.15 -8.20
CA LEU A 36 -2.89 6.48 -9.24
C LEU A 36 -3.35 5.05 -9.43
N MET A 37 -3.62 4.36 -8.34
CA MET A 37 -4.08 2.97 -8.39
C MET A 37 -5.49 2.89 -8.93
N GLU A 38 -6.24 3.99 -8.81
CA GLU A 38 -7.62 4.03 -9.29
C GLU A 38 -7.69 3.66 -10.77
N LEU A 39 -6.59 3.88 -11.49
CA LEU A 39 -6.53 3.57 -12.90
C LEU A 39 -5.87 2.22 -13.14
N LEU A 40 -5.92 1.35 -12.14
CA LEU A 40 -5.33 0.02 -12.23
C LEU A 40 -5.79 -0.70 -13.50
N LYS A 41 -5.06 -1.74 -13.88
CA LYS A 41 -5.40 -2.52 -15.07
C LYS A 41 -5.36 -4.01 -14.78
N VAL A 42 -5.82 -4.81 -15.74
CA VAL A 42 -5.83 -6.26 -15.59
C VAL A 42 -4.46 -6.77 -15.19
N SER A 43 -3.41 -6.17 -15.74
CA SER A 43 -2.04 -6.57 -15.43
C SER A 43 -1.72 -6.33 -13.96
N GLU A 44 -2.02 -5.13 -13.49
CA GLU A 44 -1.75 -4.77 -12.10
C GLU A 44 -2.62 -5.60 -11.16
N LEU A 45 -3.91 -5.65 -11.43
CA LEU A 45 -4.85 -6.41 -10.60
C LEU A 45 -4.37 -7.84 -10.42
N LYS A 46 -4.09 -8.52 -11.53
CA LYS A 46 -3.61 -9.90 -11.49
C LYS A 46 -2.29 -10.00 -10.73
N ASP A 47 -1.38 -9.07 -11.03
CA ASP A 47 -0.08 -9.05 -10.37
C ASP A 47 -0.23 -9.04 -8.85
N ILE A 48 -1.06 -8.14 -8.35
CA ILE A 48 -1.29 -8.03 -6.91
C ILE A 48 -1.92 -9.30 -6.36
N CYS A 49 -3.03 -9.71 -6.98
CA CYS A 49 -3.73 -10.92 -6.55
C CYS A 49 -2.77 -12.10 -6.44
N ARG A 50 -1.78 -12.14 -7.33
CA ARG A 50 -0.81 -13.22 -7.33
C ARG A 50 0.18 -13.07 -6.17
N SER A 51 0.77 -11.89 -6.07
CA SER A 51 1.74 -11.61 -5.01
C SER A 51 1.13 -11.88 -3.64
N VAL A 52 -0.18 -11.65 -3.52
CA VAL A 52 -0.88 -11.86 -2.26
C VAL A 52 -1.56 -13.23 -2.24
N SER A 53 -1.57 -13.90 -3.39
CA SER A 53 -2.17 -15.22 -3.49
C SER A 53 -3.69 -15.12 -3.32
N PHE A 54 -4.21 -13.91 -3.38
CA PHE A 54 -5.65 -13.69 -3.23
C PHE A 54 -6.41 -14.31 -4.39
N PRO A 55 -7.73 -14.53 -4.18
CA PRO A 55 -8.61 -15.13 -5.19
C PRO A 55 -8.85 -14.19 -6.36
N VAL A 56 -8.22 -14.49 -7.49
CA VAL A 56 -8.37 -13.68 -8.69
C VAL A 56 -9.45 -14.24 -9.60
N SER A 57 -10.38 -15.00 -9.02
CA SER A 57 -11.47 -15.60 -9.78
C SER A 57 -12.58 -14.58 -10.04
N GLY A 58 -12.51 -13.45 -9.34
CA GLY A 58 -13.52 -12.41 -9.51
C GLY A 58 -13.30 -11.60 -10.77
N ARG A 59 -13.34 -10.28 -10.64
CA ARG A 59 -13.16 -9.38 -11.78
C ARG A 59 -12.35 -8.15 -11.39
N LYS A 60 -11.99 -7.35 -12.38
CA LYS A 60 -11.21 -6.14 -12.13
C LYS A 60 -11.89 -5.26 -11.08
N ALA A 61 -13.22 -5.27 -11.08
CA ALA A 61 -13.98 -4.47 -10.12
C ALA A 61 -13.82 -5.02 -8.70
N VAL A 62 -13.78 -6.34 -8.58
CA VAL A 62 -13.62 -6.99 -7.28
C VAL A 62 -12.24 -6.73 -6.71
N LEU A 63 -11.22 -6.87 -7.54
CA LEU A 63 -9.85 -6.66 -7.11
C LEU A 63 -9.61 -5.20 -6.77
N GLN A 64 -9.91 -4.31 -7.71
CA GLN A 64 -9.73 -2.88 -7.50
C GLN A 64 -10.52 -2.40 -6.28
N ASP A 65 -11.65 -3.04 -6.01
CA ASP A 65 -12.49 -2.69 -4.89
C ASP A 65 -11.82 -3.08 -3.57
N LEU A 66 -11.29 -4.30 -3.53
CA LEU A 66 -10.62 -4.80 -2.33
C LEU A 66 -9.42 -3.94 -1.98
N ILE A 67 -8.59 -3.65 -2.97
CA ILE A 67 -7.40 -2.83 -2.77
C ILE A 67 -7.78 -1.41 -2.34
N ARG A 68 -8.66 -0.78 -3.13
CA ARG A 68 -9.10 0.58 -2.83
C ARG A 68 -9.61 0.69 -1.40
N ASN A 69 -10.49 -0.24 -1.02
CA ASN A 69 -11.06 -0.25 0.33
C ASN A 69 -9.98 -0.48 1.38
N PHE A 70 -9.01 -1.33 1.04
CA PHE A 70 -7.92 -1.64 1.96
C PHE A 70 -7.16 -0.37 2.34
N LEU A 71 -6.74 0.39 1.33
CA LEU A 71 -6.00 1.61 1.56
C LEU A 71 -6.89 2.66 2.24
N GLN A 72 -8.15 2.69 1.85
CA GLN A 72 -9.11 3.64 2.42
C GLN A 72 -9.34 3.35 3.90
N ASN A 73 -9.41 2.07 4.25
CA ASN A 73 -9.63 1.67 5.64
C ASN A 73 -8.32 1.59 6.40
N ALA A 74 -7.21 1.60 5.65
CA ALA A 74 -5.89 1.53 6.26
C ALA A 74 -5.66 2.70 7.21
N LEU A 75 -6.46 3.74 7.07
CA LEU A 75 -6.34 4.93 7.91
C LEU A 75 -7.66 5.23 8.61
N VAL A 76 -8.09 4.30 9.47
CA VAL A 76 -9.33 4.46 10.22
C VAL A 76 -9.06 5.02 11.61
N VAL A 77 -9.76 6.09 11.96
CA VAL A 77 -9.60 6.72 13.27
C VAL A 77 -9.74 5.69 14.39
N GLY A 78 -8.63 5.42 15.09
CA GLY A 78 -8.66 4.47 16.16
C GLY A 78 -7.63 3.36 15.98
N LYS A 79 -7.15 3.20 14.76
CA LYS A 79 -6.15 2.19 14.45
C LYS A 79 -5.22 2.64 13.33
N SER A 80 -5.81 2.95 12.18
CA SER A 80 -5.03 3.40 11.03
C SER A 80 -3.91 2.41 10.71
N ASP A 81 -4.29 1.16 10.48
CA ASP A 81 -3.32 0.12 10.16
C ASP A 81 -2.39 0.56 9.03
N PRO A 82 -1.13 0.85 9.39
CA PRO A 82 -0.12 1.28 8.42
C PRO A 82 0.29 0.18 7.46
N TYR A 83 0.16 -1.07 7.91
CA TYR A 83 0.51 -2.22 7.09
C TYR A 83 -0.13 -2.14 5.72
N ARG A 84 -1.46 -2.06 5.70
CA ARG A 84 -2.21 -1.98 4.46
C ARG A 84 -1.66 -0.86 3.56
N VAL A 85 -1.22 0.22 4.19
CA VAL A 85 -0.67 1.36 3.46
C VAL A 85 0.62 0.98 2.74
N GLN A 86 1.62 0.56 3.52
CA GLN A 86 2.91 0.17 2.96
C GLN A 86 2.75 -0.97 1.96
N ALA A 87 1.82 -1.88 2.25
CA ALA A 87 1.56 -3.01 1.38
C ALA A 87 1.06 -2.55 0.01
N VAL A 88 0.04 -1.70 0.02
CA VAL A 88 -0.53 -1.18 -1.22
C VAL A 88 0.50 -0.38 -2.01
N LYS A 89 1.22 0.50 -1.32
CA LYS A 89 2.24 1.32 -1.95
C LYS A 89 3.30 0.46 -2.63
N PHE A 90 3.71 -0.61 -1.95
CA PHE A 90 4.72 -1.51 -2.49
C PHE A 90 4.21 -2.21 -3.74
N LEU A 91 2.97 -2.70 -3.68
CA LEU A 91 2.36 -3.39 -4.81
C LEU A 91 2.28 -2.47 -6.02
N ILE A 92 1.72 -1.28 -5.82
CA ILE A 92 1.57 -0.31 -6.90
C ILE A 92 2.93 0.02 -7.53
N GLU A 93 3.90 0.39 -6.69
CA GLU A 93 5.23 0.73 -7.16
C GLU A 93 5.87 -0.46 -7.88
N ARG A 94 5.77 -1.63 -7.26
CA ARG A 94 6.34 -2.85 -7.83
C ARG A 94 5.88 -3.04 -9.28
N ILE A 95 4.58 -2.93 -9.50
CA ILE A 95 4.00 -3.08 -10.82
C ILE A 95 4.32 -1.88 -11.70
N ARG A 96 4.48 -0.73 -11.07
CA ARG A 96 4.79 0.51 -11.79
C ARG A 96 6.24 0.53 -12.25
N LYS A 97 7.07 -0.30 -11.63
CA LYS A 97 8.48 -0.39 -11.97
C LYS A 97 8.81 -1.74 -12.59
N ASN A 98 7.87 -2.67 -12.51
CA ASN A 98 8.06 -4.00 -13.07
C ASN A 98 9.17 -4.75 -12.33
N GLU A 99 8.80 -5.46 -11.27
CA GLU A 99 9.77 -6.22 -10.48
C GLU A 99 9.15 -7.50 -9.95
N PRO A 100 10.01 -8.45 -9.55
CA PRO A 100 9.57 -9.75 -9.03
C PRO A 100 8.92 -9.63 -7.66
N LEU A 101 7.61 -9.81 -7.61
CA LEU A 101 6.86 -9.73 -6.36
C LEU A 101 7.20 -10.89 -5.44
N PRO A 102 7.84 -10.59 -4.30
CA PRO A 102 8.23 -11.61 -3.32
C PRO A 102 7.03 -12.21 -2.60
N VAL A 103 7.28 -12.98 -1.55
CA VAL A 103 6.23 -13.60 -0.77
C VAL A 103 5.44 -12.56 0.02
N TYR A 104 4.13 -12.78 0.12
CA TYR A 104 3.26 -11.86 0.84
C TYR A 104 3.62 -11.83 2.32
N LYS A 105 3.86 -13.01 2.90
CA LYS A 105 4.22 -13.11 4.31
C LYS A 105 5.61 -12.54 4.56
N ASP A 106 6.57 -12.93 3.73
CA ASP A 106 7.94 -12.45 3.86
C ASP A 106 8.01 -10.95 3.67
N LEU A 107 7.46 -10.47 2.56
CA LEU A 107 7.46 -9.05 2.26
C LEU A 107 6.77 -8.25 3.36
N TRP A 108 5.56 -8.68 3.72
CA TRP A 108 4.80 -8.01 4.76
C TRP A 108 5.60 -7.91 6.06
N ASN A 109 6.19 -9.03 6.47
CA ASN A 109 6.99 -9.07 7.69
C ASN A 109 8.16 -8.11 7.60
N ALA A 110 8.79 -8.05 6.43
CA ALA A 110 9.93 -7.16 6.21
C ALA A 110 9.53 -5.71 6.41
N LEU A 111 8.43 -5.31 5.78
CA LEU A 111 7.95 -3.93 5.90
C LEU A 111 7.39 -3.66 7.29
N ARG A 112 6.91 -4.72 7.95
CA ARG A 112 6.35 -4.60 9.29
C ARG A 112 7.43 -4.23 10.29
N LYS A 113 8.49 -5.02 10.34
CA LYS A 113 9.60 -4.79 11.26
C LYS A 113 10.49 -3.66 10.76
N GLY A 114 10.51 -3.46 9.43
CA GLY A 114 11.32 -2.42 8.85
C GLY A 114 10.64 -1.07 8.88
N GLY A 1 17.46 -4.03 -0.69
CA GLY A 1 18.20 -3.81 0.54
C GLY A 1 17.30 -3.78 1.76
N SER A 2 17.86 -4.16 2.90
CA SER A 2 17.10 -4.18 4.15
C SER A 2 17.98 -4.65 5.31
N HIS A 3 18.88 -5.58 5.02
CA HIS A 3 19.78 -6.11 6.03
C HIS A 3 20.89 -5.12 6.36
N MET A 4 20.91 -4.01 5.63
CA MET A 4 21.92 -2.98 5.84
C MET A 4 21.42 -1.62 5.36
N ILE A 5 20.66 -0.93 6.21
CA ILE A 5 20.13 0.37 5.86
C ILE A 5 19.10 0.27 4.74
N ASN A 6 17.91 0.81 4.98
CA ASN A 6 16.85 0.78 3.98
C ASN A 6 15.76 1.80 4.32
N LEU A 7 15.23 2.45 3.29
CA LEU A 7 14.18 3.45 3.48
C LEU A 7 12.96 2.84 4.16
N GLU A 8 12.86 1.52 4.09
CA GLU A 8 11.74 0.81 4.71
C GLU A 8 12.16 0.15 6.02
N ASP A 9 13.34 0.52 6.50
CA ASP A 9 13.86 -0.04 7.75
C ASP A 9 14.81 0.94 8.43
N TYR A 10 14.67 2.22 8.09
CA TYR A 10 15.51 3.27 8.67
C TYR A 10 14.99 4.65 8.32
N TRP A 11 13.67 4.78 8.23
CA TRP A 11 13.04 6.05 7.91
C TRP A 11 12.36 6.65 9.13
N GLU A 12 11.97 5.79 10.07
CA GLU A 12 11.30 6.24 11.28
C GLU A 12 11.34 5.16 12.35
N ASP A 13 11.79 5.52 13.55
CA ASP A 13 11.86 4.57 14.66
C ASP A 13 11.65 5.28 15.99
N GLU A 14 11.08 6.48 15.93
CA GLU A 14 10.81 7.26 17.13
C GLU A 14 9.35 7.69 17.19
N THR A 15 8.46 6.77 16.82
CA THR A 15 7.03 7.05 16.83
C THR A 15 6.32 6.25 17.93
N PRO A 16 5.26 6.85 18.50
CA PRO A 16 4.48 6.22 19.57
C PRO A 16 3.67 5.02 19.05
N GLY A 17 2.82 4.48 19.93
CA GLY A 17 2.01 3.34 19.55
C GLY A 17 0.86 3.73 18.63
N PRO A 18 -0.13 4.46 19.19
CA PRO A 18 -1.30 4.91 18.44
C PRO A 18 -0.95 5.98 17.41
N ASP A 19 -1.69 6.01 16.30
CA ASP A 19 -1.46 6.98 15.25
C ASP A 19 -2.78 7.39 14.60
N ARG A 20 -3.87 7.30 15.35
CA ARG A 20 -5.18 7.65 14.84
C ARG A 20 -5.17 9.05 14.23
N GLU A 21 -4.30 9.91 14.76
CA GLU A 21 -4.19 11.28 14.27
C GLU A 21 -3.86 11.29 12.77
N PRO A 22 -4.72 11.96 11.98
CA PRO A 22 -4.54 12.06 10.53
C PRO A 22 -3.36 12.95 10.16
N THR A 23 -2.52 12.46 9.24
CA THR A 23 -1.36 13.20 8.80
C THR A 23 -1.51 13.66 7.35
N ASN A 24 -1.10 14.90 7.08
CA ASN A 24 -1.19 15.45 5.73
C ASN A 24 -0.60 14.49 4.71
N GLU A 25 0.56 13.93 5.03
CA GLU A 25 1.23 12.99 4.13
C GLU A 25 0.45 11.67 4.05
N LEU A 26 -0.21 11.31 5.14
CA LEU A 26 -0.99 10.08 5.20
C LEU A 26 -2.13 10.11 4.18
N ARG A 27 -2.95 11.14 4.26
CA ARG A 27 -4.09 11.29 3.35
C ARG A 27 -3.61 11.66 1.95
N ASN A 28 -2.50 12.38 1.87
CA ASN A 28 -1.93 12.79 0.59
C ASN A 28 -1.39 11.58 -0.17
N GLU A 29 -0.61 10.76 0.52
CA GLU A 29 -0.02 9.58 -0.11
C GLU A 29 -1.10 8.55 -0.46
N VAL A 30 -2.03 8.34 0.48
CA VAL A 30 -3.11 7.39 0.27
C VAL A 30 -4.01 7.81 -0.90
N GLU A 31 -4.31 9.11 -0.96
CA GLU A 31 -5.16 9.65 -2.02
C GLU A 31 -4.49 9.47 -3.37
N GLU A 32 -3.22 9.90 -3.47
CA GLU A 32 -2.49 9.79 -4.72
C GLU A 32 -2.31 8.34 -5.13
N THR A 33 -1.89 7.51 -4.19
CA THR A 33 -1.68 6.09 -4.45
C THR A 33 -2.96 5.44 -4.96
N ILE A 34 -4.08 5.78 -4.34
CA ILE A 34 -5.37 5.22 -4.73
C ILE A 34 -5.79 5.72 -6.11
N THR A 35 -5.45 6.97 -6.40
CA THR A 35 -5.79 7.57 -7.69
C THR A 35 -5.02 6.90 -8.83
N LEU A 36 -3.76 6.59 -8.57
CA LEU A 36 -2.91 5.95 -9.58
C LEU A 36 -3.19 4.45 -9.65
N MET A 37 -3.40 3.84 -8.49
CA MET A 37 -3.68 2.41 -8.41
C MET A 37 -5.10 2.11 -8.88
N GLU A 38 -5.95 3.12 -8.84
CA GLU A 38 -7.34 2.96 -9.26
C GLU A 38 -7.42 2.41 -10.69
N LEU A 39 -6.36 2.64 -11.46
CA LEU A 39 -6.31 2.16 -12.84
C LEU A 39 -5.61 0.80 -12.92
N LEU A 40 -5.79 0.00 -11.88
CA LEU A 40 -5.17 -1.33 -11.84
C LEU A 40 -5.65 -2.18 -13.00
N LYS A 41 -4.84 -2.23 -14.05
CA LYS A 41 -5.18 -3.02 -15.24
C LYS A 41 -5.01 -4.51 -14.96
N VAL A 42 -5.34 -5.33 -15.96
CA VAL A 42 -5.21 -6.78 -15.83
C VAL A 42 -3.83 -7.17 -15.31
N SER A 43 -2.81 -6.46 -15.79
CA SER A 43 -1.44 -6.75 -15.37
C SER A 43 -1.27 -6.52 -13.87
N GLU A 44 -1.73 -5.38 -13.39
CA GLU A 44 -1.63 -5.05 -11.97
C GLU A 44 -2.40 -6.06 -11.12
N LEU A 45 -3.64 -6.32 -11.51
CA LEU A 45 -4.48 -7.27 -10.79
C LEU A 45 -3.80 -8.63 -10.67
N LYS A 46 -3.15 -9.05 -11.75
CA LYS A 46 -2.45 -10.33 -11.76
C LYS A 46 -1.28 -10.32 -10.79
N ASP A 47 -0.44 -9.30 -10.88
CA ASP A 47 0.72 -9.18 -10.00
C ASP A 47 0.29 -9.24 -8.53
N ILE A 48 -0.81 -8.58 -8.21
CA ILE A 48 -1.32 -8.57 -6.85
C ILE A 48 -1.95 -9.91 -6.48
N CYS A 49 -2.82 -10.40 -7.35
CA CYS A 49 -3.50 -11.68 -7.12
C CYS A 49 -2.49 -12.77 -6.78
N ARG A 50 -1.43 -12.85 -7.58
CA ARG A 50 -0.39 -13.85 -7.37
C ARG A 50 0.50 -13.48 -6.18
N SER A 51 0.69 -12.18 -5.99
CA SER A 51 1.52 -11.69 -4.90
C SER A 51 0.95 -12.12 -3.55
N VAL A 52 -0.34 -11.84 -3.34
CA VAL A 52 -1.01 -12.19 -2.10
C VAL A 52 -1.76 -13.51 -2.23
N SER A 53 -1.65 -14.14 -3.40
CA SER A 53 -2.31 -15.40 -3.66
C SER A 53 -3.84 -15.24 -3.59
N PHE A 54 -4.29 -14.00 -3.67
CA PHE A 54 -5.71 -13.70 -3.61
C PHE A 54 -6.39 -14.07 -4.93
N PRO A 55 -7.73 -14.23 -4.89
CA PRO A 55 -8.52 -14.57 -6.07
C PRO A 55 -8.59 -13.44 -7.09
N VAL A 56 -8.71 -13.82 -8.36
CA VAL A 56 -8.78 -12.82 -9.44
C VAL A 56 -9.85 -13.21 -10.46
N SER A 57 -10.66 -14.21 -10.12
CA SER A 57 -11.71 -14.67 -11.01
C SER A 57 -12.98 -13.86 -10.82
N GLY A 58 -12.99 -13.03 -9.78
CA GLY A 58 -14.16 -12.21 -9.49
C GLY A 58 -14.40 -11.17 -10.57
N ARG A 59 -14.24 -9.90 -10.21
CA ARG A 59 -14.44 -8.81 -11.15
C ARG A 59 -13.48 -7.66 -10.87
N LYS A 60 -13.08 -6.96 -11.92
CA LYS A 60 -12.15 -5.84 -11.79
C LYS A 60 -12.60 -4.89 -10.69
N ALA A 61 -13.90 -4.57 -10.67
CA ALA A 61 -14.45 -3.67 -9.67
C ALA A 61 -14.31 -4.27 -8.27
N VAL A 62 -14.42 -5.59 -8.17
CA VAL A 62 -14.30 -6.28 -6.89
C VAL A 62 -12.89 -6.16 -6.34
N LEU A 63 -11.90 -6.46 -7.18
CA LEU A 63 -10.50 -6.39 -6.77
C LEU A 63 -10.11 -4.96 -6.43
N GLN A 64 -10.34 -4.04 -7.37
CA GLN A 64 -10.01 -2.64 -7.16
C GLN A 64 -10.71 -2.09 -5.92
N ASP A 65 -11.89 -2.61 -5.64
CA ASP A 65 -12.66 -2.18 -4.47
C ASP A 65 -12.00 -2.62 -3.18
N LEU A 66 -11.56 -3.89 -3.16
CA LEU A 66 -10.91 -4.45 -1.98
C LEU A 66 -9.62 -3.68 -1.66
N ILE A 67 -8.77 -3.51 -2.67
CA ILE A 67 -7.52 -2.81 -2.50
C ILE A 67 -7.75 -1.35 -2.09
N ARG A 68 -8.58 -0.66 -2.86
CA ARG A 68 -8.90 0.75 -2.57
C ARG A 68 -9.42 0.91 -1.14
N ASN A 69 -10.40 0.10 -0.78
CA ASN A 69 -10.98 0.15 0.55
C ASN A 69 -9.93 -0.15 1.62
N PHE A 70 -9.03 -1.06 1.30
CA PHE A 70 -7.97 -1.46 2.23
C PHE A 70 -7.09 -0.26 2.57
N LEU A 71 -6.64 0.44 1.55
CA LEU A 71 -5.78 1.61 1.74
C LEU A 71 -6.52 2.72 2.48
N GLN A 72 -7.78 2.93 2.12
CA GLN A 72 -8.59 3.96 2.76
C GLN A 72 -8.92 3.56 4.19
N ASN A 73 -8.97 2.26 4.45
CA ASN A 73 -9.28 1.75 5.79
C ASN A 73 -8.06 1.83 6.70
N ALA A 74 -6.88 1.74 6.09
CA ALA A 74 -5.63 1.81 6.84
C ALA A 74 -5.53 3.12 7.64
N LEU A 75 -6.32 4.10 7.24
CA LEU A 75 -6.32 5.39 7.91
C LEU A 75 -7.52 5.52 8.85
N VAL A 76 -7.80 4.45 9.59
CA VAL A 76 -8.91 4.45 10.53
C VAL A 76 -8.51 5.07 11.86
N VAL A 77 -9.41 5.87 12.42
CA VAL A 77 -9.15 6.54 13.69
C VAL A 77 -9.50 5.63 14.88
N GLY A 78 -8.47 5.21 15.61
CA GLY A 78 -8.69 4.34 16.76
C GLY A 78 -8.10 2.96 16.55
N LYS A 79 -7.85 2.60 15.30
CA LYS A 79 -7.29 1.30 14.97
C LYS A 79 -5.98 1.45 14.20
N SER A 80 -6.02 2.22 13.11
CA SER A 80 -4.85 2.45 12.28
C SER A 80 -4.37 1.15 11.66
N ASP A 81 -3.61 1.26 10.57
CA ASP A 81 -3.08 0.09 9.87
C ASP A 81 -2.11 0.50 8.78
N PRO A 82 -0.89 0.91 9.19
CA PRO A 82 0.16 1.34 8.26
C PRO A 82 0.71 0.18 7.43
N TYR A 83 0.62 -1.02 7.99
CA TYR A 83 1.12 -2.22 7.31
C TYR A 83 0.50 -2.34 5.91
N ARG A 84 -0.81 -2.12 5.83
CA ARG A 84 -1.52 -2.22 4.56
C ARG A 84 -1.02 -1.16 3.58
N VAL A 85 -0.65 0.01 4.11
CA VAL A 85 -0.15 1.11 3.28
C VAL A 85 1.19 0.75 2.66
N GLN A 86 2.15 0.38 3.49
CA GLN A 86 3.49 0.01 3.02
C GLN A 86 3.41 -1.15 2.05
N ALA A 87 2.59 -2.14 2.37
CA ALA A 87 2.43 -3.31 1.52
C ALA A 87 1.89 -2.93 0.15
N VAL A 88 0.81 -2.16 0.14
CA VAL A 88 0.19 -1.71 -1.10
C VAL A 88 1.13 -0.82 -1.90
N LYS A 89 1.71 0.18 -1.23
CA LYS A 89 2.64 1.10 -1.88
C LYS A 89 3.74 0.34 -2.60
N PHE A 90 4.33 -0.63 -1.92
CA PHE A 90 5.40 -1.43 -2.50
C PHE A 90 4.90 -2.22 -3.71
N LEU A 91 3.80 -2.95 -3.52
CA LEU A 91 3.21 -3.75 -4.58
C LEU A 91 2.94 -2.89 -5.82
N ILE A 92 2.26 -1.76 -5.61
CA ILE A 92 1.94 -0.86 -6.70
C ILE A 92 3.20 -0.36 -7.40
N GLU A 93 4.20 0.01 -6.60
CA GLU A 93 5.46 0.50 -7.14
C GLU A 93 6.06 -0.50 -8.12
N ARG A 94 6.24 -1.74 -7.67
CA ARG A 94 6.81 -2.78 -8.50
C ARG A 94 5.99 -2.97 -9.77
N ILE A 95 4.67 -3.05 -9.61
CA ILE A 95 3.78 -3.23 -10.75
C ILE A 95 3.96 -2.12 -11.78
N ARG A 96 4.00 -0.88 -11.31
CA ARG A 96 4.17 0.28 -12.18
C ARG A 96 5.61 0.39 -12.64
N LYS A 97 6.50 -0.36 -11.99
CA LYS A 97 7.92 -0.34 -12.33
C LYS A 97 8.27 -1.51 -13.26
N ASN A 98 7.35 -2.47 -13.37
CA ASN A 98 7.57 -3.63 -14.23
C ASN A 98 8.72 -4.48 -13.70
N GLU A 99 8.68 -4.78 -12.40
CA GLU A 99 9.73 -5.59 -11.78
C GLU A 99 9.12 -6.67 -10.89
N PRO A 100 9.90 -7.71 -10.60
CA PRO A 100 9.46 -8.84 -9.75
C PRO A 100 9.29 -8.43 -8.30
N LEU A 101 8.04 -8.29 -7.87
CA LEU A 101 7.74 -7.91 -6.49
C LEU A 101 7.90 -9.10 -5.55
N PRO A 102 8.25 -8.82 -4.29
CA PRO A 102 8.44 -9.85 -3.27
C PRO A 102 7.13 -10.50 -2.86
N VAL A 103 7.18 -11.31 -1.80
CA VAL A 103 5.99 -11.99 -1.31
C VAL A 103 5.18 -11.10 -0.38
N TYR A 104 3.86 -11.21 -0.46
CA TYR A 104 2.99 -10.40 0.38
C TYR A 104 3.23 -10.67 1.86
N LYS A 105 3.36 -11.95 2.19
CA LYS A 105 3.60 -12.35 3.58
C LYS A 105 5.00 -11.95 4.02
N ASP A 106 5.99 -12.31 3.22
CA ASP A 106 7.39 -11.99 3.53
C ASP A 106 7.58 -10.48 3.67
N LEU A 107 7.15 -9.74 2.65
CA LEU A 107 7.27 -8.28 2.66
C LEU A 107 6.54 -7.68 3.86
N TRP A 108 5.27 -8.02 4.00
CA TRP A 108 4.46 -7.52 5.09
C TRP A 108 5.14 -7.76 6.43
N ASN A 109 5.63 -8.97 6.64
CA ASN A 109 6.31 -9.33 7.88
C ASN A 109 7.61 -8.55 8.02
N ALA A 110 8.37 -8.47 6.93
CA ALA A 110 9.64 -7.75 6.94
C ALA A 110 9.43 -6.29 7.33
N LEU A 111 8.47 -5.64 6.69
CA LEU A 111 8.18 -4.23 6.96
C LEU A 111 7.55 -4.07 8.34
N ARG A 112 6.83 -5.10 8.78
CA ARG A 112 6.18 -5.07 10.08
C ARG A 112 7.20 -4.99 11.20
N LYS A 113 8.12 -5.94 11.22
CA LYS A 113 9.17 -5.98 12.24
C LYS A 113 10.25 -4.95 11.95
N GLY A 114 10.40 -4.59 10.68
CA GLY A 114 11.39 -3.62 10.28
C GLY A 114 11.07 -2.22 10.78
N GLY A 1 15.97 1.91 -4.07
CA GLY A 1 15.65 3.22 -4.59
C GLY A 1 16.40 4.33 -3.89
N SER A 2 16.26 5.55 -4.39
CA SER A 2 16.92 6.70 -3.79
C SER A 2 16.58 7.98 -4.55
N HIS A 3 16.40 7.85 -5.86
CA HIS A 3 16.06 9.01 -6.70
C HIS A 3 14.57 9.35 -6.58
N MET A 4 13.85 8.56 -5.78
CA MET A 4 12.42 8.78 -5.58
C MET A 4 12.04 8.54 -4.12
N ILE A 5 13.04 8.46 -3.26
CA ILE A 5 12.81 8.23 -1.84
C ILE A 5 13.80 9.02 -0.98
N ASN A 6 13.93 8.62 0.28
CA ASN A 6 14.85 9.28 1.20
C ASN A 6 14.88 8.56 2.55
N LEU A 7 16.08 8.39 3.08
CA LEU A 7 16.26 7.72 4.37
C LEU A 7 15.66 8.55 5.50
N GLU A 8 15.74 9.87 5.38
CA GLU A 8 15.21 10.77 6.39
C GLU A 8 13.70 10.93 6.22
N ASP A 9 13.15 10.32 5.17
CA ASP A 9 11.73 10.40 4.90
C ASP A 9 11.09 9.02 4.91
N TYR A 10 11.73 8.09 5.62
CA TYR A 10 11.23 6.72 5.70
C TYR A 10 12.06 5.89 6.67
N TRP A 11 12.60 6.55 7.69
CA TRP A 11 13.41 5.88 8.69
C TRP A 11 12.56 5.30 9.80
N GLU A 12 11.35 5.84 9.96
CA GLU A 12 10.43 5.37 10.99
C GLU A 12 9.21 4.70 10.37
N ASP A 13 9.20 3.38 10.37
CA ASP A 13 8.10 2.62 9.80
C ASP A 13 7.12 2.18 10.88
N GLU A 14 7.24 2.80 12.05
CA GLU A 14 6.37 2.48 13.18
C GLU A 14 6.54 3.47 14.31
N THR A 15 6.77 4.73 13.95
CA THR A 15 6.95 5.79 14.93
C THR A 15 5.86 5.77 15.99
N PRO A 16 6.21 6.15 17.23
CA PRO A 16 5.27 6.17 18.35
C PRO A 16 4.23 7.27 18.20
N GLY A 17 3.40 7.45 19.24
CA GLY A 17 2.37 8.47 19.21
C GLY A 17 0.98 7.89 19.24
N PRO A 18 -0.03 8.75 19.40
CA PRO A 18 -1.43 8.34 19.45
C PRO A 18 -1.94 7.87 18.10
N ASP A 19 -2.85 6.90 18.11
CA ASP A 19 -3.41 6.35 16.89
C ASP A 19 -4.73 7.04 16.55
N ARG A 20 -5.01 8.15 17.23
CA ARG A 20 -6.24 8.91 17.00
C ARG A 20 -6.01 9.99 15.95
N GLU A 21 -5.33 11.06 16.34
CA GLU A 21 -5.06 12.17 15.42
C GLU A 21 -4.29 11.69 14.20
N PRO A 22 -4.87 11.93 13.01
CA PRO A 22 -4.25 11.53 11.74
C PRO A 22 -3.00 12.33 11.41
N THR A 23 -2.48 12.16 10.20
CA THR A 23 -1.29 12.88 9.77
C THR A 23 -1.44 13.39 8.34
N ASN A 24 -0.99 14.61 8.10
CA ASN A 24 -1.08 15.22 6.78
C ASN A 24 -0.51 14.29 5.72
N GLU A 25 0.65 13.69 6.02
CA GLU A 25 1.30 12.79 5.09
C GLU A 25 0.50 11.50 4.93
N LEU A 26 -0.19 11.10 5.99
CA LEU A 26 -1.00 9.89 5.97
C LEU A 26 -2.14 10.02 4.98
N ARG A 27 -2.93 11.08 5.12
CA ARG A 27 -4.06 11.32 4.24
C ARG A 27 -3.58 11.72 2.83
N ASN A 28 -2.44 12.39 2.78
CA ASN A 28 -1.87 12.83 1.50
C ASN A 28 -1.37 11.64 0.70
N GLU A 29 -0.58 10.78 1.35
CA GLU A 29 -0.03 9.61 0.69
C GLU A 29 -1.14 8.64 0.28
N VAL A 30 -2.07 8.41 1.19
CA VAL A 30 -3.19 7.51 0.92
C VAL A 30 -4.05 8.02 -0.22
N GLU A 31 -4.43 9.30 -0.16
CA GLU A 31 -5.25 9.91 -1.19
C GLU A 31 -4.59 9.76 -2.57
N GLU A 32 -3.32 10.13 -2.64
CA GLU A 32 -2.57 10.05 -3.89
C GLU A 32 -2.55 8.61 -4.42
N THR A 33 -2.26 7.67 -3.53
CA THR A 33 -2.21 6.26 -3.90
C THR A 33 -3.54 5.80 -4.49
N ILE A 34 -4.64 6.24 -3.87
CA ILE A 34 -5.96 5.87 -4.33
C ILE A 34 -6.27 6.46 -5.71
N THR A 35 -5.81 7.69 -5.92
CA THR A 35 -6.02 8.38 -7.19
C THR A 35 -5.27 7.68 -8.32
N LEU A 36 -4.01 7.32 -8.06
CA LEU A 36 -3.19 6.65 -9.05
C LEU A 36 -3.63 5.20 -9.24
N MET A 37 -3.90 4.52 -8.13
CA MET A 37 -4.33 3.13 -8.17
C MET A 37 -5.75 3.02 -8.75
N GLU A 38 -6.50 4.11 -8.67
CA GLU A 38 -7.87 4.12 -9.18
C GLU A 38 -7.90 3.72 -10.65
N LEU A 39 -6.79 3.92 -11.34
CA LEU A 39 -6.68 3.58 -12.75
C LEU A 39 -5.99 2.23 -12.93
N LEU A 40 -6.10 1.37 -11.93
CA LEU A 40 -5.49 0.04 -11.98
C LEU A 40 -5.88 -0.69 -13.25
N LYS A 41 -4.99 -1.54 -13.74
CA LYS A 41 -5.25 -2.31 -14.95
C LYS A 41 -5.25 -3.81 -14.65
N VAL A 42 -5.76 -4.59 -15.59
CA VAL A 42 -5.83 -6.05 -15.43
C VAL A 42 -4.47 -6.61 -15.02
N SER A 43 -3.40 -6.04 -15.58
CA SER A 43 -2.05 -6.49 -15.28
C SER A 43 -1.70 -6.22 -13.82
N GLU A 44 -1.99 -5.01 -13.37
CA GLU A 44 -1.70 -4.61 -11.99
C GLU A 44 -2.57 -5.41 -11.01
N LEU A 45 -3.84 -5.58 -11.36
CA LEU A 45 -4.77 -6.31 -10.51
C LEU A 45 -4.28 -7.75 -10.28
N LYS A 46 -3.99 -8.44 -11.37
CA LYS A 46 -3.51 -9.82 -11.28
C LYS A 46 -2.17 -9.88 -10.54
N ASP A 47 -1.29 -8.94 -10.85
CA ASP A 47 0.03 -8.90 -10.22
C ASP A 47 -0.11 -8.87 -8.70
N ILE A 48 -0.94 -7.96 -8.19
CA ILE A 48 -1.15 -7.84 -6.75
C ILE A 48 -1.79 -9.11 -6.19
N CYS A 49 -2.90 -9.53 -6.79
CA CYS A 49 -3.60 -10.72 -6.35
C CYS A 49 -2.66 -11.92 -6.29
N ARG A 50 -1.66 -11.92 -7.16
CA ARG A 50 -0.69 -13.01 -7.22
C ARG A 50 0.29 -12.92 -6.05
N SER A 51 0.88 -11.75 -5.87
CA SER A 51 1.85 -11.54 -4.79
C SER A 51 1.20 -11.80 -3.43
N VAL A 52 0.06 -11.18 -3.20
CA VAL A 52 -0.66 -11.35 -1.95
C VAL A 52 -1.32 -12.72 -1.86
N SER A 53 -1.28 -13.46 -2.97
CA SER A 53 -1.86 -14.80 -3.01
C SER A 53 -3.37 -14.73 -2.81
N PHE A 54 -3.95 -13.56 -3.07
CA PHE A 54 -5.38 -13.37 -2.92
C PHE A 54 -6.15 -14.01 -4.06
N PRO A 55 -7.45 -14.27 -3.84
CA PRO A 55 -8.31 -14.89 -4.85
C PRO A 55 -8.60 -13.96 -6.01
N VAL A 56 -8.00 -14.25 -7.17
CA VAL A 56 -8.19 -13.44 -8.36
C VAL A 56 -9.29 -14.01 -9.24
N SER A 57 -10.19 -14.79 -8.64
CA SER A 57 -11.29 -15.40 -9.37
C SER A 57 -12.40 -14.38 -9.65
N GLY A 58 -12.34 -13.25 -8.95
CA GLY A 58 -13.33 -12.22 -9.13
C GLY A 58 -13.14 -11.43 -10.42
N ARG A 59 -13.17 -10.11 -10.30
CA ARG A 59 -12.99 -9.25 -11.47
C ARG A 59 -12.20 -8.00 -11.10
N LYS A 60 -11.82 -7.22 -12.11
CA LYS A 60 -11.06 -6.00 -11.90
C LYS A 60 -11.75 -5.11 -10.87
N ALA A 61 -13.07 -5.11 -10.88
CA ALA A 61 -13.85 -4.31 -9.94
C ALA A 61 -13.68 -4.81 -8.51
N VAL A 62 -13.68 -6.13 -8.35
CA VAL A 62 -13.53 -6.73 -7.03
C VAL A 62 -12.15 -6.45 -6.45
N LEU A 63 -11.12 -6.62 -7.27
CA LEU A 63 -9.75 -6.38 -6.84
C LEU A 63 -9.55 -4.91 -6.48
N GLN A 64 -9.87 -4.03 -7.41
CA GLN A 64 -9.72 -2.59 -7.18
C GLN A 64 -10.55 -2.14 -5.98
N ASP A 65 -11.68 -2.79 -5.78
CA ASP A 65 -12.57 -2.45 -4.66
C ASP A 65 -11.94 -2.85 -3.33
N LEU A 66 -11.33 -4.04 -3.31
CA LEU A 66 -10.68 -4.53 -2.09
C LEU A 66 -9.52 -3.63 -1.69
N ILE A 67 -8.65 -3.33 -2.65
CA ILE A 67 -7.49 -2.48 -2.40
C ILE A 67 -7.92 -1.07 -2.02
N ARG A 68 -8.83 -0.50 -2.80
CA ARG A 68 -9.33 0.84 -2.54
C ARG A 68 -9.85 0.97 -1.11
N ASN A 69 -10.70 0.03 -0.72
CA ASN A 69 -11.29 0.03 0.62
C ASN A 69 -10.20 -0.14 1.68
N PHE A 70 -9.22 -1.00 1.38
CA PHE A 70 -8.13 -1.26 2.31
C PHE A 70 -7.40 0.03 2.66
N LEU A 71 -6.99 0.77 1.65
CA LEU A 71 -6.29 2.03 1.86
C LEU A 71 -7.20 3.07 2.50
N GLN A 72 -8.46 3.07 2.09
CA GLN A 72 -9.44 4.01 2.62
C GLN A 72 -9.68 3.78 4.11
N ASN A 73 -9.74 2.50 4.49
CA ASN A 73 -9.96 2.13 5.89
C ASN A 73 -8.64 2.09 6.65
N ALA A 74 -7.53 2.08 5.92
CA ALA A 74 -6.21 2.05 6.53
C ALA A 74 -6.02 3.21 7.50
N LEU A 75 -6.82 4.25 7.31
CA LEU A 75 -6.73 5.44 8.17
C LEU A 75 -8.08 5.72 8.85
N VAL A 76 -8.49 4.80 9.71
CA VAL A 76 -9.76 4.95 10.42
C VAL A 76 -9.53 5.28 11.90
N VAL A 77 -10.37 6.14 12.45
CA VAL A 77 -10.27 6.54 13.84
C VAL A 77 -10.17 5.32 14.75
N GLY A 78 -9.01 5.14 15.37
CA GLY A 78 -8.82 4.01 16.27
C GLY A 78 -8.80 2.69 15.53
N LYS A 79 -8.15 2.66 14.37
CA LYS A 79 -8.05 1.45 13.56
C LYS A 79 -7.02 1.60 12.47
N SER A 80 -5.97 2.36 12.75
CA SER A 80 -4.90 2.59 11.78
C SER A 80 -4.40 1.28 11.20
N ASP A 81 -3.89 1.33 9.97
CA ASP A 81 -3.37 0.14 9.30
C ASP A 81 -2.39 0.52 8.20
N PRO A 82 -1.17 0.91 8.60
CA PRO A 82 -0.12 1.31 7.66
C PRO A 82 0.42 0.12 6.86
N TYR A 83 0.32 -1.07 7.44
CA TYR A 83 0.80 -2.28 6.77
C TYR A 83 0.21 -2.39 5.36
N ARG A 84 -1.10 -2.20 5.25
CA ARG A 84 -1.77 -2.28 3.96
C ARG A 84 -1.26 -1.21 3.01
N VAL A 85 -0.90 -0.06 3.57
CA VAL A 85 -0.40 1.06 2.78
C VAL A 85 0.94 0.71 2.11
N GLN A 86 1.90 0.31 2.93
CA GLN A 86 3.23 -0.06 2.43
C GLN A 86 3.12 -1.24 1.46
N ALA A 87 2.28 -2.21 1.80
CA ALA A 87 2.09 -3.38 0.95
C ALA A 87 1.59 -2.99 -0.43
N VAL A 88 0.52 -2.19 -0.47
CA VAL A 88 -0.06 -1.74 -1.72
C VAL A 88 0.94 -0.91 -2.53
N LYS A 89 1.49 0.12 -1.88
CA LYS A 89 2.46 0.99 -2.53
C LYS A 89 3.57 0.17 -3.19
N PHE A 90 4.07 -0.81 -2.47
CA PHE A 90 5.14 -1.66 -2.99
C PHE A 90 4.66 -2.45 -4.21
N LEU A 91 3.47 -3.00 -4.11
CA LEU A 91 2.89 -3.78 -5.21
C LEU A 91 2.85 -2.97 -6.49
N ILE A 92 2.28 -1.77 -6.41
CA ILE A 92 2.17 -0.89 -7.56
C ILE A 92 3.55 -0.54 -8.12
N GLU A 93 4.45 -0.14 -7.23
CA GLU A 93 5.81 0.22 -7.63
C GLU A 93 6.48 -0.94 -8.37
N ARG A 94 6.41 -2.13 -7.80
CA ARG A 94 7.01 -3.32 -8.40
C ARG A 94 6.39 -3.59 -9.76
N ILE A 95 5.10 -3.31 -9.90
CA ILE A 95 4.39 -3.53 -11.15
C ILE A 95 4.80 -2.51 -12.20
N ARG A 96 4.84 -1.25 -11.80
CA ARG A 96 5.21 -0.17 -12.71
C ARG A 96 6.71 -0.15 -12.95
N LYS A 97 7.45 -0.92 -12.14
CA LYS A 97 8.90 -0.99 -12.26
C LYS A 97 9.32 -2.34 -12.85
N ASN A 98 8.39 -3.29 -12.87
CA ASN A 98 8.67 -4.61 -13.41
C ASN A 98 9.73 -5.33 -12.57
N GLU A 99 9.28 -5.99 -11.51
CA GLU A 99 10.19 -6.71 -10.62
C GLU A 99 9.54 -7.98 -10.09
N PRO A 100 10.38 -8.91 -9.61
CA PRO A 100 9.90 -10.19 -9.06
C PRO A 100 9.17 -10.03 -7.74
N LEU A 101 7.85 -10.23 -7.77
CA LEU A 101 7.03 -10.11 -6.57
C LEU A 101 7.35 -11.22 -5.57
N PRO A 102 7.92 -10.83 -4.42
CA PRO A 102 8.28 -11.79 -3.36
C PRO A 102 7.05 -12.38 -2.67
N VAL A 103 7.29 -13.09 -1.57
CA VAL A 103 6.20 -13.71 -0.82
C VAL A 103 5.43 -12.67 -0.01
N TYR A 104 4.11 -12.86 0.08
CA TYR A 104 3.26 -11.94 0.82
C TYR A 104 3.68 -11.89 2.29
N LYS A 105 3.92 -13.06 2.87
CA LYS A 105 4.32 -13.15 4.27
C LYS A 105 5.72 -12.58 4.47
N ASP A 106 6.66 -13.01 3.62
CA ASP A 106 8.04 -12.55 3.72
C ASP A 106 8.11 -11.03 3.55
N LEU A 107 7.52 -10.53 2.47
CA LEU A 107 7.51 -9.10 2.20
C LEU A 107 6.84 -8.32 3.33
N TRP A 108 5.61 -8.71 3.65
CA TRP A 108 4.85 -8.06 4.71
C TRP A 108 5.67 -8.01 6.00
N ASN A 109 6.18 -9.16 6.41
CA ASN A 109 6.98 -9.25 7.64
C ASN A 109 8.19 -8.33 7.56
N ALA A 110 8.80 -8.26 6.38
CA ALA A 110 9.97 -7.41 6.17
C ALA A 110 9.62 -5.94 6.38
N LEU A 111 8.54 -5.51 5.74
CA LEU A 111 8.11 -4.11 5.85
C LEU A 111 7.56 -3.82 7.24
N ARG A 112 7.05 -4.86 7.90
CA ARG A 112 6.49 -4.71 9.24
C ARG A 112 7.59 -4.42 10.26
N LYS A 113 8.61 -5.27 10.29
CA LYS A 113 9.73 -5.10 11.21
C LYS A 113 10.67 -4.01 10.73
N GLY A 114 10.68 -3.77 9.41
CA GLY A 114 11.55 -2.75 8.85
C GLY A 114 11.06 -2.27 7.50
N GLY A 1 8.17 16.51 -15.05
CA GLY A 1 7.53 16.93 -13.82
C GLY A 1 8.43 17.78 -12.96
N SER A 2 8.02 19.02 -12.73
CA SER A 2 8.80 19.95 -11.91
C SER A 2 8.10 21.29 -11.78
N HIS A 3 7.41 21.70 -12.85
CA HIS A 3 6.69 22.96 -12.87
C HIS A 3 5.36 22.83 -12.13
N MET A 4 5.07 21.64 -11.64
CA MET A 4 3.83 21.37 -10.91
C MET A 4 4.07 20.43 -9.74
N ILE A 5 5.34 20.25 -9.39
CA ILE A 5 5.70 19.37 -8.27
C ILE A 5 6.88 19.93 -7.51
N ASN A 6 7.54 19.06 -6.73
CA ASN A 6 8.69 19.47 -5.94
C ASN A 6 9.32 18.28 -5.23
N LEU A 7 10.64 18.19 -5.26
CA LEU A 7 11.36 17.10 -4.62
C LEU A 7 11.10 17.09 -3.11
N GLU A 8 10.96 18.28 -2.53
CA GLU A 8 10.72 18.40 -1.10
C GLU A 8 9.25 18.11 -0.77
N ASP A 9 8.45 17.88 -1.82
CA ASP A 9 7.03 17.58 -1.64
C ASP A 9 6.70 16.18 -2.14
N TYR A 10 7.69 15.30 -2.12
CA TYR A 10 7.51 13.94 -2.58
C TYR A 10 8.79 13.13 -2.42
N TRP A 11 9.56 13.45 -1.39
CA TRP A 11 10.82 12.76 -1.11
C TRP A 11 10.58 11.56 -0.19
N GLU A 12 9.39 11.48 0.38
CA GLU A 12 9.05 10.39 1.29
C GLU A 12 8.09 9.40 0.63
N ASP A 13 8.64 8.32 0.08
CA ASP A 13 7.83 7.31 -0.58
C ASP A 13 8.08 5.93 0.03
N GLU A 14 8.68 5.91 1.21
CA GLU A 14 8.98 4.65 1.89
C GLU A 14 9.06 4.85 3.40
N THR A 15 8.16 5.68 3.93
CA THR A 15 8.12 5.96 5.36
C THR A 15 6.89 5.35 6.02
N PRO A 16 7.03 4.94 7.28
CA PRO A 16 5.93 4.33 8.04
C PRO A 16 4.85 5.33 8.39
N GLY A 17 3.90 4.91 9.23
CA GLY A 17 2.81 5.79 9.62
C GLY A 17 2.36 5.53 11.05
N PRO A 18 1.58 6.47 11.60
CA PRO A 18 1.05 6.37 12.96
C PRO A 18 0.01 5.27 13.10
N ASP A 19 -0.62 5.22 14.27
CA ASP A 19 -1.65 4.21 14.53
C ASP A 19 -2.89 4.85 15.17
N ARG A 20 -3.08 6.14 14.89
CA ARG A 20 -4.23 6.86 15.44
C ARG A 20 -4.24 8.31 14.94
N GLU A 21 -3.35 9.13 15.48
CA GLU A 21 -3.27 10.53 15.09
C GLU A 21 -3.00 10.65 13.58
N PRO A 22 -3.90 11.37 12.89
CA PRO A 22 -3.79 11.58 11.44
C PRO A 22 -2.63 12.50 11.08
N THR A 23 -1.83 12.08 10.10
CA THR A 23 -0.68 12.87 9.66
C THR A 23 -0.82 13.28 8.20
N ASN A 24 -0.47 14.52 7.90
CA ASN A 24 -0.56 15.03 6.53
C ASN A 24 0.13 14.09 5.55
N GLU A 25 1.31 13.62 5.94
CA GLU A 25 2.08 12.71 5.09
C GLU A 25 1.21 11.53 4.62
N LEU A 26 0.53 10.89 5.57
CA LEU A 26 -0.33 9.77 5.25
C LEU A 26 -1.54 10.22 4.43
N ARG A 27 -2.00 11.44 4.69
CA ARG A 27 -3.15 11.98 3.97
C ARG A 27 -2.83 12.15 2.48
N ASN A 28 -1.72 12.81 2.19
CA ASN A 28 -1.31 13.03 0.81
C ASN A 28 -0.82 11.73 0.17
N GLU A 29 -0.30 10.82 1.00
CA GLU A 29 0.20 9.55 0.52
C GLU A 29 -0.94 8.63 0.10
N VAL A 30 -1.98 8.58 0.93
CA VAL A 30 -3.14 7.74 0.64
C VAL A 30 -3.98 8.33 -0.49
N GLU A 31 -4.05 9.65 -0.53
CA GLU A 31 -4.82 10.34 -1.57
C GLU A 31 -4.17 10.16 -2.94
N GLU A 32 -2.88 10.42 -3.02
CA GLU A 32 -2.14 10.28 -4.27
C GLU A 32 -2.06 8.81 -4.69
N THR A 33 -1.89 7.93 -3.71
CA THR A 33 -1.78 6.51 -3.97
C THR A 33 -3.11 5.94 -4.47
N ILE A 34 -4.19 6.33 -3.82
CA ILE A 34 -5.52 5.86 -4.22
C ILE A 34 -5.92 6.41 -5.58
N THR A 35 -5.55 7.66 -5.84
CA THR A 35 -5.87 8.30 -7.10
C THR A 35 -5.11 7.66 -8.25
N LEU A 36 -3.82 7.41 -8.05
CA LEU A 36 -2.98 6.79 -9.08
C LEU A 36 -3.33 5.31 -9.23
N MET A 37 -3.52 4.63 -8.10
CA MET A 37 -3.85 3.21 -8.12
C MET A 37 -5.28 2.99 -8.62
N GLU A 38 -6.11 4.03 -8.50
CA GLU A 38 -7.50 3.95 -8.93
C GLU A 38 -7.58 3.54 -10.40
N LEU A 39 -6.50 3.79 -11.14
CA LEU A 39 -6.46 3.46 -12.56
C LEU A 39 -5.84 2.08 -12.77
N LEU A 40 -5.86 1.26 -11.73
CA LEU A 40 -5.29 -0.09 -11.80
C LEU A 40 -5.90 -0.87 -12.97
N LYS A 41 -5.05 -1.55 -13.73
CA LYS A 41 -5.51 -2.34 -14.86
C LYS A 41 -5.48 -3.83 -14.53
N VAL A 42 -6.02 -4.64 -15.43
CA VAL A 42 -6.05 -6.09 -15.23
C VAL A 42 -4.68 -6.63 -14.89
N SER A 43 -3.65 -6.07 -15.52
CA SER A 43 -2.28 -6.50 -15.28
C SER A 43 -1.89 -6.26 -13.83
N GLU A 44 -2.12 -5.04 -13.34
CA GLU A 44 -1.79 -4.69 -11.96
C GLU A 44 -2.61 -5.51 -10.98
N LEU A 45 -3.93 -5.50 -11.17
CA LEU A 45 -4.83 -6.24 -10.29
C LEU A 45 -4.40 -7.70 -10.18
N LYS A 46 -4.23 -8.36 -11.32
CA LYS A 46 -3.82 -9.75 -11.35
C LYS A 46 -2.48 -9.94 -10.63
N ASP A 47 -1.55 -9.04 -10.91
CA ASP A 47 -0.23 -9.11 -10.29
C ASP A 47 -0.34 -9.17 -8.77
N ILE A 48 -1.11 -8.25 -8.20
CA ILE A 48 -1.30 -8.20 -6.76
C ILE A 48 -2.03 -9.44 -6.26
N CYS A 49 -3.15 -9.76 -6.91
CA CYS A 49 -3.94 -10.92 -6.53
C CYS A 49 -3.07 -12.17 -6.43
N ARG A 50 -2.10 -12.28 -7.33
CA ARG A 50 -1.19 -13.42 -7.35
C ARG A 50 -0.19 -13.33 -6.20
N SER A 51 0.49 -12.19 -6.10
CA SER A 51 1.49 -11.98 -5.05
C SER A 51 0.90 -12.29 -3.68
N VAL A 52 -0.25 -11.69 -3.39
CA VAL A 52 -0.91 -11.89 -2.11
C VAL A 52 -1.55 -13.28 -2.03
N SER A 53 -1.54 -13.99 -3.16
CA SER A 53 -2.12 -15.33 -3.22
C SER A 53 -3.62 -15.28 -2.97
N PHE A 54 -4.23 -14.13 -3.26
CA PHE A 54 -5.67 -13.96 -3.07
C PHE A 54 -6.44 -14.50 -4.26
N PRO A 55 -7.73 -14.80 -4.04
CA PRO A 55 -8.62 -15.33 -5.08
C PRO A 55 -8.93 -14.30 -6.16
N VAL A 56 -8.40 -14.52 -7.36
CA VAL A 56 -8.62 -13.62 -8.48
C VAL A 56 -9.78 -14.09 -9.35
N SER A 57 -10.68 -14.87 -8.76
CA SER A 57 -11.83 -15.39 -9.47
C SER A 57 -12.85 -14.27 -9.75
N GLY A 58 -12.67 -13.14 -9.08
CA GLY A 58 -13.57 -12.02 -9.27
C GLY A 58 -13.30 -11.27 -10.56
N ARG A 59 -13.23 -9.94 -10.46
CA ARG A 59 -12.98 -9.11 -11.64
C ARG A 59 -12.12 -7.91 -11.26
N LYS A 60 -11.81 -7.08 -12.26
CA LYS A 60 -11.00 -5.89 -12.04
C LYS A 60 -11.64 -4.97 -11.02
N ALA A 61 -12.97 -4.89 -11.07
CA ALA A 61 -13.72 -4.03 -10.14
C ALA A 61 -13.59 -4.54 -8.71
N VAL A 62 -13.71 -5.86 -8.54
CA VAL A 62 -13.61 -6.47 -7.22
C VAL A 62 -12.22 -6.27 -6.62
N LEU A 63 -11.19 -6.52 -7.42
CA LEU A 63 -9.82 -6.36 -6.97
C LEU A 63 -9.53 -4.92 -6.59
N GLN A 64 -9.78 -4.01 -7.53
CA GLN A 64 -9.55 -2.58 -7.29
C GLN A 64 -10.36 -2.09 -6.10
N ASP A 65 -11.54 -2.67 -5.93
CA ASP A 65 -12.42 -2.29 -4.83
C ASP A 65 -11.85 -2.73 -3.49
N LEU A 66 -11.30 -3.94 -3.46
CA LEU A 66 -10.71 -4.49 -2.24
C LEU A 66 -9.49 -3.66 -1.81
N ILE A 67 -8.58 -3.43 -2.74
CA ILE A 67 -7.37 -2.67 -2.46
C ILE A 67 -7.72 -1.24 -2.07
N ARG A 68 -8.55 -0.59 -2.88
CA ARG A 68 -8.96 0.79 -2.61
C ARG A 68 -9.54 0.92 -1.21
N ASN A 69 -10.48 0.03 -0.88
CA ASN A 69 -11.12 0.05 0.43
C ASN A 69 -10.10 -0.21 1.54
N PHE A 70 -9.15 -1.10 1.27
CA PHE A 70 -8.12 -1.43 2.25
C PHE A 70 -7.33 -0.19 2.65
N LEU A 71 -6.86 0.56 1.65
CA LEU A 71 -6.09 1.77 1.90
C LEU A 71 -6.96 2.86 2.51
N GLN A 72 -8.22 2.91 2.07
CA GLN A 72 -9.16 3.91 2.58
C GLN A 72 -9.49 3.64 4.05
N ASN A 73 -9.64 2.38 4.40
CA ASN A 73 -9.96 1.98 5.77
C ASN A 73 -8.69 1.86 6.61
N ALA A 74 -7.55 1.79 5.94
CA ALA A 74 -6.26 1.68 6.61
C ALA A 74 -6.02 2.86 7.54
N LEU A 75 -6.76 3.94 7.30
CA LEU A 75 -6.62 5.15 8.11
C LEU A 75 -7.94 5.51 8.78
N VAL A 76 -8.44 4.60 9.63
CA VAL A 76 -9.68 4.82 10.34
C VAL A 76 -9.43 5.22 11.79
N VAL A 77 -10.23 6.16 12.29
CA VAL A 77 -10.09 6.62 13.66
C VAL A 77 -10.51 5.55 14.65
N GLY A 78 -9.54 5.03 15.41
CA GLY A 78 -9.83 4.00 16.38
C GLY A 78 -9.59 2.60 15.84
N LYS A 79 -8.68 2.49 14.89
CA LYS A 79 -8.36 1.20 14.28
C LYS A 79 -6.98 1.22 13.64
N SER A 80 -6.82 2.04 12.62
CA SER A 80 -5.55 2.16 11.92
C SER A 80 -5.17 0.85 11.23
N ASP A 81 -4.30 0.93 10.23
CA ASP A 81 -3.87 -0.26 9.51
C ASP A 81 -2.87 0.11 8.42
N PRO A 82 -1.61 0.38 8.83
CA PRO A 82 -0.54 0.76 7.91
C PRO A 82 -0.10 -0.41 7.03
N TYR A 83 -0.34 -1.63 7.50
CA TYR A 83 0.02 -2.83 6.75
C TYR A 83 -0.51 -2.77 5.33
N ARG A 84 -1.77 -2.35 5.19
CA ARG A 84 -2.39 -2.25 3.87
C ARG A 84 -1.66 -1.23 3.00
N VAL A 85 -1.18 -0.16 3.63
CA VAL A 85 -0.47 0.88 2.91
C VAL A 85 0.86 0.37 2.36
N GLN A 86 1.71 -0.14 3.25
CA GLN A 86 3.01 -0.66 2.85
C GLN A 86 2.85 -1.74 1.79
N ALA A 87 1.89 -2.63 1.99
CA ALA A 87 1.64 -3.71 1.04
C ALA A 87 1.28 -3.17 -0.33
N VAL A 88 0.31 -2.25 -0.36
CA VAL A 88 -0.13 -1.65 -1.62
C VAL A 88 1.00 -0.88 -2.29
N LYS A 89 1.66 -0.02 -1.52
CA LYS A 89 2.78 0.77 -2.05
C LYS A 89 3.80 -0.13 -2.75
N PHE A 90 4.21 -1.19 -2.08
CA PHE A 90 5.19 -2.12 -2.63
C PHE A 90 4.66 -2.75 -3.92
N LEU A 91 3.43 -3.23 -3.88
CA LEU A 91 2.81 -3.86 -5.05
C LEU A 91 2.79 -2.89 -6.23
N ILE A 92 2.28 -1.68 -5.99
CA ILE A 92 2.21 -0.67 -7.03
C ILE A 92 3.58 -0.41 -7.66
N GLU A 93 4.59 -0.27 -6.81
CA GLU A 93 5.95 -0.03 -7.29
C GLU A 93 6.41 -1.15 -8.21
N ARG A 94 6.32 -2.39 -7.73
CA ARG A 94 6.73 -3.55 -8.51
C ARG A 94 6.07 -3.53 -9.89
N ILE A 95 4.77 -3.31 -9.91
CA ILE A 95 4.03 -3.26 -11.17
C ILE A 95 4.45 -2.06 -12.01
N ARG A 96 4.76 -0.96 -11.34
CA ARG A 96 5.18 0.26 -12.03
C ARG A 96 6.61 0.13 -12.55
N LYS A 97 7.33 -0.86 -12.04
CA LYS A 97 8.71 -1.09 -12.45
C LYS A 97 8.81 -2.33 -13.33
N ASN A 98 7.75 -3.13 -13.35
CA ASN A 98 7.72 -4.34 -14.15
C ASN A 98 8.77 -5.34 -13.66
N GLU A 99 8.59 -5.82 -12.43
CA GLU A 99 9.52 -6.78 -11.85
C GLU A 99 8.78 -7.73 -10.89
N PRO A 100 9.42 -8.87 -10.61
CA PRO A 100 8.85 -9.89 -9.72
C PRO A 100 8.81 -9.44 -8.27
N LEU A 101 7.65 -9.55 -7.65
CA LEU A 101 7.48 -9.15 -6.25
C LEU A 101 8.04 -10.20 -5.31
N PRO A 102 8.52 -9.76 -4.14
CA PRO A 102 9.08 -10.66 -3.12
C PRO A 102 8.02 -11.54 -2.47
N VAL A 103 8.44 -12.33 -1.48
CA VAL A 103 7.53 -13.22 -0.78
C VAL A 103 6.52 -12.44 0.05
N TYR A 104 5.29 -12.93 0.11
CA TYR A 104 4.24 -12.28 0.87
C TYR A 104 4.59 -12.22 2.36
N LYS A 105 5.06 -13.35 2.89
CA LYS A 105 5.44 -13.43 4.30
C LYS A 105 6.68 -12.58 4.58
N ASP A 106 7.71 -12.76 3.76
CA ASP A 106 8.95 -12.01 3.92
C ASP A 106 8.70 -10.51 3.79
N LEU A 107 8.07 -10.12 2.70
CA LEU A 107 7.76 -8.71 2.45
C LEU A 107 6.96 -8.11 3.60
N TRP A 108 5.89 -8.81 3.98
CA TRP A 108 5.03 -8.35 5.08
C TRP A 108 5.84 -8.14 6.35
N ASN A 109 6.59 -9.17 6.74
CA ASN A 109 7.41 -9.08 7.95
C ASN A 109 8.44 -7.96 7.83
N ALA A 110 9.03 -7.83 6.65
CA ALA A 110 10.03 -6.81 6.41
C ALA A 110 9.44 -5.41 6.55
N LEU A 111 8.30 -5.20 5.90
CA LEU A 111 7.62 -3.90 5.95
C LEU A 111 7.05 -3.65 7.34
N ARG A 112 6.75 -4.72 8.06
CA ARG A 112 6.20 -4.61 9.42
C ARG A 112 7.26 -4.08 10.39
N LYS A 113 8.41 -4.74 10.42
CA LYS A 113 9.50 -4.34 11.30
C LYS A 113 10.22 -3.12 10.75
N GLY A 114 10.11 -2.91 9.45
CA GLY A 114 10.76 -1.77 8.83
C GLY A 114 12.27 -1.96 8.69
N GLY A 1 15.71 22.75 -6.87
CA GLY A 1 14.98 22.36 -5.68
C GLY A 1 15.88 22.08 -4.51
N SER A 2 15.73 22.87 -3.45
CA SER A 2 16.55 22.70 -2.25
C SER A 2 16.16 23.72 -1.18
N HIS A 3 15.80 24.93 -1.63
CA HIS A 3 15.40 25.99 -0.71
C HIS A 3 13.96 25.80 -0.24
N MET A 4 13.32 24.74 -0.73
CA MET A 4 11.94 24.44 -0.36
C MET A 4 11.73 22.94 -0.22
N ILE A 5 12.83 22.19 -0.15
CA ILE A 5 12.76 20.74 -0.02
C ILE A 5 13.87 20.22 0.88
N ASN A 6 14.15 18.93 0.78
CA ASN A 6 15.19 18.31 1.59
C ASN A 6 15.41 16.84 1.18
N LEU A 7 16.67 16.45 1.07
CA LEU A 7 17.01 15.09 0.68
C LEU A 7 16.64 14.10 1.78
N GLU A 8 16.74 14.54 3.03
CA GLU A 8 16.40 13.69 4.17
C GLU A 8 14.90 13.70 4.43
N ASP A 9 14.16 14.42 3.59
CA ASP A 9 12.71 14.51 3.73
C ASP A 9 12.00 13.97 2.50
N TYR A 10 12.74 13.26 1.66
CA TYR A 10 12.19 12.70 0.44
C TYR A 10 11.52 11.35 0.71
N TRP A 11 11.76 10.81 1.89
CA TRP A 11 11.18 9.53 2.28
C TRP A 11 10.43 9.65 3.60
N GLU A 12 10.95 10.48 4.50
CA GLU A 12 10.32 10.69 5.81
C GLU A 12 10.35 9.40 6.62
N ASP A 13 11.15 9.40 7.68
CA ASP A 13 11.26 8.23 8.55
C ASP A 13 11.33 8.65 10.02
N GLU A 14 10.94 9.90 10.29
CA GLU A 14 10.96 10.42 11.65
C GLU A 14 9.55 10.67 12.16
N THR A 15 8.61 9.83 11.72
CA THR A 15 7.22 9.97 12.12
C THR A 15 6.92 9.14 13.37
N PRO A 16 5.98 9.61 14.20
CA PRO A 16 5.59 8.92 15.43
C PRO A 16 4.84 7.62 15.15
N GLY A 17 4.32 7.00 16.21
CA GLY A 17 3.58 5.75 16.05
C GLY A 17 2.29 5.75 16.84
N PRO A 18 1.33 6.61 16.42
CA PRO A 18 0.03 6.71 17.08
C PRO A 18 -0.83 5.48 16.86
N ASP A 19 -2.10 5.57 17.26
CA ASP A 19 -3.03 4.46 17.10
C ASP A 19 -4.39 4.96 16.61
N ARG A 20 -4.41 6.17 16.06
CA ARG A 20 -5.64 6.75 15.56
C ARG A 20 -5.38 8.13 14.95
N GLU A 21 -4.44 8.86 15.54
CA GLU A 21 -4.09 10.19 15.07
C GLU A 21 -3.64 10.15 13.61
N PRO A 22 -4.33 10.92 12.75
CA PRO A 22 -4.02 10.98 11.32
C PRO A 22 -2.70 11.69 11.05
N THR A 23 -2.39 11.89 9.77
CA THR A 23 -1.15 12.55 9.38
C THR A 23 -1.23 13.07 7.95
N ASN A 24 -0.72 14.28 7.73
CA ASN A 24 -0.74 14.89 6.40
C ASN A 24 -0.17 13.93 5.36
N GLU A 25 0.94 13.29 5.70
CA GLU A 25 1.59 12.36 4.79
C GLU A 25 0.74 11.11 4.60
N LEU A 26 0.01 10.73 5.65
CA LEU A 26 -0.84 9.55 5.59
C LEU A 26 -1.95 9.72 4.56
N ARG A 27 -2.71 10.81 4.68
CA ARG A 27 -3.79 11.09 3.76
C ARG A 27 -3.25 11.47 2.38
N ASN A 28 -2.08 12.10 2.37
CA ASN A 28 -1.46 12.52 1.12
C ASN A 28 -0.98 11.31 0.31
N GLU A 29 -0.27 10.42 0.98
CA GLU A 29 0.26 9.22 0.33
C GLU A 29 -0.89 8.31 -0.11
N VAL A 30 -1.89 8.17 0.75
CA VAL A 30 -3.03 7.32 0.45
C VAL A 30 -3.81 7.85 -0.74
N GLU A 31 -4.08 9.16 -0.73
CA GLU A 31 -4.82 9.79 -1.82
C GLU A 31 -4.10 9.61 -3.15
N GLU A 32 -2.81 9.92 -3.16
CA GLU A 32 -2.01 9.78 -4.38
C GLU A 32 -1.93 8.33 -4.82
N THR A 33 -1.66 7.44 -3.86
CA THR A 33 -1.55 6.01 -4.15
C THR A 33 -2.86 5.47 -4.71
N ILE A 34 -3.98 5.92 -4.15
CA ILE A 34 -5.30 5.48 -4.60
C ILE A 34 -5.59 5.99 -6.01
N THR A 35 -5.18 7.22 -6.28
CA THR A 35 -5.41 7.82 -7.59
C THR A 35 -4.61 7.10 -8.68
N LEU A 36 -3.36 6.80 -8.38
CA LEU A 36 -2.49 6.10 -9.34
C LEU A 36 -2.88 4.63 -9.45
N MET A 37 -3.14 4.00 -8.30
CA MET A 37 -3.51 2.60 -8.28
C MET A 37 -4.92 2.40 -8.83
N GLU A 38 -5.71 3.47 -8.81
CA GLU A 38 -7.08 3.42 -9.31
C GLU A 38 -7.10 2.94 -10.76
N LEU A 39 -5.98 3.09 -11.45
CA LEU A 39 -5.88 2.67 -12.84
C LEU A 39 -5.35 1.23 -12.95
N LEU A 40 -5.50 0.48 -11.86
CA LEU A 40 -5.05 -0.90 -11.83
C LEU A 40 -5.59 -1.68 -13.02
N LYS A 41 -4.74 -1.91 -14.02
CA LYS A 41 -5.13 -2.65 -15.21
C LYS A 41 -5.17 -4.15 -14.93
N VAL A 42 -5.66 -4.92 -15.91
CA VAL A 42 -5.75 -6.36 -15.78
C VAL A 42 -4.41 -6.95 -15.33
N SER A 43 -3.32 -6.41 -15.84
CA SER A 43 -1.99 -6.88 -15.50
C SER A 43 -1.71 -6.69 -14.01
N GLU A 44 -1.98 -5.48 -13.52
CA GLU A 44 -1.76 -5.16 -12.11
C GLU A 44 -2.71 -5.95 -11.22
N LEU A 45 -4.00 -5.92 -11.55
CA LEU A 45 -5.00 -6.64 -10.78
C LEU A 45 -4.60 -8.10 -10.57
N LYS A 46 -4.21 -8.76 -11.66
CA LYS A 46 -3.80 -10.15 -11.59
C LYS A 46 -2.52 -10.31 -10.78
N ASP A 47 -1.53 -9.47 -11.07
CA ASP A 47 -0.26 -9.50 -10.36
C ASP A 47 -0.47 -9.40 -8.86
N ILE A 48 -1.25 -8.40 -8.45
CA ILE A 48 -1.52 -8.18 -7.03
C ILE A 48 -2.24 -9.39 -6.43
N CYS A 49 -3.34 -9.79 -7.06
CA CYS A 49 -4.12 -10.93 -6.58
C CYS A 49 -3.23 -12.15 -6.35
N ARG A 50 -2.23 -12.31 -7.23
CA ARG A 50 -1.31 -13.43 -7.13
C ARG A 50 -0.34 -13.24 -5.96
N SER A 51 0.32 -12.10 -5.95
CA SER A 51 1.29 -11.79 -4.89
C SER A 51 0.63 -11.88 -3.51
N VAL A 52 -0.66 -11.57 -3.46
CA VAL A 52 -1.41 -11.62 -2.21
C VAL A 52 -2.14 -12.95 -2.06
N SER A 53 -2.16 -13.73 -3.13
CA SER A 53 -2.82 -15.02 -3.12
C SER A 53 -4.33 -14.86 -3.00
N PHE A 54 -4.80 -13.63 -3.20
CA PHE A 54 -6.22 -13.33 -3.11
C PHE A 54 -6.99 -13.97 -4.27
N PRO A 55 -8.31 -14.12 -4.10
CA PRO A 55 -9.18 -14.71 -5.13
C PRO A 55 -9.33 -13.81 -6.35
N VAL A 56 -8.74 -14.23 -7.47
CA VAL A 56 -8.81 -13.46 -8.70
C VAL A 56 -9.94 -13.97 -9.59
N SER A 57 -10.95 -14.58 -8.96
CA SER A 57 -12.09 -15.11 -9.70
C SER A 57 -13.13 -14.01 -9.95
N GLY A 58 -12.97 -12.89 -9.26
CA GLY A 58 -13.90 -11.78 -9.43
C GLY A 58 -13.65 -10.99 -10.69
N ARG A 59 -13.60 -9.67 -10.56
CA ARG A 59 -13.36 -8.81 -11.71
C ARG A 59 -12.49 -7.62 -11.33
N LYS A 60 -12.08 -6.85 -12.33
CA LYS A 60 -11.24 -5.67 -12.09
C LYS A 60 -11.87 -4.75 -11.04
N ALA A 61 -13.19 -4.67 -11.06
CA ALA A 61 -13.91 -3.83 -10.10
C ALA A 61 -13.75 -4.36 -8.68
N VAL A 62 -13.86 -5.67 -8.53
CA VAL A 62 -13.73 -6.31 -7.22
C VAL A 62 -12.33 -6.10 -6.65
N LEU A 63 -11.32 -6.34 -7.47
CA LEU A 63 -9.93 -6.18 -7.05
C LEU A 63 -9.64 -4.73 -6.65
N GLN A 64 -9.92 -3.81 -7.57
CA GLN A 64 -9.70 -2.40 -7.31
C GLN A 64 -10.48 -1.93 -6.09
N ASP A 65 -11.66 -2.53 -5.88
CA ASP A 65 -12.50 -2.18 -4.75
C ASP A 65 -11.88 -2.64 -3.44
N LEU A 66 -11.30 -3.84 -3.45
CA LEU A 66 -10.67 -4.39 -2.26
C LEU A 66 -9.42 -3.59 -1.88
N ILE A 67 -8.67 -3.16 -2.89
CA ILE A 67 -7.45 -2.39 -2.66
C ILE A 67 -7.78 -0.99 -2.16
N ARG A 68 -8.65 -0.29 -2.88
CA ARG A 68 -9.05 1.06 -2.49
C ARG A 68 -9.65 1.07 -1.09
N ASN A 69 -10.44 0.06 -0.78
CA ASN A 69 -11.07 -0.05 0.54
C ASN A 69 -10.03 -0.31 1.62
N PHE A 70 -9.11 -1.24 1.34
CA PHE A 70 -8.06 -1.59 2.29
C PHE A 70 -7.26 -0.35 2.69
N LEU A 71 -6.88 0.45 1.71
CA LEU A 71 -6.11 1.67 1.96
C LEU A 71 -6.94 2.69 2.73
N GLN A 72 -8.14 2.96 2.24
CA GLN A 72 -9.03 3.92 2.88
C GLN A 72 -9.36 3.48 4.30
N ASN A 73 -9.35 2.17 4.53
CA ASN A 73 -9.65 1.63 5.84
C ASN A 73 -8.42 1.63 6.73
N ALA A 74 -7.24 1.59 6.11
CA ALA A 74 -5.98 1.61 6.84
C ALA A 74 -5.87 2.83 7.73
N LEU A 75 -6.66 3.86 7.41
CA LEU A 75 -6.64 5.10 8.19
C LEU A 75 -8.02 5.37 8.80
N VAL A 76 -8.46 4.46 9.66
CA VAL A 76 -9.75 4.60 10.32
C VAL A 76 -9.58 4.95 11.80
N VAL A 77 -10.46 5.81 12.31
CA VAL A 77 -10.40 6.22 13.71
C VAL A 77 -10.53 5.03 14.64
N GLY A 78 -9.49 4.78 15.42
CA GLY A 78 -9.51 3.67 16.36
C GLY A 78 -9.36 2.33 15.66
N LYS A 79 -8.67 2.34 14.52
CA LYS A 79 -8.45 1.11 13.75
C LYS A 79 -7.34 1.31 12.73
N SER A 80 -6.34 2.11 13.09
CA SER A 80 -5.22 2.38 12.19
C SER A 80 -4.65 1.09 11.62
N ASP A 81 -3.93 1.20 10.51
CA ASP A 81 -3.32 0.03 9.87
C ASP A 81 -2.39 0.46 8.74
N PRO A 82 -1.21 0.98 9.10
CA PRO A 82 -0.22 1.44 8.14
C PRO A 82 0.42 0.28 7.37
N TYR A 83 0.38 -0.91 7.97
CA TYR A 83 0.95 -2.10 7.35
C TYR A 83 0.45 -2.26 5.93
N ARG A 84 -0.87 -2.29 5.76
CA ARG A 84 -1.48 -2.44 4.45
C ARG A 84 -1.09 -1.29 3.53
N VAL A 85 -0.91 -0.11 4.12
CA VAL A 85 -0.53 1.07 3.34
C VAL A 85 0.81 0.88 2.65
N GLN A 86 1.83 0.56 3.43
CA GLN A 86 3.17 0.34 2.90
C GLN A 86 3.19 -0.86 1.96
N ALA A 87 2.43 -1.90 2.32
CA ALA A 87 2.36 -3.11 1.51
C ALA A 87 1.77 -2.81 0.13
N VAL A 88 0.64 -2.14 0.10
CA VAL A 88 -0.03 -1.79 -1.15
C VAL A 88 0.85 -0.86 -1.99
N LYS A 89 1.35 0.19 -1.36
CA LYS A 89 2.19 1.16 -2.04
C LYS A 89 3.38 0.46 -2.72
N PHE A 90 4.03 -0.42 -1.98
CA PHE A 90 5.18 -1.15 -2.51
C PHE A 90 4.78 -2.01 -3.70
N LEU A 91 3.71 -2.77 -3.54
CA LEU A 91 3.21 -3.64 -4.60
C LEU A 91 2.86 -2.83 -5.85
N ILE A 92 2.08 -1.78 -5.66
CA ILE A 92 1.68 -0.91 -6.77
C ILE A 92 2.89 -0.41 -7.54
N GLU A 93 3.84 0.17 -6.82
CA GLU A 93 5.06 0.70 -7.44
C GLU A 93 5.81 -0.41 -8.18
N ARG A 94 5.95 -1.56 -7.54
CA ARG A 94 6.65 -2.69 -8.13
C ARG A 94 6.08 -3.01 -9.52
N ILE A 95 4.76 -3.13 -9.60
CA ILE A 95 4.10 -3.43 -10.86
C ILE A 95 4.19 -2.25 -11.82
N ARG A 96 4.22 -1.04 -11.27
CA ARG A 96 4.30 0.17 -12.07
C ARG A 96 5.71 0.36 -12.63
N LYS A 97 6.68 -0.32 -12.02
CA LYS A 97 8.06 -0.23 -12.46
C LYS A 97 8.55 -1.56 -13.04
N ASN A 98 7.70 -2.58 -12.93
CA ASN A 98 8.04 -3.90 -13.45
C ASN A 98 9.20 -4.51 -12.66
N GLU A 99 8.85 -5.27 -11.62
CA GLU A 99 9.87 -5.90 -10.78
C GLU A 99 9.36 -7.23 -10.22
N PRO A 100 10.28 -8.09 -9.78
CA PRO A 100 9.95 -9.39 -9.22
C PRO A 100 9.26 -9.28 -7.85
N LEU A 101 7.97 -9.56 -7.83
CA LEU A 101 7.19 -9.49 -6.60
C LEU A 101 7.59 -10.61 -5.63
N PRO A 102 8.18 -10.23 -4.50
CA PRO A 102 8.63 -11.19 -3.48
C PRO A 102 7.44 -11.86 -2.77
N VAL A 103 7.75 -12.59 -1.70
CA VAL A 103 6.71 -13.27 -0.92
C VAL A 103 5.92 -12.28 -0.09
N TYR A 104 4.62 -12.53 0.03
CA TYR A 104 3.73 -11.65 0.80
C TYR A 104 4.14 -11.65 2.27
N LYS A 105 4.43 -12.83 2.81
CA LYS A 105 4.83 -12.94 4.21
C LYS A 105 6.22 -12.33 4.43
N ASP A 106 7.16 -12.68 3.56
CA ASP A 106 8.52 -12.15 3.67
C ASP A 106 8.53 -10.63 3.53
N LEU A 107 7.93 -10.14 2.46
CA LEU A 107 7.87 -8.70 2.20
C LEU A 107 7.17 -7.97 3.34
N TRP A 108 6.01 -8.49 3.74
CA TRP A 108 5.24 -7.89 4.83
C TRP A 108 6.07 -7.82 6.11
N ASN A 109 6.64 -8.95 6.51
CA ASN A 109 7.45 -9.02 7.71
C ASN A 109 8.63 -8.04 7.63
N ALA A 110 9.20 -7.92 6.43
CA ALA A 110 10.32 -7.02 6.21
C ALA A 110 9.93 -5.56 6.46
N LEU A 111 8.81 -5.16 5.86
CA LEU A 111 8.31 -3.79 6.00
C LEU A 111 7.77 -3.56 7.41
N ARG A 112 7.33 -4.64 8.06
CA ARG A 112 6.79 -4.54 9.41
C ARG A 112 7.89 -4.22 10.41
N LYS A 113 8.95 -5.03 10.40
CA LYS A 113 10.07 -4.83 11.31
C LYS A 113 10.97 -3.70 10.83
N GLY A 114 10.95 -3.45 9.52
CA GLY A 114 11.76 -2.38 8.96
C GLY A 114 11.36 -1.01 9.47
N GLY A 1 26.03 7.13 9.20
CA GLY A 1 24.95 6.22 8.83
C GLY A 1 23.72 6.95 8.32
N SER A 2 23.39 6.71 7.06
CA SER A 2 22.23 7.35 6.44
C SER A 2 22.05 6.88 5.00
N HIS A 3 23.16 6.64 4.32
CA HIS A 3 23.13 6.19 2.93
C HIS A 3 22.82 4.70 2.86
N MET A 4 22.66 4.07 4.02
CA MET A 4 22.35 2.64 4.08
C MET A 4 21.34 2.35 5.19
N ILE A 5 20.71 3.40 5.69
CA ILE A 5 19.72 3.25 6.75
C ILE A 5 18.57 4.24 6.57
N ASN A 6 17.82 4.47 7.65
CA ASN A 6 16.69 5.39 7.61
C ASN A 6 16.07 5.56 9.00
N LEU A 7 15.76 6.80 9.35
CA LEU A 7 15.17 7.10 10.66
C LEU A 7 13.76 6.52 10.75
N GLU A 8 13.06 6.50 9.63
CA GLU A 8 11.69 5.98 9.58
C GLU A 8 11.70 4.48 9.29
N ASP A 9 12.88 3.88 9.33
CA ASP A 9 13.02 2.45 9.07
C ASP A 9 14.06 1.83 10.01
N TYR A 10 14.21 2.42 11.18
CA TYR A 10 15.17 1.92 12.17
C TYR A 10 15.11 2.75 13.45
N TRP A 11 13.90 3.10 13.86
CA TRP A 11 13.70 3.90 15.07
C TRP A 11 12.98 3.08 16.14
N GLU A 12 12.23 2.08 15.71
CA GLU A 12 11.49 1.23 16.63
C GLU A 12 11.17 -0.13 15.99
N ASP A 13 11.42 -1.19 16.73
CA ASP A 13 11.16 -2.55 16.23
C ASP A 13 10.36 -3.36 17.25
N GLU A 14 9.76 -2.65 18.21
CA GLU A 14 8.97 -3.31 19.25
C GLU A 14 7.94 -2.35 19.83
N THR A 15 7.38 -1.49 18.97
CA THR A 15 6.39 -0.52 19.41
C THR A 15 4.99 -1.12 19.41
N PRO A 16 4.14 -0.65 20.33
CA PRO A 16 2.76 -1.13 20.46
C PRO A 16 1.88 -0.71 19.28
N GLY A 17 0.60 -1.03 19.36
CA GLY A 17 -0.33 -0.68 18.30
C GLY A 17 -0.26 0.79 17.94
N PRO A 18 -0.84 1.15 16.78
CA PRO A 18 -0.86 2.53 16.30
C PRO A 18 -1.76 3.42 17.14
N ASP A 19 -1.40 4.70 17.24
CA ASP A 19 -2.18 5.66 18.01
C ASP A 19 -3.22 6.35 17.14
N ARG A 20 -3.43 5.81 15.94
CA ARG A 20 -4.39 6.37 15.01
C ARG A 20 -4.22 7.89 14.89
N GLU A 21 -2.96 8.32 14.78
CA GLU A 21 -2.66 9.74 14.66
C GLU A 21 -2.59 10.17 13.19
N PRO A 22 -3.42 11.15 12.82
CA PRO A 22 -3.47 11.67 11.45
C PRO A 22 -2.21 12.46 11.08
N THR A 23 -1.64 12.13 9.93
CA THR A 23 -0.43 12.80 9.46
C THR A 23 -0.61 13.30 8.03
N ASN A 24 -0.12 14.51 7.77
CA ASN A 24 -0.22 15.11 6.44
C ASN A 24 0.30 14.15 5.38
N GLU A 25 1.44 13.52 5.65
CA GLU A 25 2.03 12.58 4.72
C GLU A 25 1.18 11.32 4.59
N LEU A 26 0.53 10.94 5.69
CA LEU A 26 -0.32 9.75 5.71
C LEU A 26 -1.49 9.91 4.74
N ARG A 27 -2.24 11.00 4.88
CA ARG A 27 -3.39 11.25 4.02
C ARG A 27 -2.93 11.63 2.61
N ASN A 28 -1.78 12.28 2.52
CA ASN A 28 -1.23 12.70 1.23
C ASN A 28 -0.78 11.48 0.42
N GLU A 29 -0.06 10.58 1.07
CA GLU A 29 0.43 9.38 0.41
C GLU A 29 -0.72 8.44 0.05
N VAL A 30 -1.67 8.31 0.96
CA VAL A 30 -2.83 7.45 0.75
C VAL A 30 -3.72 8.00 -0.36
N GLU A 31 -3.85 9.32 -0.41
CA GLU A 31 -4.67 9.97 -1.43
C GLU A 31 -4.05 9.81 -2.82
N GLU A 32 -2.77 10.12 -2.93
CA GLU A 32 -2.07 10.00 -4.20
C GLU A 32 -2.03 8.56 -4.68
N THR A 33 -1.86 7.64 -3.73
CA THR A 33 -1.80 6.21 -4.05
C THR A 33 -3.15 5.71 -4.55
N ILE A 34 -4.22 6.12 -3.88
CA ILE A 34 -5.56 5.71 -4.26
C ILE A 34 -5.96 6.29 -5.61
N THR A 35 -5.53 7.52 -5.87
CA THR A 35 -5.84 8.19 -7.13
C THR A 35 -5.10 7.54 -8.29
N LEU A 36 -3.83 7.21 -8.06
CA LEU A 36 -3.02 6.57 -9.10
C LEU A 36 -3.41 5.10 -9.27
N MET A 37 -3.68 4.43 -8.16
CA MET A 37 -4.06 3.03 -8.19
C MET A 37 -5.49 2.87 -8.71
N GLU A 38 -6.27 3.92 -8.59
CA GLU A 38 -7.67 3.90 -9.04
C GLU A 38 -7.75 3.49 -10.51
N LEU A 39 -6.66 3.71 -11.25
CA LEU A 39 -6.61 3.37 -12.66
C LEU A 39 -5.98 1.99 -12.86
N LEU A 40 -6.07 1.14 -11.84
CA LEU A 40 -5.52 -0.20 -11.89
C LEU A 40 -6.03 -0.94 -13.14
N LYS A 41 -5.13 -1.68 -13.78
CA LYS A 41 -5.48 -2.44 -14.97
C LYS A 41 -5.44 -3.94 -14.70
N VAL A 42 -5.92 -4.73 -15.65
CA VAL A 42 -5.92 -6.18 -15.51
C VAL A 42 -4.56 -6.70 -15.08
N SER A 43 -3.51 -6.14 -15.67
CA SER A 43 -2.15 -6.54 -15.35
C SER A 43 -1.81 -6.23 -13.90
N GLU A 44 -2.19 -5.04 -13.45
CA GLU A 44 -1.93 -4.62 -12.07
C GLU A 44 -2.69 -5.50 -11.08
N LEU A 45 -3.96 -5.76 -11.38
CA LEU A 45 -4.80 -6.58 -10.52
C LEU A 45 -4.20 -7.98 -10.36
N LYS A 46 -3.87 -8.61 -11.48
CA LYS A 46 -3.29 -9.95 -11.46
C LYS A 46 -1.97 -9.96 -10.70
N ASP A 47 -1.13 -8.96 -10.95
CA ASP A 47 0.15 -8.85 -10.28
C ASP A 47 -0.02 -8.85 -8.76
N ILE A 48 -0.89 -7.97 -8.27
CA ILE A 48 -1.15 -7.86 -6.85
C ILE A 48 -1.75 -9.15 -6.30
N CYS A 49 -2.83 -9.62 -6.94
CA CYS A 49 -3.50 -10.83 -6.51
C CYS A 49 -2.53 -12.00 -6.47
N ARG A 50 -1.50 -11.95 -7.34
CA ARG A 50 -0.51 -13.01 -7.40
C ARG A 50 0.45 -12.93 -6.21
N SER A 51 1.00 -11.75 -5.98
CA SER A 51 1.93 -11.55 -4.87
C SER A 51 1.28 -11.87 -3.54
N VAL A 52 0.10 -11.30 -3.31
CA VAL A 52 -0.64 -11.52 -2.08
C VAL A 52 -1.24 -12.92 -2.04
N SER A 53 -1.17 -13.62 -3.17
CA SER A 53 -1.71 -14.97 -3.27
C SER A 53 -3.23 -14.97 -3.08
N PHE A 54 -3.85 -13.83 -3.38
CA PHE A 54 -5.29 -13.69 -3.23
C PHE A 54 -6.02 -14.27 -4.45
N PRO A 55 -7.31 -14.58 -4.28
CA PRO A 55 -8.14 -15.14 -5.35
C PRO A 55 -8.44 -14.12 -6.45
N VAL A 56 -7.82 -14.31 -7.60
CA VAL A 56 -8.02 -13.41 -8.74
C VAL A 56 -9.12 -13.91 -9.66
N SER A 57 -9.98 -14.78 -9.13
CA SER A 57 -11.08 -15.34 -9.89
C SER A 57 -12.39 -14.62 -9.59
N GLY A 58 -12.28 -13.37 -9.12
CA GLY A 58 -13.46 -12.59 -8.80
C GLY A 58 -13.83 -11.62 -9.90
N ARG A 59 -13.21 -10.44 -9.88
CA ARG A 59 -13.48 -9.42 -10.89
C ARG A 59 -12.63 -8.18 -10.65
N LYS A 60 -12.28 -7.48 -11.72
CA LYS A 60 -11.46 -6.28 -11.63
C LYS A 60 -12.05 -5.31 -10.61
N ALA A 61 -13.32 -4.99 -10.75
CA ALA A 61 -13.99 -4.08 -9.83
C ALA A 61 -13.87 -4.57 -8.40
N VAL A 62 -13.99 -5.88 -8.20
CA VAL A 62 -13.90 -6.47 -6.88
C VAL A 62 -12.51 -6.28 -6.29
N LEU A 63 -11.49 -6.62 -7.06
CA LEU A 63 -10.11 -6.49 -6.62
C LEU A 63 -9.78 -5.03 -6.29
N GLN A 64 -10.02 -4.15 -7.25
CA GLN A 64 -9.75 -2.72 -7.06
C GLN A 64 -10.55 -2.17 -5.89
N ASP A 65 -11.74 -2.71 -5.68
CA ASP A 65 -12.60 -2.27 -4.59
C ASP A 65 -12.00 -2.67 -3.24
N LEU A 66 -11.46 -3.88 -3.17
CA LEU A 66 -10.86 -4.37 -1.93
C LEU A 66 -9.62 -3.56 -1.56
N ILE A 67 -8.72 -3.40 -2.52
CA ILE A 67 -7.50 -2.63 -2.29
C ILE A 67 -7.81 -1.18 -1.95
N ARG A 68 -8.70 -0.58 -2.74
CA ARG A 68 -9.08 0.81 -2.53
C ARG A 68 -9.62 1.01 -1.11
N ASN A 69 -10.55 0.16 -0.71
CA ASN A 69 -11.14 0.24 0.62
C ASN A 69 -10.09 -0.01 1.70
N PHE A 70 -9.13 -0.87 1.41
CA PHE A 70 -8.07 -1.20 2.35
C PHE A 70 -7.24 0.04 2.68
N LEU A 71 -6.75 0.71 1.64
CA LEU A 71 -5.94 1.90 1.82
C LEU A 71 -6.77 3.05 2.39
N GLN A 72 -8.04 3.11 1.98
CA GLN A 72 -8.94 4.16 2.44
C GLN A 72 -9.28 3.97 3.92
N ASN A 73 -9.45 2.71 4.33
CA ASN A 73 -9.78 2.39 5.71
C ASN A 73 -8.52 2.28 6.55
N ALA A 74 -7.38 2.17 5.88
CA ALA A 74 -6.09 2.05 6.57
C ALA A 74 -5.87 3.21 7.52
N LEU A 75 -6.59 4.31 7.29
CA LEU A 75 -6.46 5.50 8.12
C LEU A 75 -7.81 5.87 8.73
N VAL A 76 -8.34 5.00 9.58
CA VAL A 76 -9.62 5.25 10.23
C VAL A 76 -9.44 5.50 11.72
N VAL A 77 -10.09 6.56 12.22
CA VAL A 77 -10.00 6.90 13.63
C VAL A 77 -10.32 5.70 14.52
N GLY A 78 -9.30 5.22 15.23
CA GLY A 78 -9.50 4.07 16.10
C GLY A 78 -9.55 2.76 15.34
N LYS A 79 -8.72 2.65 14.31
CA LYS A 79 -8.67 1.44 13.50
C LYS A 79 -7.58 1.53 12.44
N SER A 80 -6.49 2.22 12.78
CA SER A 80 -5.38 2.39 11.85
C SER A 80 -4.95 1.04 11.27
N ASP A 81 -4.29 1.09 10.12
CA ASP A 81 -3.82 -0.12 9.46
C ASP A 81 -2.81 0.20 8.37
N PRO A 82 -1.58 0.55 8.78
CA PRO A 82 -0.50 0.90 7.84
C PRO A 82 -0.01 -0.31 7.05
N TYR A 83 -0.26 -1.50 7.58
CA TYR A 83 0.16 -2.73 6.92
C TYR A 83 -0.29 -2.76 5.46
N ARG A 84 -1.58 -2.55 5.25
CA ARG A 84 -2.14 -2.55 3.91
C ARG A 84 -1.53 -1.44 3.06
N VAL A 85 -1.18 -0.34 3.71
CA VAL A 85 -0.58 0.80 3.02
C VAL A 85 0.77 0.42 2.40
N GLN A 86 1.67 -0.07 3.22
CA GLN A 86 3.00 -0.48 2.75
C GLN A 86 2.88 -1.62 1.75
N ALA A 87 1.97 -2.55 1.99
CA ALA A 87 1.76 -3.69 1.11
C ALA A 87 1.31 -3.23 -0.27
N VAL A 88 0.29 -2.38 -0.31
CA VAL A 88 -0.23 -1.87 -1.57
C VAL A 88 0.81 -1.02 -2.29
N LYS A 89 1.38 -0.07 -1.58
CA LYS A 89 2.40 0.81 -2.15
C LYS A 89 3.51 0.00 -2.81
N PHE A 90 3.98 -1.02 -2.10
CA PHE A 90 5.04 -1.88 -2.62
C PHE A 90 4.60 -2.60 -3.89
N LEU A 91 3.41 -3.20 -3.84
CA LEU A 91 2.87 -3.92 -4.98
C LEU A 91 2.74 -3.01 -6.19
N ILE A 92 2.12 -1.86 -6.00
CA ILE A 92 1.93 -0.89 -7.08
C ILE A 92 3.26 -0.50 -7.70
N GLU A 93 4.23 -0.15 -6.85
CA GLU A 93 5.56 0.24 -7.32
C GLU A 93 6.18 -0.87 -8.16
N ARG A 94 6.12 -2.09 -7.64
CA ARG A 94 6.69 -3.25 -8.33
C ARG A 94 6.03 -3.45 -9.69
N ILE A 95 4.74 -3.13 -9.77
CA ILE A 95 3.99 -3.27 -11.01
C ILE A 95 4.40 -2.20 -12.02
N ARG A 96 4.46 -0.96 -11.56
CA ARG A 96 4.84 0.16 -12.42
C ARG A 96 6.34 0.15 -12.69
N LYS A 97 7.07 -0.66 -11.93
CA LYS A 97 8.51 -0.76 -12.09
C LYS A 97 8.90 -2.06 -12.78
N ASN A 98 7.96 -2.99 -12.84
CA ASN A 98 8.20 -4.28 -13.47
C ASN A 98 9.25 -5.08 -12.70
N GLU A 99 9.18 -5.01 -11.37
CA GLU A 99 10.13 -5.72 -10.52
C GLU A 99 9.55 -7.05 -10.05
N PRO A 100 10.42 -7.96 -9.61
CA PRO A 100 10.02 -9.29 -9.13
C PRO A 100 9.27 -9.22 -7.80
N LEU A 101 7.98 -9.52 -7.84
CA LEU A 101 7.15 -9.50 -6.64
C LEU A 101 7.54 -10.62 -5.68
N PRO A 102 8.08 -10.24 -4.51
CA PRO A 102 8.51 -11.19 -3.49
C PRO A 102 7.32 -11.91 -2.83
N VAL A 103 7.61 -12.64 -1.76
CA VAL A 103 6.57 -13.36 -1.03
C VAL A 103 5.73 -12.43 -0.18
N TYR A 104 4.43 -12.70 -0.11
CA TYR A 104 3.52 -11.87 0.67
C TYR A 104 3.93 -11.86 2.15
N LYS A 105 4.25 -13.03 2.68
CA LYS A 105 4.65 -13.16 4.07
C LYS A 105 6.01 -12.52 4.30
N ASP A 106 6.97 -12.84 3.44
CA ASP A 106 8.32 -12.28 3.54
C ASP A 106 8.28 -10.76 3.45
N LEU A 107 7.65 -10.24 2.41
CA LEU A 107 7.55 -8.81 2.21
C LEU A 107 6.82 -8.14 3.37
N TRP A 108 5.62 -8.62 3.67
CA TRP A 108 4.82 -8.09 4.76
C TRP A 108 5.62 -8.04 6.05
N ASN A 109 6.28 -9.15 6.37
CA ASN A 109 7.09 -9.22 7.58
C ASN A 109 8.26 -8.24 7.53
N ALA A 110 8.88 -8.13 6.36
CA ALA A 110 10.00 -7.23 6.18
C ALA A 110 9.59 -5.77 6.43
N LEU A 111 8.48 -5.37 5.81
CA LEU A 111 7.97 -4.01 5.96
C LEU A 111 7.42 -3.79 7.36
N ARG A 112 6.93 -4.85 7.97
CA ARG A 112 6.37 -4.78 9.32
C ARG A 112 7.46 -4.43 10.34
N LYS A 113 8.53 -5.22 10.35
CA LYS A 113 9.63 -5.01 11.28
C LYS A 113 10.52 -3.86 10.80
N GLY A 114 10.49 -3.61 9.49
CA GLY A 114 11.30 -2.54 8.93
C GLY A 114 10.83 -2.11 7.56
N GLY A 1 19.94 16.23 1.35
CA GLY A 1 19.33 16.95 2.45
C GLY A 1 18.00 17.56 2.08
N SER A 2 17.39 17.05 1.01
CA SER A 2 16.11 17.54 0.54
C SER A 2 15.63 16.76 -0.68
N HIS A 3 16.58 16.37 -1.52
CA HIS A 3 16.26 15.61 -2.73
C HIS A 3 16.00 14.14 -2.41
N MET A 4 16.13 13.80 -1.13
CA MET A 4 15.91 12.42 -0.68
C MET A 4 15.20 12.40 0.67
N ILE A 5 14.64 13.54 1.06
CA ILE A 5 13.93 13.64 2.32
C ILE A 5 12.72 14.56 2.19
N ASN A 6 12.22 15.03 3.33
CA ASN A 6 11.06 15.92 3.36
C ASN A 6 10.76 16.39 4.77
N LEU A 7 10.47 17.68 4.90
CA LEU A 7 10.16 18.27 6.21
C LEU A 7 8.86 17.71 6.76
N GLU A 8 7.91 17.43 5.86
CA GLU A 8 6.63 16.90 6.26
C GLU A 8 6.65 15.38 6.28
N ASP A 9 7.84 14.81 6.19
CA ASP A 9 8.00 13.35 6.20
C ASP A 9 9.32 12.96 6.84
N TYR A 10 9.79 13.78 7.78
CA TYR A 10 11.04 13.51 8.46
C TYR A 10 11.25 14.49 9.62
N TRP A 11 10.15 14.94 10.21
CA TRP A 11 10.22 15.88 11.32
C TRP A 11 10.09 15.15 12.66
N GLU A 12 9.57 13.94 12.62
CA GLU A 12 9.40 13.14 13.83
C GLU A 12 8.79 11.78 13.51
N ASP A 13 9.33 10.74 14.12
CA ASP A 13 8.84 9.38 13.89
C ASP A 13 8.92 8.55 15.17
N GLU A 14 9.08 9.24 16.30
CA GLU A 14 9.17 8.56 17.59
C GLU A 14 8.78 9.50 18.73
N THR A 15 7.64 10.17 18.56
CA THR A 15 7.14 11.10 19.57
C THR A 15 5.89 10.57 20.25
N PRO A 16 5.73 10.89 21.54
CA PRO A 16 4.57 10.46 22.33
C PRO A 16 3.27 11.15 21.89
N GLY A 17 2.16 10.74 22.49
CA GLY A 17 0.88 11.33 22.14
C GLY A 17 -0.15 10.28 21.78
N PRO A 18 -1.31 10.74 21.26
CA PRO A 18 -2.40 9.85 20.85
C PRO A 18 -2.05 9.02 19.63
N ASP A 19 -2.60 7.81 19.55
CA ASP A 19 -2.35 6.92 18.43
C ASP A 19 -3.55 6.87 17.49
N ARG A 20 -4.35 7.93 17.52
CA ARG A 20 -5.54 8.01 16.68
C ARG A 20 -5.43 9.18 15.70
N GLU A 21 -4.70 10.21 16.09
CA GLU A 21 -4.53 11.39 15.26
C GLU A 21 -3.90 11.02 13.92
N PRO A 22 -4.59 11.35 12.82
CA PRO A 22 -4.13 11.06 11.47
C PRO A 22 -2.91 11.90 11.07
N THR A 23 -2.12 11.38 10.14
CA THR A 23 -0.93 12.09 9.68
C THR A 23 -1.09 12.55 8.23
N ASN A 24 -0.64 13.77 7.96
CA ASN A 24 -0.74 14.34 6.61
C ASN A 24 -0.14 13.38 5.58
N GLU A 25 1.01 12.79 5.92
CA GLU A 25 1.67 11.86 5.02
C GLU A 25 0.81 10.62 4.78
N LEU A 26 0.18 10.14 5.84
CA LEU A 26 -0.68 8.96 5.74
C LEU A 26 -1.84 9.21 4.78
N ARG A 27 -2.60 10.27 5.03
CA ARG A 27 -3.73 10.61 4.19
C ARG A 27 -3.27 11.02 2.80
N ASN A 28 -2.07 11.59 2.72
CA ASN A 28 -1.52 12.03 1.45
C ASN A 28 -1.14 10.85 0.58
N GLU A 29 -0.42 9.89 1.17
CA GLU A 29 0.00 8.70 0.44
C GLU A 29 -1.20 7.86 0.03
N VAL A 30 -2.19 7.78 0.90
CA VAL A 30 -3.40 7.00 0.63
C VAL A 30 -4.22 7.65 -0.48
N GLU A 31 -4.36 8.97 -0.42
CA GLU A 31 -5.13 9.70 -1.42
C GLU A 31 -4.51 9.53 -2.81
N GLU A 32 -3.20 9.75 -2.90
CA GLU A 32 -2.49 9.62 -4.17
C GLU A 32 -2.56 8.19 -4.69
N THR A 33 -2.26 7.23 -3.82
CA THR A 33 -2.28 5.83 -4.19
C THR A 33 -3.64 5.44 -4.77
N ILE A 34 -4.71 5.89 -4.13
CA ILE A 34 -6.05 5.59 -4.59
C ILE A 34 -6.33 6.24 -5.94
N THR A 35 -5.91 7.50 -6.08
CA THR A 35 -6.11 8.24 -7.33
C THR A 35 -5.42 7.53 -8.49
N LEU A 36 -4.24 7.00 -8.25
CA LEU A 36 -3.48 6.31 -9.29
C LEU A 36 -3.99 4.88 -9.46
N MET A 37 -4.46 4.29 -8.38
CA MET A 37 -4.98 2.92 -8.41
C MET A 37 -6.27 2.85 -9.23
N GLU A 38 -7.06 3.91 -9.17
CA GLU A 38 -8.32 3.96 -9.91
C GLU A 38 -8.10 3.61 -11.38
N LEU A 39 -6.90 3.89 -11.87
CA LEU A 39 -6.57 3.61 -13.26
C LEU A 39 -5.78 2.32 -13.38
N LEU A 40 -6.08 1.36 -12.51
CA LEU A 40 -5.40 0.07 -12.51
C LEU A 40 -5.70 -0.70 -13.79
N LYS A 41 -4.91 -1.73 -14.05
CA LYS A 41 -5.09 -2.56 -15.24
C LYS A 41 -5.14 -4.04 -14.88
N VAL A 42 -5.67 -4.85 -15.78
CA VAL A 42 -5.77 -6.30 -15.56
C VAL A 42 -4.43 -6.88 -15.15
N SER A 43 -3.36 -6.39 -15.76
CA SER A 43 -2.01 -6.86 -15.45
C SER A 43 -1.65 -6.56 -14.00
N GLU A 44 -1.86 -5.32 -13.59
CA GLU A 44 -1.55 -4.90 -12.23
C GLU A 44 -2.36 -5.70 -11.22
N LEU A 45 -3.67 -5.68 -11.36
CA LEU A 45 -4.56 -6.41 -10.46
C LEU A 45 -4.14 -7.87 -10.35
N LYS A 46 -3.89 -8.50 -11.49
CA LYS A 46 -3.48 -9.90 -11.51
C LYS A 46 -2.21 -10.10 -10.69
N ASP A 47 -1.20 -9.27 -10.95
CA ASP A 47 0.06 -9.37 -10.23
C ASP A 47 -0.16 -9.31 -8.72
N ILE A 48 -0.93 -8.32 -8.28
CA ILE A 48 -1.22 -8.16 -6.86
C ILE A 48 -1.99 -9.36 -6.31
N CYS A 49 -3.09 -9.69 -6.98
CA CYS A 49 -3.92 -10.81 -6.57
C CYS A 49 -3.08 -12.08 -6.40
N ARG A 50 -2.06 -12.22 -7.24
CA ARG A 50 -1.19 -13.38 -7.19
C ARG A 50 -0.24 -13.29 -6.01
N SER A 51 0.44 -12.17 -5.87
CA SER A 51 1.38 -11.95 -4.77
C SER A 51 0.70 -12.18 -3.43
N VAL A 52 -0.44 -11.51 -3.24
CA VAL A 52 -1.19 -11.64 -1.99
C VAL A 52 -1.96 -12.95 -1.94
N SER A 53 -1.93 -13.70 -3.03
CA SER A 53 -2.61 -14.98 -3.11
C SER A 53 -4.13 -14.79 -3.00
N PHE A 54 -4.57 -13.55 -3.18
CA PHE A 54 -5.99 -13.24 -3.10
C PHE A 54 -6.76 -13.86 -4.26
N PRO A 55 -8.08 -14.00 -4.10
CA PRO A 55 -8.95 -14.60 -5.11
C PRO A 55 -9.10 -13.69 -6.33
N VAL A 56 -8.51 -14.10 -7.44
CA VAL A 56 -8.59 -13.33 -8.68
C VAL A 56 -9.70 -13.84 -9.58
N SER A 57 -10.70 -14.47 -8.98
CA SER A 57 -11.82 -15.01 -9.73
C SER A 57 -12.83 -13.92 -10.06
N GLY A 58 -12.68 -12.76 -9.42
CA GLY A 58 -13.57 -11.65 -9.66
C GLY A 58 -13.22 -10.87 -10.91
N ARG A 59 -13.19 -9.55 -10.79
CA ARG A 59 -12.86 -8.69 -11.93
C ARG A 59 -11.97 -7.53 -11.48
N LYS A 60 -11.66 -6.64 -12.42
CA LYS A 60 -10.81 -5.49 -12.13
C LYS A 60 -11.47 -4.58 -11.09
N ALA A 61 -12.78 -4.41 -11.21
CA ALA A 61 -13.53 -3.57 -10.29
C ALA A 61 -13.50 -4.15 -8.87
N VAL A 62 -13.70 -5.46 -8.77
CA VAL A 62 -13.70 -6.12 -7.48
C VAL A 62 -12.33 -6.02 -6.81
N LEU A 63 -11.28 -6.35 -7.55
CA LEU A 63 -9.93 -6.29 -7.02
C LEU A 63 -9.58 -4.88 -6.55
N GLN A 64 -9.74 -3.92 -7.45
CA GLN A 64 -9.45 -2.52 -7.13
C GLN A 64 -10.31 -2.05 -5.96
N ASP A 65 -11.52 -2.57 -5.86
CA ASP A 65 -12.44 -2.20 -4.79
C ASP A 65 -11.93 -2.73 -3.44
N LEU A 66 -11.39 -3.93 -3.45
CA LEU A 66 -10.88 -4.56 -2.23
C LEU A 66 -9.65 -3.81 -1.73
N ILE A 67 -8.70 -3.55 -2.63
CA ILE A 67 -7.48 -2.85 -2.27
C ILE A 67 -7.77 -1.40 -1.89
N ARG A 68 -8.60 -0.74 -2.70
CA ARG A 68 -8.96 0.65 -2.44
C ARG A 68 -9.60 0.81 -1.07
N ASN A 69 -10.61 -0.02 -0.80
CA ASN A 69 -11.31 0.02 0.47
C ASN A 69 -10.37 -0.29 1.63
N PHE A 70 -9.49 -1.27 1.42
CA PHE A 70 -8.52 -1.66 2.44
C PHE A 70 -7.65 -0.48 2.85
N LEU A 71 -7.13 0.23 1.86
CA LEU A 71 -6.27 1.39 2.12
C LEU A 71 -7.05 2.50 2.80
N GLN A 72 -8.25 2.77 2.31
CA GLN A 72 -9.10 3.81 2.89
C GLN A 72 -9.55 3.43 4.30
N ASN A 73 -9.62 2.13 4.56
CA ASN A 73 -10.03 1.64 5.87
C ASN A 73 -8.86 1.62 6.85
N ALA A 74 -7.65 1.50 6.31
CA ALA A 74 -6.45 1.48 7.12
C ALA A 74 -6.27 2.79 7.87
N LEU A 75 -7.00 3.82 7.45
CA LEU A 75 -6.92 5.13 8.08
C LEU A 75 -8.13 5.38 8.97
N VAL A 76 -8.54 4.37 9.71
CA VAL A 76 -9.70 4.48 10.60
C VAL A 76 -9.32 5.20 11.89
N VAL A 77 -10.20 6.08 12.34
CA VAL A 77 -9.96 6.84 13.57
C VAL A 77 -9.85 5.92 14.78
N GLY A 78 -8.65 5.84 15.35
CA GLY A 78 -8.44 4.99 16.50
C GLY A 78 -8.15 3.55 16.12
N LYS A 79 -7.41 3.37 15.02
CA LYS A 79 -7.08 2.03 14.55
C LYS A 79 -5.77 2.06 13.73
N SER A 80 -5.80 2.78 12.61
CA SER A 80 -4.63 2.88 11.76
C SER A 80 -4.24 1.51 11.18
N ASP A 81 -3.47 1.52 10.11
CA ASP A 81 -3.04 0.29 9.47
C ASP A 81 -2.14 0.59 8.27
N PRO A 82 -0.89 0.97 8.54
CA PRO A 82 0.09 1.28 7.50
C PRO A 82 0.53 0.05 6.72
N TYR A 83 0.33 -1.12 7.31
CA TYR A 83 0.71 -2.37 6.68
C TYR A 83 0.13 -2.47 5.27
N ARG A 84 -1.17 -2.23 5.15
CA ARG A 84 -1.85 -2.29 3.86
C ARG A 84 -1.33 -1.20 2.92
N VAL A 85 -0.95 -0.07 3.49
CA VAL A 85 -0.42 1.04 2.72
C VAL A 85 0.87 0.66 2.01
N GLN A 86 1.81 0.10 2.76
CA GLN A 86 3.09 -0.31 2.19
C GLN A 86 2.92 -1.51 1.27
N ALA A 87 2.03 -2.42 1.64
CA ALA A 87 1.76 -3.61 0.84
C ALA A 87 1.18 -3.24 -0.52
N VAL A 88 0.14 -2.41 -0.51
CA VAL A 88 -0.51 -1.98 -1.74
C VAL A 88 0.43 -1.13 -2.59
N LYS A 89 1.11 -0.19 -1.94
CA LYS A 89 2.04 0.70 -2.63
C LYS A 89 3.21 -0.10 -3.21
N PHE A 90 3.68 -1.09 -2.46
CA PHE A 90 4.79 -1.92 -2.90
C PHE A 90 4.41 -2.71 -4.15
N LEU A 91 3.28 -3.39 -4.11
CA LEU A 91 2.81 -4.18 -5.23
C LEU A 91 2.62 -3.31 -6.47
N ILE A 92 1.87 -2.22 -6.31
CA ILE A 92 1.61 -1.30 -7.41
C ILE A 92 2.91 -0.74 -7.98
N GLU A 93 3.77 -0.26 -7.09
CA GLU A 93 5.05 0.30 -7.51
C GLU A 93 5.89 -0.75 -8.23
N ARG A 94 5.96 -1.94 -7.67
CA ARG A 94 6.72 -3.04 -8.27
C ARG A 94 6.23 -3.34 -9.68
N ILE A 95 4.92 -3.24 -9.88
CA ILE A 95 4.32 -3.51 -11.18
C ILE A 95 4.70 -2.43 -12.19
N ARG A 96 4.57 -1.17 -11.79
CA ARG A 96 4.89 -0.05 -12.66
C ARG A 96 6.40 0.13 -12.78
N LYS A 97 7.14 -0.57 -11.91
CA LYS A 97 8.60 -0.50 -11.92
C LYS A 97 9.21 -1.76 -12.52
N ASN A 98 8.38 -2.79 -12.69
CA ASN A 98 8.83 -4.05 -13.24
C ASN A 98 9.82 -4.74 -12.31
N GLU A 99 9.57 -4.64 -11.01
CA GLU A 99 10.44 -5.24 -10.02
C GLU A 99 9.89 -6.58 -9.54
N PRO A 100 10.75 -7.41 -8.94
CA PRO A 100 10.37 -8.73 -8.43
C PRO A 100 9.45 -8.64 -7.22
N LEU A 101 8.40 -9.45 -7.22
CA LEU A 101 7.44 -9.47 -6.13
C LEU A 101 7.63 -10.70 -5.24
N PRO A 102 8.35 -10.51 -4.13
CA PRO A 102 8.63 -11.60 -3.18
C PRO A 102 7.38 -12.04 -2.42
N VAL A 103 7.58 -12.85 -1.39
CA VAL A 103 6.46 -13.35 -0.59
C VAL A 103 5.76 -12.20 0.15
N TYR A 104 4.44 -12.22 0.11
CA TYR A 104 3.65 -11.18 0.77
C TYR A 104 3.86 -11.21 2.28
N LYS A 105 3.86 -12.42 2.84
CA LYS A 105 4.05 -12.60 4.28
C LYS A 105 5.47 -12.20 4.69
N ASP A 106 6.46 -12.74 3.99
CA ASP A 106 7.85 -12.43 4.29
C ASP A 106 8.14 -10.95 4.09
N LEU A 107 7.79 -10.43 2.92
CA LEU A 107 8.02 -9.02 2.60
C LEU A 107 7.34 -8.13 3.63
N TRP A 108 6.09 -8.44 3.96
CA TRP A 108 5.32 -7.67 4.92
C TRP A 108 6.05 -7.62 6.27
N ASN A 109 6.42 -8.79 6.78
CA ASN A 109 7.12 -8.88 8.05
C ASN A 109 8.43 -8.09 8.02
N ALA A 110 9.10 -8.13 6.88
CA ALA A 110 10.36 -7.42 6.71
C ALA A 110 10.16 -5.91 6.83
N LEU A 111 9.17 -5.39 6.12
CA LEU A 111 8.88 -3.96 6.16
C LEU A 111 8.28 -3.56 7.51
N ARG A 112 7.63 -4.51 8.16
CA ARG A 112 7.00 -4.26 9.45
C ARG A 112 8.07 -4.04 10.53
N LYS A 113 8.98 -4.99 10.66
CA LYS A 113 10.05 -4.89 11.65
C LYS A 113 11.15 -3.94 11.18
N GLY A 114 11.26 -3.78 9.87
CA GLY A 114 12.27 -2.89 9.31
C GLY A 114 11.77 -2.13 8.10
N GLY A 1 -13.39 9.75 2.23
CA GLY A 1 -12.02 10.19 2.41
C GLY A 1 -11.80 11.61 1.94
N SER A 2 -12.73 12.13 1.16
CA SER A 2 -12.64 13.49 0.64
C SER A 2 -13.84 13.82 -0.24
N HIS A 3 -14.33 12.82 -0.96
CA HIS A 3 -15.48 13.01 -1.85
C HIS A 3 -16.78 13.02 -1.05
N MET A 4 -16.67 12.82 0.26
CA MET A 4 -17.84 12.81 1.14
C MET A 4 -17.52 13.50 2.47
N ILE A 5 -16.42 14.22 2.51
CA ILE A 5 -16.01 14.92 3.72
C ILE A 5 -15.34 16.25 3.39
N ASN A 6 -14.62 16.80 4.36
CA ASN A 6 -13.93 18.07 4.17
C ASN A 6 -13.09 18.42 5.40
N LEU A 7 -11.86 18.86 5.16
CA LEU A 7 -10.95 19.23 6.24
C LEU A 7 -11.55 20.35 7.08
N GLU A 8 -12.45 21.12 6.49
CA GLU A 8 -13.09 22.23 7.18
C GLU A 8 -14.40 21.77 7.83
N ASP A 9 -14.65 20.48 7.82
CA ASP A 9 -15.86 19.91 8.41
C ASP A 9 -15.56 18.61 9.15
N TYR A 10 -14.34 18.51 9.68
CA TYR A 10 -13.93 17.32 10.41
C TYR A 10 -12.51 17.47 10.95
N TRP A 11 -12.15 18.69 11.32
CA TRP A 11 -10.82 18.97 11.84
C TRP A 11 -10.84 19.06 13.37
N GLU A 12 -12.00 19.38 13.92
CA GLU A 12 -12.15 19.48 15.37
C GLU A 12 -11.31 20.64 15.91
N ASP A 13 -11.98 21.62 16.52
CA ASP A 13 -11.31 22.78 17.08
C ASP A 13 -11.27 22.70 18.61
N GLU A 14 -11.56 21.52 19.14
CA GLU A 14 -11.57 21.32 20.58
C GLU A 14 -11.37 19.84 20.93
N THR A 15 -10.55 19.16 20.12
CA THR A 15 -10.28 17.74 20.33
C THR A 15 -9.34 17.55 21.52
N PRO A 16 -9.49 16.41 22.21
CA PRO A 16 -8.66 16.08 23.37
C PRO A 16 -7.22 15.77 22.98
N GLY A 17 -6.44 15.26 23.93
CA GLY A 17 -5.05 14.93 23.67
C GLY A 17 -4.88 14.06 22.44
N PRO A 18 -3.62 13.84 22.04
CA PRO A 18 -3.30 13.02 20.86
C PRO A 18 -3.58 11.54 21.10
N ASP A 19 -3.79 10.80 20.01
CA ASP A 19 -4.07 9.37 20.10
C ASP A 19 -4.17 8.75 18.71
N ARG A 20 -5.28 9.00 18.03
CA ARG A 20 -5.49 8.47 16.69
C ARG A 20 -5.28 9.55 15.63
N GLU A 21 -4.65 10.64 16.03
CA GLU A 21 -4.38 11.75 15.12
C GLU A 21 -3.57 11.28 13.93
N PRO A 22 -4.11 11.49 12.71
CA PRO A 22 -3.46 11.10 11.47
C PRO A 22 -2.22 11.95 11.17
N THR A 23 -1.67 11.79 9.97
CA THR A 23 -0.49 12.54 9.56
C THR A 23 -0.65 13.10 8.16
N ASN A 24 -0.20 14.33 7.96
CA ASN A 24 -0.29 14.99 6.67
C ASN A 24 0.27 14.09 5.56
N GLU A 25 1.40 13.46 5.84
CA GLU A 25 2.04 12.58 4.88
C GLU A 25 1.21 11.31 4.66
N LEU A 26 0.58 10.83 5.72
CA LEU A 26 -0.25 9.64 5.65
C LEU A 26 -1.41 9.84 4.67
N ARG A 27 -2.19 10.89 4.90
CA ARG A 27 -3.33 11.20 4.03
C ARG A 27 -2.87 11.58 2.63
N ASN A 28 -1.77 12.34 2.56
CA ASN A 28 -1.23 12.78 1.28
C ASN A 28 -0.78 11.59 0.45
N GLU A 29 -0.02 10.69 1.07
CA GLU A 29 0.48 9.50 0.38
C GLU A 29 -0.68 8.60 -0.06
N VAL A 30 -1.69 8.49 0.79
CA VAL A 30 -2.85 7.66 0.49
C VAL A 30 -3.65 8.26 -0.67
N GLU A 31 -3.71 9.57 -0.73
CA GLU A 31 -4.44 10.26 -1.79
C GLU A 31 -3.76 10.05 -3.15
N GLU A 32 -2.46 10.29 -3.19
CA GLU A 32 -1.70 10.13 -4.42
C GLU A 32 -1.68 8.66 -4.87
N THR A 33 -1.49 7.77 -3.92
CA THR A 33 -1.46 6.34 -4.20
C THR A 33 -2.81 5.85 -4.72
N ILE A 34 -3.88 6.30 -4.07
CA ILE A 34 -5.23 5.91 -4.46
C ILE A 34 -5.59 6.47 -5.83
N THR A 35 -5.14 7.69 -6.10
CA THR A 35 -5.41 8.34 -7.37
C THR A 35 -4.66 7.65 -8.52
N LEU A 36 -3.43 7.24 -8.25
CA LEU A 36 -2.61 6.56 -9.25
C LEU A 36 -3.03 5.11 -9.40
N MET A 37 -3.41 4.49 -8.29
CA MET A 37 -3.83 3.09 -8.30
C MET A 37 -5.27 2.96 -8.80
N GLU A 38 -6.02 4.05 -8.71
CA GLU A 38 -7.42 4.06 -9.17
C GLU A 38 -7.50 3.65 -10.64
N LEU A 39 -6.40 3.81 -11.36
CA LEU A 39 -6.36 3.46 -12.77
C LEU A 39 -5.83 2.05 -12.97
N LEU A 40 -5.93 1.24 -11.92
CA LEU A 40 -5.45 -0.15 -11.97
C LEU A 40 -6.11 -0.90 -13.12
N LYS A 41 -5.34 -1.78 -13.76
CA LYS A 41 -5.84 -2.56 -14.88
C LYS A 41 -5.74 -4.06 -14.59
N VAL A 42 -6.24 -4.88 -15.50
CA VAL A 42 -6.21 -6.32 -15.34
C VAL A 42 -4.79 -6.80 -15.01
N SER A 43 -3.80 -6.16 -15.62
CA SER A 43 -2.40 -6.52 -15.39
C SER A 43 -2.01 -6.25 -13.95
N GLU A 44 -2.30 -5.04 -13.47
CA GLU A 44 -1.96 -4.65 -12.11
C GLU A 44 -2.71 -5.52 -11.10
N LEU A 45 -4.01 -5.66 -11.31
CA LEU A 45 -4.85 -6.46 -10.42
C LEU A 45 -4.30 -7.88 -10.29
N LYS A 46 -3.98 -8.49 -11.44
CA LYS A 46 -3.45 -9.84 -11.45
C LYS A 46 -2.13 -9.92 -10.70
N ASP A 47 -1.23 -8.99 -10.99
CA ASP A 47 0.07 -8.94 -10.33
C ASP A 47 -0.08 -8.94 -8.81
N ILE A 48 -0.92 -8.04 -8.31
CA ILE A 48 -1.16 -7.95 -6.88
C ILE A 48 -1.77 -9.22 -6.33
N CYS A 49 -2.87 -9.66 -6.95
CA CYS A 49 -3.56 -10.86 -6.52
C CYS A 49 -2.60 -12.06 -6.47
N ARG A 50 -1.60 -12.03 -7.34
CA ARG A 50 -0.61 -13.10 -7.39
C ARG A 50 0.35 -13.02 -6.22
N SER A 51 0.96 -11.85 -6.04
CA SER A 51 1.91 -11.63 -4.96
C SER A 51 1.26 -11.92 -3.60
N VAL A 52 0.10 -11.34 -3.37
CA VAL A 52 -0.62 -11.53 -2.12
C VAL A 52 -1.24 -12.93 -2.06
N SER A 53 -1.18 -13.64 -3.17
CA SER A 53 -1.73 -14.99 -3.24
C SER A 53 -3.25 -14.96 -3.08
N PHE A 54 -3.84 -13.79 -3.30
CA PHE A 54 -5.28 -13.63 -3.18
C PHE A 54 -6.00 -14.23 -4.38
N PRO A 55 -7.30 -14.52 -4.20
CA PRO A 55 -8.13 -15.11 -5.26
C PRO A 55 -8.39 -14.12 -6.40
N VAL A 56 -7.82 -14.40 -7.56
CA VAL A 56 -7.99 -13.54 -8.73
C VAL A 56 -9.09 -14.08 -9.64
N SER A 57 -10.00 -14.85 -9.06
CA SER A 57 -11.11 -15.43 -9.82
C SER A 57 -12.39 -14.63 -9.60
N GLY A 58 -12.24 -13.36 -9.22
CA GLY A 58 -13.39 -12.51 -8.99
C GLY A 58 -13.64 -11.55 -10.13
N ARG A 59 -13.46 -10.26 -9.87
CA ARG A 59 -13.68 -9.24 -10.88
C ARG A 59 -12.76 -8.03 -10.64
N LYS A 60 -12.34 -7.39 -11.73
CA LYS A 60 -11.47 -6.23 -11.64
C LYS A 60 -12.00 -5.23 -10.61
N ALA A 61 -13.30 -4.98 -10.66
CA ALA A 61 -13.94 -4.05 -9.74
C ALA A 61 -13.80 -4.53 -8.29
N VAL A 62 -13.92 -5.84 -8.10
CA VAL A 62 -13.81 -6.43 -6.76
C VAL A 62 -12.41 -6.24 -6.19
N LEU A 63 -11.40 -6.59 -6.98
CA LEU A 63 -10.01 -6.45 -6.56
C LEU A 63 -9.68 -5.00 -6.24
N GLN A 64 -9.93 -4.12 -7.20
CA GLN A 64 -9.65 -2.69 -7.03
C GLN A 64 -10.43 -2.13 -5.84
N ASP A 65 -11.63 -2.67 -5.61
CA ASP A 65 -12.47 -2.23 -4.51
C ASP A 65 -11.86 -2.62 -3.16
N LEU A 66 -11.32 -3.84 -3.10
CA LEU A 66 -10.71 -4.33 -1.88
C LEU A 66 -9.47 -3.53 -1.52
N ILE A 67 -8.58 -3.36 -2.49
CA ILE A 67 -7.35 -2.61 -2.28
C ILE A 67 -7.65 -1.15 -1.93
N ARG A 68 -8.50 -0.53 -2.72
CA ARG A 68 -8.88 0.86 -2.50
C ARG A 68 -9.43 1.06 -1.10
N ASN A 69 -10.37 0.22 -0.71
CA ASN A 69 -10.98 0.30 0.61
C ASN A 69 -9.94 0.01 1.70
N PHE A 70 -8.98 -0.84 1.40
CA PHE A 70 -7.94 -1.20 2.35
C PHE A 70 -7.09 0.03 2.71
N LEU A 71 -6.62 0.73 1.69
CA LEU A 71 -5.79 1.91 1.90
C LEU A 71 -6.62 3.05 2.48
N GLN A 72 -7.89 3.12 2.07
CA GLN A 72 -8.79 4.16 2.56
C GLN A 72 -9.14 3.93 4.03
N ASN A 73 -9.34 2.67 4.39
CA ASN A 73 -9.68 2.31 5.76
C ASN A 73 -8.42 2.15 6.61
N ALA A 74 -7.28 2.06 5.96
CA ALA A 74 -6.00 1.92 6.66
C ALA A 74 -5.79 3.03 7.66
N LEU A 75 -6.48 4.15 7.45
CA LEU A 75 -6.37 5.30 8.35
C LEU A 75 -7.74 5.68 8.92
N VAL A 76 -8.29 4.79 9.75
CA VAL A 76 -9.59 5.03 10.36
C VAL A 76 -9.45 5.28 11.86
N VAL A 77 -10.19 6.27 12.36
CA VAL A 77 -10.15 6.61 13.77
C VAL A 77 -10.37 5.38 14.65
N GLY A 78 -9.33 4.98 15.36
CA GLY A 78 -9.43 3.82 16.23
C GLY A 78 -9.46 2.52 15.45
N LYS A 79 -8.64 2.43 14.40
CA LYS A 79 -8.59 1.23 13.58
C LYS A 79 -7.44 1.32 12.57
N SER A 80 -6.36 1.97 12.97
CA SER A 80 -5.19 2.13 12.11
C SER A 80 -4.76 0.78 11.53
N ASP A 81 -4.32 0.80 10.28
CA ASP A 81 -3.87 -0.42 9.62
C ASP A 81 -2.92 -0.10 8.48
N PRO A 82 -1.67 0.26 8.82
CA PRO A 82 -0.64 0.60 7.84
C PRO A 82 -0.18 -0.62 7.04
N TYR A 83 -0.47 -1.81 7.55
CA TYR A 83 -0.08 -3.04 6.89
C TYR A 83 -0.52 -3.03 5.43
N ARG A 84 -1.81 -2.84 5.20
CA ARG A 84 -2.35 -2.81 3.85
C ARG A 84 -1.70 -1.70 3.02
N VAL A 85 -1.34 -0.61 3.69
CA VAL A 85 -0.71 0.52 3.02
C VAL A 85 0.63 0.11 2.41
N GLN A 86 1.56 -0.32 3.25
CA GLN A 86 2.88 -0.74 2.80
C GLN A 86 2.76 -1.84 1.74
N ALA A 87 1.86 -2.78 1.98
CA ALA A 87 1.66 -3.88 1.04
C ALA A 87 1.24 -3.37 -0.33
N VAL A 88 0.22 -2.51 -0.35
CA VAL A 88 -0.29 -1.95 -1.60
C VAL A 88 0.80 -1.13 -2.31
N LYS A 89 1.42 -0.23 -1.56
CA LYS A 89 2.49 0.62 -2.11
C LYS A 89 3.54 -0.22 -2.82
N PHE A 90 3.99 -1.28 -2.16
CA PHE A 90 5.01 -2.16 -2.72
C PHE A 90 4.50 -2.81 -4.01
N LEU A 91 3.29 -3.35 -3.97
CA LEU A 91 2.69 -3.99 -5.13
C LEU A 91 2.61 -3.02 -6.30
N ILE A 92 2.06 -1.85 -6.06
CA ILE A 92 1.93 -0.82 -7.10
C ILE A 92 3.27 -0.51 -7.74
N GLU A 93 4.28 -0.28 -6.91
CA GLU A 93 5.62 0.02 -7.39
C GLU A 93 6.13 -1.08 -8.32
N ARG A 94 6.10 -2.31 -7.84
CA ARG A 94 6.57 -3.45 -8.62
C ARG A 94 5.90 -3.46 -10.00
N ILE A 95 4.59 -3.27 -10.01
CA ILE A 95 3.83 -3.26 -11.26
C ILE A 95 4.21 -2.06 -12.12
N ARG A 96 4.48 -0.94 -11.47
CA ARG A 96 4.85 0.29 -12.17
C ARG A 96 6.29 0.20 -12.67
N LYS A 97 7.04 -0.75 -12.14
CA LYS A 97 8.43 -0.93 -12.54
C LYS A 97 8.59 -2.18 -13.42
N ASN A 98 7.55 -3.02 -13.44
CA ASN A 98 7.58 -4.23 -14.24
C ASN A 98 8.64 -5.19 -13.72
N GLU A 99 8.67 -5.40 -12.40
CA GLU A 99 9.63 -6.29 -11.78
C GLU A 99 8.93 -7.30 -10.87
N PRO A 100 9.62 -8.41 -10.58
CA PRO A 100 9.09 -9.47 -9.72
C PRO A 100 8.96 -9.04 -8.27
N LEU A 101 7.81 -9.28 -7.67
CA LEU A 101 7.57 -8.91 -6.28
C LEU A 101 8.05 -10.02 -5.34
N PRO A 102 8.48 -9.62 -4.13
CA PRO A 102 8.95 -10.56 -3.11
C PRO A 102 7.85 -11.43 -2.54
N VAL A 103 8.16 -12.17 -1.50
CA VAL A 103 7.18 -13.05 -0.86
C VAL A 103 6.20 -12.25 -0.01
N TYR A 104 4.94 -12.68 -0.02
CA TYR A 104 3.90 -12.00 0.74
C TYR A 104 4.21 -12.02 2.23
N LYS A 105 4.64 -13.18 2.73
CA LYS A 105 4.98 -13.32 4.14
C LYS A 105 6.25 -12.56 4.47
N ASP A 106 7.31 -12.79 3.69
CA ASP A 106 8.59 -12.12 3.91
C ASP A 106 8.43 -10.61 3.83
N LEU A 107 7.82 -10.13 2.75
CA LEU A 107 7.61 -8.71 2.55
C LEU A 107 6.77 -8.12 3.69
N TRP A 108 5.62 -8.74 3.94
CA TRP A 108 4.72 -8.27 4.99
C TRP A 108 5.47 -8.13 6.32
N ASN A 109 6.29 -9.14 6.65
CA ASN A 109 7.05 -9.12 7.88
C ASN A 109 8.14 -8.05 7.83
N ALA A 110 8.84 -7.98 6.71
CA ALA A 110 9.90 -6.99 6.53
C ALA A 110 9.37 -5.57 6.71
N LEU A 111 8.26 -5.27 6.04
CA LEU A 111 7.65 -3.95 6.11
C LEU A 111 6.99 -3.73 7.48
N ARG A 112 6.49 -4.82 8.05
CA ARG A 112 5.83 -4.76 9.36
C ARG A 112 6.80 -4.26 10.43
N LYS A 113 7.96 -4.89 10.50
CA LYS A 113 8.97 -4.51 11.49
C LYS A 113 9.81 -3.34 10.99
N GLY A 114 9.86 -3.17 9.67
CA GLY A 114 10.62 -2.09 9.09
C GLY A 114 10.24 -0.73 9.67
N GLY A 1 10.08 13.26 -8.16
CA GLY A 1 10.81 14.30 -7.47
C GLY A 1 11.46 13.80 -6.19
N SER A 2 12.58 13.10 -6.34
CA SER A 2 13.30 12.55 -5.18
C SER A 2 14.68 13.16 -5.08
N HIS A 3 15.21 13.62 -6.20
CA HIS A 3 16.54 14.24 -6.24
C HIS A 3 16.44 15.74 -6.05
N MET A 4 15.29 16.21 -5.59
CA MET A 4 15.08 17.64 -5.37
C MET A 4 14.45 17.89 -4.00
N ILE A 5 14.63 16.94 -3.10
CA ILE A 5 14.09 17.07 -1.75
C ILE A 5 12.56 17.02 -1.77
N ASN A 6 11.99 16.11 -0.98
CA ASN A 6 10.54 15.97 -0.91
C ASN A 6 10.05 16.23 0.51
N LEU A 7 9.59 17.45 0.77
CA LEU A 7 9.08 17.83 2.08
C LEU A 7 7.87 16.97 2.46
N GLU A 8 7.12 16.55 1.45
CA GLU A 8 5.94 15.73 1.68
C GLU A 8 6.33 14.33 2.17
N ASP A 9 7.62 14.03 2.10
CA ASP A 9 8.13 12.74 2.53
C ASP A 9 9.47 12.88 3.24
N TYR A 10 9.73 14.08 3.76
CA TYR A 10 10.99 14.36 4.46
C TYR A 10 10.71 14.95 5.84
N TRP A 11 9.44 15.16 6.15
CA TRP A 11 9.05 15.73 7.44
C TRP A 11 9.36 14.75 8.57
N GLU A 12 9.60 13.49 8.21
CA GLU A 12 9.90 12.46 9.20
C GLU A 12 11.05 11.58 8.73
N ASP A 13 11.24 10.44 9.41
CA ASP A 13 12.29 9.51 9.06
C ASP A 13 11.72 8.22 8.48
N GLU A 14 10.47 8.28 8.05
CA GLU A 14 9.81 7.12 7.48
C GLU A 14 9.94 5.91 8.40
N THR A 15 10.05 6.17 9.70
CA THR A 15 10.17 5.10 10.68
C THR A 15 8.81 4.55 11.08
N PRO A 16 8.78 3.26 11.42
CA PRO A 16 7.55 2.57 11.83
C PRO A 16 7.06 3.05 13.20
N GLY A 17 6.02 2.38 13.71
CA GLY A 17 5.48 2.75 15.00
C GLY A 17 4.17 3.52 14.89
N PRO A 18 3.11 2.83 14.41
CA PRO A 18 1.79 3.44 14.24
C PRO A 18 1.12 3.74 15.58
N ASP A 19 0.16 4.67 15.56
CA ASP A 19 -0.56 5.04 16.77
C ASP A 19 -1.94 5.58 16.42
N ARG A 20 -2.44 5.23 15.24
CA ARG A 20 -3.75 5.69 14.78
C ARG A 20 -3.78 7.20 14.63
N GLU A 21 -2.59 7.81 14.61
CA GLU A 21 -2.47 9.26 14.47
C GLU A 21 -2.32 9.65 13.00
N PRO A 22 -3.23 10.50 12.51
CA PRO A 22 -3.21 10.96 11.13
C PRO A 22 -2.05 11.91 10.84
N THR A 23 -1.27 11.60 9.81
CA THR A 23 -0.13 12.42 9.45
C THR A 23 -0.25 12.92 8.01
N ASN A 24 0.32 14.08 7.74
CA ASN A 24 0.28 14.68 6.41
C ASN A 24 0.73 13.66 5.35
N GLU A 25 1.75 12.89 5.70
CA GLU A 25 2.28 11.88 4.77
C GLU A 25 1.28 10.73 4.59
N LEU A 26 0.53 10.44 5.65
CA LEU A 26 -0.45 9.37 5.61
C LEU A 26 -1.56 9.69 4.60
N ARG A 27 -2.19 10.84 4.76
CA ARG A 27 -3.26 11.26 3.87
C ARG A 27 -2.72 11.57 2.48
N ASN A 28 -1.50 12.08 2.42
CA ASN A 28 -0.86 12.43 1.15
C ASN A 28 -0.53 11.18 0.36
N GLU A 29 0.06 10.19 1.04
CA GLU A 29 0.43 8.94 0.39
C GLU A 29 -0.81 8.16 -0.05
N VAL A 30 -1.87 8.26 0.74
CA VAL A 30 -3.12 7.57 0.44
C VAL A 30 -3.80 8.20 -0.78
N GLU A 31 -3.77 9.52 -0.85
CA GLU A 31 -4.39 10.24 -1.96
C GLU A 31 -3.68 9.93 -3.28
N GLU A 32 -2.35 10.06 -3.26
CA GLU A 32 -1.55 9.81 -4.45
C GLU A 32 -1.68 8.35 -4.90
N THR A 33 -1.70 7.44 -3.92
CA THR A 33 -1.81 6.02 -4.21
C THR A 33 -3.15 5.70 -4.88
N ILE A 34 -4.22 6.30 -4.36
CA ILE A 34 -5.55 6.08 -4.91
C ILE A 34 -5.66 6.65 -6.33
N THR A 35 -5.05 7.81 -6.55
CA THR A 35 -5.08 8.45 -7.85
C THR A 35 -4.30 7.64 -8.88
N LEU A 36 -3.11 7.19 -8.49
CA LEU A 36 -2.26 6.40 -9.37
C LEU A 36 -2.83 5.01 -9.58
N MET A 37 -3.28 4.39 -8.49
CA MET A 37 -3.85 3.05 -8.55
C MET A 37 -5.20 3.07 -9.25
N GLU A 38 -5.86 4.22 -9.23
CA GLU A 38 -7.16 4.37 -9.86
C GLU A 38 -7.10 3.97 -11.34
N LEU A 39 -5.91 4.06 -11.92
CA LEU A 39 -5.71 3.72 -13.32
C LEU A 39 -5.07 2.34 -13.45
N LEU A 40 -5.27 1.50 -12.45
CA LEU A 40 -4.72 0.15 -12.45
C LEU A 40 -5.07 -0.57 -13.75
N LYS A 41 -4.46 -1.74 -13.95
CA LYS A 41 -4.71 -2.54 -15.15
C LYS A 41 -4.94 -4.00 -14.78
N VAL A 42 -5.40 -4.78 -15.76
CA VAL A 42 -5.67 -6.19 -15.54
C VAL A 42 -4.41 -6.93 -15.09
N SER A 43 -3.27 -6.54 -15.66
CA SER A 43 -2.00 -7.17 -15.32
C SER A 43 -1.63 -6.89 -13.87
N GLU A 44 -1.84 -5.66 -13.43
CA GLU A 44 -1.52 -5.27 -12.06
C GLU A 44 -2.44 -5.99 -11.07
N LEU A 45 -3.74 -6.00 -11.36
CA LEU A 45 -4.71 -6.65 -10.49
C LEU A 45 -4.38 -8.13 -10.33
N LYS A 46 -4.16 -8.81 -11.45
CA LYS A 46 -3.84 -10.23 -11.42
C LYS A 46 -2.55 -10.48 -10.65
N ASP A 47 -1.53 -9.68 -10.94
CA ASP A 47 -0.23 -9.82 -10.26
C ASP A 47 -0.41 -9.77 -8.75
N ILE A 48 -1.12 -8.75 -8.28
CA ILE A 48 -1.36 -8.58 -6.85
C ILE A 48 -2.15 -9.77 -6.28
N CYS A 49 -3.26 -10.09 -6.92
CA CYS A 49 -4.10 -11.20 -6.48
C CYS A 49 -3.28 -12.48 -6.35
N ARG A 50 -2.28 -12.63 -7.22
CA ARG A 50 -1.43 -13.81 -7.20
C ARG A 50 -0.45 -13.76 -6.03
N SER A 51 0.25 -12.64 -5.91
CA SER A 51 1.22 -12.46 -4.84
C SER A 51 0.57 -12.67 -3.47
N VAL A 52 -0.55 -11.99 -3.25
CA VAL A 52 -1.27 -12.09 -1.98
C VAL A 52 -2.06 -13.39 -1.91
N SER A 53 -2.08 -14.12 -3.02
CA SER A 53 -2.81 -15.39 -3.09
C SER A 53 -4.30 -15.16 -2.94
N PHE A 54 -4.73 -13.90 -3.09
CA PHE A 54 -6.14 -13.55 -2.98
C PHE A 54 -6.96 -14.17 -4.11
N PRO A 55 -8.28 -14.27 -3.89
CA PRO A 55 -9.19 -14.85 -4.88
C PRO A 55 -9.36 -13.96 -6.11
N VAL A 56 -8.77 -14.39 -7.22
CA VAL A 56 -8.86 -13.62 -8.46
C VAL A 56 -10.00 -14.12 -9.34
N SER A 57 -10.98 -14.76 -8.71
CA SER A 57 -12.13 -15.29 -9.43
C SER A 57 -13.14 -14.18 -9.76
N GLY A 58 -12.93 -13.01 -9.16
CA GLY A 58 -13.82 -11.90 -9.39
C GLY A 58 -13.47 -11.13 -10.65
N ARG A 59 -13.44 -9.81 -10.54
CA ARG A 59 -13.11 -8.96 -11.69
C ARG A 59 -12.23 -7.79 -11.26
N LYS A 60 -11.75 -7.04 -12.25
CA LYS A 60 -10.88 -5.89 -11.99
C LYS A 60 -11.52 -4.97 -10.95
N ALA A 61 -12.84 -4.79 -11.04
CA ALA A 61 -13.56 -3.94 -10.11
C ALA A 61 -13.50 -4.49 -8.69
N VAL A 62 -13.64 -5.80 -8.57
CA VAL A 62 -13.60 -6.47 -7.26
C VAL A 62 -12.23 -6.31 -6.61
N LEU A 63 -11.19 -6.62 -7.37
CA LEU A 63 -9.83 -6.51 -6.86
C LEU A 63 -9.51 -5.07 -6.44
N GLN A 64 -9.70 -4.14 -7.36
CA GLN A 64 -9.43 -2.73 -7.09
C GLN A 64 -10.27 -2.24 -5.91
N ASP A 65 -11.49 -2.78 -5.78
CA ASP A 65 -12.39 -2.40 -4.71
C ASP A 65 -11.85 -2.87 -3.36
N LEU A 66 -11.32 -4.09 -3.34
CA LEU A 66 -10.77 -4.66 -2.11
C LEU A 66 -9.55 -3.88 -1.65
N ILE A 67 -8.60 -3.67 -2.57
CA ILE A 67 -7.38 -2.94 -2.26
C ILE A 67 -7.68 -1.49 -1.90
N ARG A 68 -8.60 -0.88 -2.64
CA ARG A 68 -8.98 0.50 -2.40
C ARG A 68 -9.55 0.68 -1.00
N ASN A 69 -10.50 -0.18 -0.63
CA ASN A 69 -11.13 -0.12 0.68
C ASN A 69 -10.11 -0.39 1.78
N PHE A 70 -9.20 -1.33 1.51
CA PHE A 70 -8.17 -1.68 2.48
C PHE A 70 -7.25 -0.49 2.76
N LEU A 71 -6.72 0.10 1.69
CA LEU A 71 -5.83 1.25 1.82
C LEU A 71 -6.57 2.45 2.39
N GLN A 72 -7.86 2.55 2.09
CA GLN A 72 -8.67 3.65 2.58
C GLN A 72 -9.03 3.45 4.06
N ASN A 73 -9.24 2.20 4.44
CA ASN A 73 -9.60 1.87 5.82
C ASN A 73 -8.35 1.72 6.68
N ALA A 74 -7.19 1.61 6.02
CA ALA A 74 -5.93 1.47 6.73
C ALA A 74 -5.70 2.62 7.70
N LEU A 75 -6.39 3.73 7.47
CA LEU A 75 -6.26 4.90 8.33
C LEU A 75 -7.61 5.31 8.90
N VAL A 76 -8.18 4.47 9.75
CA VAL A 76 -9.47 4.74 10.36
C VAL A 76 -9.33 4.98 11.87
N VAL A 77 -10.11 5.92 12.39
CA VAL A 77 -10.07 6.24 13.81
C VAL A 77 -10.55 5.06 14.65
N GLY A 78 -9.64 4.47 15.40
CA GLY A 78 -9.98 3.33 16.24
C GLY A 78 -9.91 2.01 15.49
N LYS A 79 -9.02 1.93 14.51
CA LYS A 79 -8.85 0.72 13.72
C LYS A 79 -7.74 0.90 12.68
N SER A 80 -6.69 1.62 13.07
CA SER A 80 -5.57 1.86 12.17
C SER A 80 -5.07 0.55 11.56
N ASP A 81 -4.22 0.67 10.54
CA ASP A 81 -3.67 -0.50 9.87
C ASP A 81 -2.71 -0.09 8.76
N PRO A 82 -1.46 0.22 9.14
CA PRO A 82 -0.43 0.64 8.20
C PRO A 82 0.03 -0.51 7.29
N TYR A 83 -0.24 -1.73 7.72
CA TYR A 83 0.15 -2.91 6.97
C TYR A 83 -0.33 -2.82 5.52
N ARG A 84 -1.60 -2.41 5.36
CA ARG A 84 -2.18 -2.28 4.03
C ARG A 84 -1.58 -1.10 3.28
N VAL A 85 -1.19 -0.06 4.03
CA VAL A 85 -0.59 1.13 3.44
C VAL A 85 0.70 0.79 2.72
N GLN A 86 1.64 0.19 3.44
CA GLN A 86 2.93 -0.18 2.86
C GLN A 86 2.76 -1.32 1.86
N ALA A 87 1.87 -2.25 2.17
CA ALA A 87 1.62 -3.39 1.30
C ALA A 87 1.08 -2.93 -0.06
N VAL A 88 0.03 -2.12 -0.02
CA VAL A 88 -0.58 -1.61 -1.24
C VAL A 88 0.38 -0.71 -2.00
N LYS A 89 0.92 0.29 -1.31
CA LYS A 89 1.86 1.22 -1.91
C LYS A 89 2.98 0.48 -2.62
N PHE A 90 3.47 -0.58 -2.00
CA PHE A 90 4.56 -1.38 -2.57
C PHE A 90 4.07 -2.13 -3.81
N LEU A 91 2.86 -2.66 -3.74
CA LEU A 91 2.29 -3.40 -4.86
C LEU A 91 2.15 -2.51 -6.09
N ILE A 92 1.53 -1.35 -5.91
CA ILE A 92 1.33 -0.40 -7.01
C ILE A 92 2.67 0.07 -7.57
N GLU A 93 3.53 0.57 -6.68
CA GLU A 93 4.85 1.06 -7.08
C GLU A 93 5.64 -0.03 -7.79
N ARG A 94 5.64 -1.23 -7.21
CA ARG A 94 6.37 -2.36 -7.79
C ARG A 94 5.93 -2.60 -9.24
N ILE A 95 4.62 -2.71 -9.44
CA ILE A 95 4.07 -2.95 -10.77
C ILE A 95 4.31 -1.75 -11.68
N ARG A 96 4.33 -0.56 -11.08
CA ARG A 96 4.55 0.67 -11.85
C ARG A 96 6.03 0.82 -12.22
N LYS A 97 6.88 0.09 -11.51
CA LYS A 97 8.31 0.14 -11.76
C LYS A 97 8.81 -1.17 -12.35
N ASN A 98 7.92 -2.15 -12.46
CA ASN A 98 8.27 -3.45 -13.00
C ASN A 98 9.26 -4.17 -12.11
N GLU A 99 8.75 -4.97 -11.18
CA GLU A 99 9.60 -5.70 -10.25
C GLU A 99 8.93 -7.03 -9.85
N PRO A 100 9.75 -7.96 -9.32
CA PRO A 100 9.26 -9.27 -8.90
C PRO A 100 8.39 -9.19 -7.65
N LEU A 101 7.46 -10.12 -7.53
CA LEU A 101 6.55 -10.15 -6.38
C LEU A 101 6.94 -11.26 -5.40
N PRO A 102 7.68 -10.89 -4.34
CA PRO A 102 8.13 -11.83 -3.32
C PRO A 102 6.98 -12.37 -2.47
N VAL A 103 7.31 -13.04 -1.38
CA VAL A 103 6.31 -13.60 -0.48
C VAL A 103 5.60 -12.50 0.30
N TYR A 104 4.29 -12.66 0.49
CA TYR A 104 3.50 -11.67 1.22
C TYR A 104 3.96 -11.57 2.66
N LYS A 105 4.20 -12.72 3.28
CA LYS A 105 4.64 -12.77 4.67
C LYS A 105 6.05 -12.21 4.81
N ASP A 106 6.95 -12.66 3.95
CA ASP A 106 8.33 -12.20 3.97
C ASP A 106 8.41 -10.69 3.69
N LEU A 107 7.81 -10.27 2.59
CA LEU A 107 7.81 -8.87 2.21
C LEU A 107 7.18 -8.00 3.30
N TRP A 108 6.08 -8.48 3.86
CA TRP A 108 5.38 -7.76 4.91
C TRP A 108 6.28 -7.54 6.12
N ASN A 109 6.93 -8.62 6.56
CA ASN A 109 7.83 -8.55 7.71
C ASN A 109 8.98 -7.58 7.44
N ALA A 110 9.51 -7.63 6.22
CA ALA A 110 10.61 -6.75 5.83
C ALA A 110 10.21 -5.29 5.94
N LEU A 111 9.06 -4.95 5.37
CA LEU A 111 8.56 -3.58 5.40
C LEU A 111 8.12 -3.18 6.80
N ARG A 112 7.74 -4.17 7.60
CA ARG A 112 7.30 -3.93 8.96
C ARG A 112 8.47 -3.46 9.84
N LYS A 113 9.54 -4.25 9.85
CA LYS A 113 10.72 -3.93 10.64
C LYS A 113 11.57 -2.87 9.94
N GLY A 114 11.40 -2.77 8.62
CA GLY A 114 12.15 -1.79 7.85
C GLY A 114 11.46 -0.44 7.78
N GLY A 1 22.35 -0.04 -3.39
CA GLY A 1 21.02 -0.44 -3.81
C GLY A 1 20.14 0.74 -4.16
N SER A 2 19.06 0.49 -4.88
CA SER A 2 18.14 1.53 -5.29
C SER A 2 16.95 0.96 -6.06
N HIS A 3 17.21 -0.07 -6.85
CA HIS A 3 16.17 -0.72 -7.62
C HIS A 3 15.18 -1.45 -6.72
N MET A 4 15.54 -1.60 -5.45
CA MET A 4 14.68 -2.27 -4.48
C MET A 4 14.47 -1.40 -3.24
N ILE A 5 14.72 -0.10 -3.39
CA ILE A 5 14.56 0.84 -2.28
C ILE A 5 14.01 2.17 -2.77
N ASN A 6 14.15 3.20 -1.94
CA ASN A 6 13.66 4.53 -2.29
C ASN A 6 14.04 5.55 -1.20
N LEU A 7 14.53 6.70 -1.63
CA LEU A 7 14.93 7.76 -0.71
C LEU A 7 13.74 8.19 0.15
N GLU A 8 12.54 7.91 -0.32
CA GLU A 8 11.33 8.27 0.41
C GLU A 8 10.75 7.07 1.14
N ASP A 9 11.54 6.00 1.24
CA ASP A 9 11.11 4.79 1.91
C ASP A 9 12.28 4.11 2.61
N TYR A 10 13.25 4.90 3.02
CA TYR A 10 14.44 4.38 3.69
C TYR A 10 14.76 5.18 4.94
N TRP A 11 13.86 6.11 5.28
CA TRP A 11 14.04 6.95 6.47
C TRP A 11 12.70 7.41 7.01
N GLU A 12 11.79 7.77 6.12
CA GLU A 12 10.46 8.23 6.52
C GLU A 12 10.55 9.52 7.31
N ASP A 13 10.04 10.60 6.73
CA ASP A 13 10.06 11.91 7.37
C ASP A 13 8.69 12.27 7.93
N GLU A 14 7.82 11.26 8.02
CA GLU A 14 6.47 11.47 8.54
C GLU A 14 5.87 10.16 9.04
N THR A 15 6.73 9.30 9.60
CA THR A 15 6.30 8.02 10.13
C THR A 15 5.09 8.18 11.05
N PRO A 16 4.20 7.17 11.05
CA PRO A 16 3.00 7.18 11.87
C PRO A 16 3.32 7.03 13.36
N GLY A 17 2.27 6.88 14.17
CA GLY A 17 2.46 6.74 15.60
C GLY A 17 1.15 6.55 16.35
N PRO A 18 0.34 7.62 16.41
CA PRO A 18 -0.95 7.59 17.09
C PRO A 18 -1.99 6.73 16.35
N ASP A 19 -2.94 6.20 17.09
CA ASP A 19 -3.98 5.36 16.52
C ASP A 19 -5.29 6.13 16.38
N ARG A 20 -5.18 7.45 16.27
CA ARG A 20 -6.36 8.31 16.13
C ARG A 20 -6.09 9.45 15.17
N GLU A 21 -5.32 10.43 15.62
CA GLU A 21 -4.99 11.59 14.78
C GLU A 21 -4.30 11.14 13.50
N PRO A 22 -4.88 11.53 12.35
CA PRO A 22 -4.34 11.20 11.03
C PRO A 22 -3.04 11.94 10.74
N THR A 23 -2.28 11.42 9.78
CA THR A 23 -1.01 12.03 9.39
C THR A 23 -1.08 12.60 7.98
N ASN A 24 -0.50 13.79 7.80
CA ASN A 24 -0.50 14.45 6.50
C ASN A 24 -0.02 13.49 5.41
N GLU A 25 1.05 12.76 5.70
CA GLU A 25 1.61 11.81 4.75
C GLU A 25 0.67 10.62 4.55
N LEU A 26 -0.07 10.28 5.59
CA LEU A 26 -1.01 9.16 5.52
C LEU A 26 -2.11 9.44 4.51
N ARG A 27 -2.80 10.56 4.66
CA ARG A 27 -3.87 10.94 3.75
C ARG A 27 -3.32 11.34 2.40
N ASN A 28 -2.10 11.89 2.39
CA ASN A 28 -1.46 12.33 1.16
C ASN A 28 -1.07 11.12 0.30
N GLU A 29 -0.38 10.16 0.91
CA GLU A 29 0.05 8.97 0.20
C GLU A 29 -1.15 8.14 -0.25
N VAL A 30 -2.12 7.98 0.64
CA VAL A 30 -3.32 7.21 0.33
C VAL A 30 -4.10 7.85 -0.81
N GLU A 31 -4.28 9.16 -0.74
CA GLU A 31 -5.01 9.89 -1.79
C GLU A 31 -4.35 9.70 -3.14
N GLU A 32 -3.04 9.91 -3.19
CA GLU A 32 -2.29 9.77 -4.43
C GLU A 32 -2.32 8.32 -4.92
N THR A 33 -2.03 7.39 -4.03
CA THR A 33 -2.02 5.97 -4.37
C THR A 33 -3.35 5.54 -4.97
N ILE A 34 -4.44 5.90 -4.30
CA ILE A 34 -5.78 5.57 -4.77
C ILE A 34 -6.07 6.21 -6.13
N THR A 35 -5.66 7.46 -6.28
CA THR A 35 -5.88 8.19 -7.52
C THR A 35 -5.18 7.49 -8.69
N LEU A 36 -3.98 6.97 -8.43
CA LEU A 36 -3.20 6.29 -9.46
C LEU A 36 -3.68 4.85 -9.62
N MET A 37 -4.24 4.29 -8.55
CA MET A 37 -4.73 2.92 -8.57
C MET A 37 -6.05 2.83 -9.32
N GLU A 38 -6.80 3.92 -9.32
CA GLU A 38 -8.09 3.97 -10.00
C GLU A 38 -7.95 3.48 -11.45
N LEU A 39 -6.78 3.68 -12.02
CA LEU A 39 -6.52 3.27 -13.39
C LEU A 39 -5.76 1.94 -13.43
N LEU A 40 -6.06 1.07 -12.49
CA LEU A 40 -5.40 -0.23 -12.41
C LEU A 40 -5.69 -1.06 -13.66
N LYS A 41 -4.65 -1.75 -14.16
CA LYS A 41 -4.80 -2.58 -15.34
C LYS A 41 -4.87 -4.06 -14.96
N VAL A 42 -5.30 -4.89 -15.92
CA VAL A 42 -5.41 -6.32 -15.68
C VAL A 42 -4.11 -6.88 -15.12
N SER A 43 -2.98 -6.42 -15.66
CA SER A 43 -1.67 -6.89 -15.22
C SER A 43 -1.43 -6.51 -13.75
N GLU A 44 -1.79 -5.27 -13.40
CA GLU A 44 -1.61 -4.79 -12.04
C GLU A 44 -2.53 -5.53 -11.07
N LEU A 45 -3.80 -5.65 -11.43
CA LEU A 45 -4.77 -6.35 -10.60
C LEU A 45 -4.32 -7.77 -10.30
N LYS A 46 -3.92 -8.49 -11.35
CA LYS A 46 -3.46 -9.87 -11.20
C LYS A 46 -2.18 -9.93 -10.36
N ASP A 47 -1.26 -9.01 -10.63
CA ASP A 47 0.00 -8.95 -9.90
C ASP A 47 -0.24 -8.89 -8.40
N ILE A 48 -1.09 -7.96 -7.98
CA ILE A 48 -1.40 -7.79 -6.57
C ILE A 48 -2.14 -9.01 -6.03
N CYS A 49 -3.18 -9.44 -6.73
CA CYS A 49 -3.96 -10.60 -6.31
C CYS A 49 -3.06 -11.82 -6.12
N ARG A 50 -2.03 -11.93 -6.94
CA ARG A 50 -1.10 -13.05 -6.86
C ARG A 50 -0.17 -12.89 -5.65
N SER A 51 0.34 -11.68 -5.45
CA SER A 51 1.24 -11.41 -4.34
C SER A 51 0.57 -11.71 -3.00
N VAL A 52 -0.63 -11.18 -2.82
CA VAL A 52 -1.38 -11.40 -1.59
C VAL A 52 -2.14 -12.72 -1.63
N SER A 53 -2.08 -13.38 -2.78
CA SER A 53 -2.77 -14.67 -2.96
C SER A 53 -4.28 -14.48 -2.91
N PHE A 54 -4.72 -13.23 -3.01
CA PHE A 54 -6.15 -12.91 -2.98
C PHE A 54 -6.87 -13.59 -4.14
N PRO A 55 -8.20 -13.72 -4.01
CA PRO A 55 -9.05 -14.33 -5.04
C PRO A 55 -9.14 -13.48 -6.30
N VAL A 56 -8.47 -13.92 -7.36
CA VAL A 56 -8.50 -13.20 -8.63
C VAL A 56 -9.57 -13.76 -9.56
N SER A 57 -10.60 -14.35 -8.98
CA SER A 57 -11.69 -14.93 -9.75
C SER A 57 -12.73 -13.87 -10.09
N GLY A 58 -12.66 -12.73 -9.41
CA GLY A 58 -13.60 -11.66 -9.66
C GLY A 58 -13.27 -10.86 -10.90
N ARG A 59 -13.27 -9.54 -10.78
CA ARG A 59 -12.97 -8.67 -11.90
C ARG A 59 -12.08 -7.51 -11.47
N LYS A 60 -11.80 -6.60 -12.41
CA LYS A 60 -10.95 -5.45 -12.12
C LYS A 60 -11.62 -4.52 -11.11
N ALA A 61 -12.94 -4.36 -11.24
CA ALA A 61 -13.70 -3.51 -10.35
C ALA A 61 -13.69 -4.05 -8.92
N VAL A 62 -13.87 -5.37 -8.80
CA VAL A 62 -13.87 -6.02 -7.49
C VAL A 62 -12.49 -5.96 -6.83
N LEU A 63 -11.46 -6.17 -7.64
CA LEU A 63 -10.09 -6.15 -7.15
C LEU A 63 -9.69 -4.73 -6.74
N GLN A 64 -9.84 -3.79 -7.65
CA GLN A 64 -9.48 -2.40 -7.37
C GLN A 64 -10.31 -1.85 -6.21
N ASP A 65 -11.52 -2.37 -6.05
CA ASP A 65 -12.40 -1.93 -4.98
C ASP A 65 -11.92 -2.46 -3.63
N LEU A 66 -11.52 -3.73 -3.61
CA LEU A 66 -11.04 -4.36 -2.38
C LEU A 66 -9.76 -3.69 -1.90
N ILE A 67 -8.83 -3.46 -2.83
CA ILE A 67 -7.56 -2.82 -2.50
C ILE A 67 -7.77 -1.36 -2.09
N ARG A 68 -8.54 -0.63 -2.90
CA ARG A 68 -8.80 0.77 -2.63
C ARG A 68 -9.48 0.95 -1.27
N ASN A 69 -10.50 0.13 -1.02
CA ASN A 69 -11.23 0.19 0.25
C ASN A 69 -10.33 -0.18 1.42
N PHE A 70 -9.50 -1.20 1.22
CA PHE A 70 -8.58 -1.66 2.26
C PHE A 70 -7.64 -0.54 2.68
N LEU A 71 -7.07 0.16 1.70
CA LEU A 71 -6.15 1.26 1.97
C LEU A 71 -6.86 2.42 2.64
N GLN A 72 -8.04 2.76 2.13
CA GLN A 72 -8.83 3.86 2.68
C GLN A 72 -9.33 3.51 4.08
N ASN A 73 -9.47 2.22 4.35
CA ASN A 73 -9.94 1.75 5.65
C ASN A 73 -8.79 1.62 6.63
N ALA A 74 -7.58 1.43 6.10
CA ALA A 74 -6.39 1.29 6.93
C ALA A 74 -6.17 2.55 7.78
N LEU A 75 -6.80 3.64 7.39
CA LEU A 75 -6.66 4.91 8.09
C LEU A 75 -7.89 5.17 8.96
N VAL A 76 -8.37 4.14 9.63
CA VAL A 76 -9.54 4.27 10.50
C VAL A 76 -9.15 4.80 11.87
N VAL A 77 -9.92 5.76 12.37
CA VAL A 77 -9.66 6.38 13.67
C VAL A 77 -9.96 5.40 14.80
N GLY A 78 -8.91 4.96 15.49
CA GLY A 78 -9.08 4.02 16.59
C GLY A 78 -8.77 2.60 16.19
N LYS A 79 -7.96 2.44 15.15
CA LYS A 79 -7.58 1.12 14.66
C LYS A 79 -6.25 1.17 13.93
N SER A 80 -6.22 1.93 12.84
CA SER A 80 -5.00 2.05 12.04
C SER A 80 -4.62 0.72 11.41
N ASP A 81 -3.87 0.78 10.32
CA ASP A 81 -3.43 -0.43 9.63
C ASP A 81 -2.46 -0.08 8.49
N PRO A 82 -1.22 0.25 8.86
CA PRO A 82 -0.17 0.61 7.89
C PRO A 82 0.28 -0.59 7.07
N TYR A 83 -0.14 -1.78 7.48
CA TYR A 83 0.23 -3.00 6.78
C TYR A 83 -0.23 -2.97 5.33
N ARG A 84 -1.53 -2.72 5.13
CA ARG A 84 -2.10 -2.65 3.80
C ARG A 84 -1.55 -1.47 3.02
N VAL A 85 -1.25 -0.38 3.74
CA VAL A 85 -0.72 0.83 3.13
C VAL A 85 0.61 0.55 2.43
N GLN A 86 1.59 0.12 3.21
CA GLN A 86 2.91 -0.18 2.67
C GLN A 86 2.85 -1.39 1.72
N ALA A 87 1.97 -2.33 2.02
CA ALA A 87 1.82 -3.53 1.19
C ALA A 87 1.32 -3.15 -0.20
N VAL A 88 0.25 -2.37 -0.26
CA VAL A 88 -0.32 -1.95 -1.54
C VAL A 88 0.64 -1.05 -2.29
N LYS A 89 1.16 -0.03 -1.61
CA LYS A 89 2.09 0.90 -2.22
C LYS A 89 3.28 0.17 -2.83
N PHE A 90 3.79 -0.82 -2.10
CA PHE A 90 4.93 -1.61 -2.57
C PHE A 90 4.56 -2.40 -3.82
N LEU A 91 3.46 -3.13 -3.74
CA LEU A 91 3.00 -3.94 -4.86
C LEU A 91 2.76 -3.08 -6.10
N ILE A 92 1.98 -2.01 -5.92
CA ILE A 92 1.67 -1.10 -7.01
C ILE A 92 2.95 -0.54 -7.64
N GLU A 93 3.87 -0.07 -6.79
CA GLU A 93 5.12 0.49 -7.27
C GLU A 93 5.94 -0.56 -8.01
N ARG A 94 6.02 -1.76 -7.44
CA ARG A 94 6.77 -2.84 -8.05
C ARG A 94 6.20 -3.20 -9.43
N ILE A 95 4.88 -3.06 -9.56
CA ILE A 95 4.21 -3.36 -10.82
C ILE A 95 4.49 -2.28 -11.86
N ARG A 96 4.36 -1.03 -11.46
CA ARG A 96 4.60 0.09 -12.36
C ARG A 96 6.08 0.31 -12.59
N LYS A 97 6.90 -0.35 -11.77
CA LYS A 97 8.35 -0.23 -11.88
C LYS A 97 8.97 -1.54 -12.39
N ASN A 98 8.15 -2.59 -12.46
CA ASN A 98 8.61 -3.89 -12.93
C ASN A 98 9.62 -4.49 -11.96
N GLU A 99 9.12 -5.24 -10.99
CA GLU A 99 9.98 -5.88 -10.00
C GLU A 99 9.41 -7.21 -9.55
N PRO A 100 10.26 -8.05 -8.95
CA PRO A 100 9.86 -9.37 -8.46
C PRO A 100 8.92 -9.30 -7.26
N LEU A 101 7.95 -10.19 -7.20
CA LEU A 101 6.99 -10.22 -6.10
C LEU A 101 7.30 -11.37 -5.14
N PRO A 102 8.00 -11.06 -4.05
CA PRO A 102 8.36 -12.05 -3.04
C PRO A 102 7.16 -12.55 -2.24
N VAL A 103 7.43 -13.25 -1.14
CA VAL A 103 6.36 -13.78 -0.30
C VAL A 103 5.64 -12.66 0.45
N TYR A 104 4.33 -12.80 0.59
CA TYR A 104 3.53 -11.81 1.29
C TYR A 104 3.94 -11.69 2.75
N LYS A 105 4.13 -12.83 3.39
CA LYS A 105 4.53 -12.87 4.79
C LYS A 105 5.96 -12.33 4.97
N ASP A 106 6.87 -12.81 4.14
CA ASP A 106 8.26 -12.38 4.19
C ASP A 106 8.38 -10.89 3.90
N LEU A 107 7.82 -10.47 2.77
CA LEU A 107 7.86 -9.07 2.37
C LEU A 107 7.22 -8.18 3.43
N TRP A 108 6.08 -8.61 3.94
CA TRP A 108 5.37 -7.85 4.97
C TRP A 108 6.24 -7.65 6.20
N ASN A 109 6.83 -8.74 6.68
CA ASN A 109 7.69 -8.68 7.86
C ASN A 109 8.87 -7.75 7.62
N ALA A 110 9.45 -7.82 6.43
CA ALA A 110 10.59 -6.99 6.07
C ALA A 110 10.23 -5.50 6.14
N LEU A 111 9.10 -5.14 5.54
CA LEU A 111 8.65 -3.76 5.53
C LEU A 111 8.18 -3.33 6.92
N ARG A 112 7.73 -4.31 7.71
CA ARG A 112 7.25 -4.04 9.06
C ARG A 112 8.39 -3.61 9.97
N LYS A 113 9.43 -4.43 10.03
CA LYS A 113 10.60 -4.14 10.85
C LYS A 113 11.51 -3.11 10.18
N GLY A 114 11.40 -3.03 8.86
CA GLY A 114 12.21 -2.08 8.11
C GLY A 114 13.63 -2.60 7.89
N GLY A 1 9.71 14.77 5.70
CA GLY A 1 10.13 14.37 7.04
C GLY A 1 9.26 13.27 7.61
N SER A 2 9.42 12.06 7.09
CA SER A 2 8.65 10.91 7.55
C SER A 2 9.13 9.62 6.89
N HIS A 3 9.38 9.70 5.58
CA HIS A 3 9.85 8.55 4.82
C HIS A 3 11.30 8.24 5.15
N MET A 4 12.06 9.26 5.53
CA MET A 4 13.47 9.09 5.87
C MET A 4 13.80 9.84 7.15
N ILE A 5 12.79 10.44 7.77
CA ILE A 5 12.99 11.19 9.01
C ILE A 5 11.73 11.16 9.87
N ASN A 6 11.85 10.51 11.04
CA ASN A 6 10.72 10.41 11.96
C ASN A 6 11.09 10.96 13.32
N LEU A 7 10.43 12.05 13.72
CA LEU A 7 10.69 12.68 15.01
C LEU A 7 10.42 11.70 16.15
N GLU A 8 9.67 10.65 15.86
CA GLU A 8 9.33 9.65 16.87
C GLU A 8 10.42 8.58 16.95
N ASP A 9 11.36 8.62 15.99
CA ASP A 9 12.46 7.67 15.96
C ASP A 9 13.78 8.37 15.71
N TYR A 10 13.79 9.69 15.87
CA TYR A 10 14.99 10.48 15.66
C TYR A 10 15.30 11.35 16.87
N TRP A 11 14.65 11.04 17.99
CA TRP A 11 14.85 11.79 19.22
C TRP A 11 14.74 13.29 18.97
N GLU A 12 13.53 13.75 18.68
CA GLU A 12 13.29 15.17 18.43
C GLU A 12 12.49 15.80 19.56
N ASP A 13 11.20 15.51 19.60
CA ASP A 13 10.32 16.04 20.64
C ASP A 13 9.67 14.92 21.44
N GLU A 14 10.23 13.72 21.33
CA GLU A 14 9.70 12.57 22.04
C GLU A 14 8.19 12.41 21.79
N THR A 15 7.75 12.86 20.62
CA THR A 15 6.34 12.78 20.26
C THR A 15 5.80 11.37 20.49
N PRO A 16 4.51 11.29 20.85
CA PRO A 16 3.84 10.01 21.10
C PRO A 16 3.63 9.20 19.83
N GLY A 17 2.87 8.11 19.95
CA GLY A 17 2.61 7.28 18.80
C GLY A 17 1.20 6.70 18.80
N PRO A 18 0.21 7.58 18.63
CA PRO A 18 -1.20 7.18 18.62
C PRO A 18 -1.57 6.38 17.37
N ASP A 19 -2.50 5.44 17.53
CA ASP A 19 -2.93 4.61 16.42
C ASP A 19 -4.21 5.15 15.80
N ARG A 20 -4.58 6.36 16.18
CA ARG A 20 -5.79 7.00 15.67
C ARG A 20 -5.47 8.35 15.04
N GLU A 21 -4.54 9.07 15.65
CA GLU A 21 -4.14 10.39 15.15
C GLU A 21 -3.65 10.30 13.71
N PRO A 22 -4.30 11.07 12.82
CA PRO A 22 -3.94 11.09 11.40
C PRO A 22 -2.59 11.76 11.15
N THR A 23 -2.27 11.95 9.87
CA THR A 23 -1.00 12.57 9.50
C THR A 23 -1.06 13.10 8.07
N ASN A 24 -0.50 14.30 7.86
CA ASN A 24 -0.49 14.92 6.55
C ASN A 24 0.07 13.96 5.50
N GLU A 25 1.16 13.28 5.85
CA GLU A 25 1.79 12.33 4.93
C GLU A 25 0.92 11.09 4.76
N LEU A 26 0.15 10.76 5.79
CA LEU A 26 -0.74 9.60 5.74
C LEU A 26 -1.82 9.78 4.68
N ARG A 27 -2.56 10.88 4.78
CA ARG A 27 -3.63 11.18 3.83
C ARG A 27 -3.06 11.55 2.47
N ASN A 28 -1.88 12.17 2.48
CA ASN A 28 -1.23 12.57 1.24
C ASN A 28 -0.74 11.36 0.45
N GLU A 29 -0.08 10.44 1.15
CA GLU A 29 0.45 9.23 0.52
C GLU A 29 -0.69 8.32 0.07
N VAL A 30 -1.72 8.21 0.91
CA VAL A 30 -2.87 7.36 0.61
C VAL A 30 -3.67 7.93 -0.57
N GLU A 31 -3.78 9.25 -0.63
CA GLU A 31 -4.52 9.91 -1.69
C GLU A 31 -3.79 9.76 -3.03
N GLU A 32 -2.47 9.92 -3.00
CA GLU A 32 -1.65 9.81 -4.20
C GLU A 32 -1.62 8.37 -4.70
N THR A 33 -1.34 7.44 -3.79
CA THR A 33 -1.27 6.03 -4.14
C THR A 33 -2.63 5.52 -4.62
N ILE A 34 -3.69 6.03 -4.02
CA ILE A 34 -5.04 5.64 -4.38
C ILE A 34 -5.44 6.21 -5.74
N THR A 35 -5.00 7.44 -6.01
CA THR A 35 -5.31 8.10 -7.26
C THR A 35 -4.60 7.43 -8.44
N LEU A 36 -3.34 7.07 -8.23
CA LEU A 36 -2.56 6.42 -9.27
C LEU A 36 -3.00 4.96 -9.44
N MET A 37 -3.26 4.29 -8.33
CA MET A 37 -3.69 2.90 -8.36
C MET A 37 -5.13 2.78 -8.82
N GLU A 38 -5.89 3.86 -8.66
CA GLU A 38 -7.29 3.87 -9.06
C GLU A 38 -7.43 3.49 -10.53
N LEU A 39 -6.38 3.71 -11.30
CA LEU A 39 -6.38 3.38 -12.72
C LEU A 39 -5.78 2.01 -12.97
N LEU A 40 -5.89 1.13 -11.98
CA LEU A 40 -5.36 -0.22 -12.09
C LEU A 40 -5.86 -0.90 -13.36
N LYS A 41 -5.05 -1.80 -13.90
CA LYS A 41 -5.42 -2.52 -15.13
C LYS A 41 -5.39 -4.03 -14.89
N VAL A 42 -5.87 -4.79 -15.87
CA VAL A 42 -5.90 -6.23 -15.78
C VAL A 42 -4.54 -6.79 -15.38
N SER A 43 -3.49 -6.19 -15.91
CA SER A 43 -2.13 -6.63 -15.62
C SER A 43 -1.80 -6.44 -14.14
N GLU A 44 -2.07 -5.25 -13.62
CA GLU A 44 -1.81 -4.94 -12.22
C GLU A 44 -2.70 -5.79 -11.31
N LEU A 45 -4.00 -5.76 -11.58
CA LEU A 45 -4.95 -6.53 -10.78
C LEU A 45 -4.51 -7.98 -10.65
N LYS A 46 -4.25 -8.62 -11.79
CA LYS A 46 -3.82 -10.02 -11.81
C LYS A 46 -2.50 -10.18 -11.05
N ASP A 47 -1.57 -9.27 -11.29
CA ASP A 47 -0.26 -9.32 -10.64
C ASP A 47 -0.42 -9.29 -9.12
N ILE A 48 -1.19 -8.32 -8.63
CA ILE A 48 -1.42 -8.19 -7.20
C ILE A 48 -2.13 -9.40 -6.63
N CYS A 49 -3.26 -9.77 -7.25
CA CYS A 49 -4.04 -10.92 -6.81
C CYS A 49 -3.18 -12.17 -6.75
N ARG A 50 -2.21 -12.26 -7.67
CA ARG A 50 -1.31 -13.40 -7.73
C ARG A 50 -0.29 -13.36 -6.61
N SER A 51 0.40 -12.23 -6.48
CA SER A 51 1.42 -12.05 -5.45
C SER A 51 0.82 -12.30 -4.07
N VAL A 52 -0.30 -11.65 -3.78
CA VAL A 52 -0.96 -11.80 -2.49
C VAL A 52 -1.73 -13.12 -2.41
N SER A 53 -1.78 -13.82 -3.54
CA SER A 53 -2.49 -15.10 -3.60
C SER A 53 -3.99 -14.90 -3.38
N PHE A 54 -4.43 -13.65 -3.48
CA PHE A 54 -5.84 -13.33 -3.28
C PHE A 54 -6.70 -13.96 -4.38
N PRO A 55 -8.01 -14.10 -4.11
CA PRO A 55 -8.96 -14.68 -5.05
C PRO A 55 -9.21 -13.79 -6.26
N VAL A 56 -8.66 -14.19 -7.41
CA VAL A 56 -8.82 -13.43 -8.63
C VAL A 56 -9.98 -13.95 -9.47
N SER A 57 -10.93 -14.60 -8.79
CA SER A 57 -12.10 -15.16 -9.47
C SER A 57 -13.13 -14.09 -9.75
N GLY A 58 -12.97 -12.93 -9.11
CA GLY A 58 -13.89 -11.83 -9.30
C GLY A 58 -13.62 -11.06 -10.58
N ARG A 59 -13.60 -9.73 -10.47
CA ARG A 59 -13.35 -8.88 -11.62
C ARG A 59 -12.47 -7.69 -11.23
N LYS A 60 -12.09 -6.90 -12.23
CA LYS A 60 -11.25 -5.73 -12.00
C LYS A 60 -11.87 -4.81 -10.96
N ALA A 61 -13.19 -4.73 -10.96
CA ALA A 61 -13.91 -3.88 -10.01
C ALA A 61 -13.78 -4.43 -8.59
N VAL A 62 -13.86 -5.75 -8.45
CA VAL A 62 -13.75 -6.39 -7.15
C VAL A 62 -12.35 -6.24 -6.57
N LEU A 63 -11.35 -6.39 -7.42
CA LEU A 63 -9.95 -6.27 -7.00
C LEU A 63 -9.64 -4.83 -6.60
N GLN A 64 -9.90 -3.90 -7.51
CA GLN A 64 -9.64 -2.48 -7.25
C GLN A 64 -10.43 -2.00 -6.04
N ASP A 65 -11.60 -2.58 -5.84
CA ASP A 65 -12.46 -2.21 -4.72
C ASP A 65 -11.86 -2.69 -3.39
N LEU A 66 -11.36 -3.93 -3.40
CA LEU A 66 -10.77 -4.51 -2.20
C LEU A 66 -9.52 -3.74 -1.78
N ILE A 67 -8.65 -3.46 -2.74
CA ILE A 67 -7.43 -2.72 -2.47
C ILE A 67 -7.73 -1.29 -2.04
N ARG A 68 -8.53 -0.60 -2.84
CA ARG A 68 -8.90 0.78 -2.54
C ARG A 68 -9.51 0.90 -1.15
N ASN A 69 -10.45 0.02 -0.85
CA ASN A 69 -11.11 0.02 0.46
C ASN A 69 -10.10 -0.26 1.58
N PHE A 70 -9.22 -1.23 1.33
CA PHE A 70 -8.21 -1.59 2.32
C PHE A 70 -7.39 -0.38 2.74
N LEU A 71 -6.87 0.35 1.76
CA LEU A 71 -6.08 1.53 2.02
C LEU A 71 -6.92 2.63 2.65
N GLN A 72 -8.15 2.78 2.17
CA GLN A 72 -9.06 3.79 2.69
C GLN A 72 -9.40 3.52 4.16
N ASN A 73 -9.53 2.24 4.51
CA ASN A 73 -9.85 1.86 5.87
C ASN A 73 -8.59 1.74 6.72
N ALA A 74 -7.45 1.63 6.05
CA ALA A 74 -6.17 1.52 6.74
C ALA A 74 -5.93 2.69 7.67
N LEU A 75 -6.65 3.79 7.42
CA LEU A 75 -6.52 4.99 8.24
C LEU A 75 -7.86 5.36 8.86
N VAL A 76 -8.37 4.48 9.73
CA VAL A 76 -9.64 4.72 10.40
C VAL A 76 -9.44 4.98 11.89
N VAL A 77 -10.00 6.09 12.37
CA VAL A 77 -9.87 6.45 13.78
C VAL A 77 -10.46 5.37 14.68
N GLY A 78 -9.58 4.69 15.43
CA GLY A 78 -10.03 3.64 16.32
C GLY A 78 -9.75 2.26 15.76
N LYS A 79 -8.79 2.17 14.86
CA LYS A 79 -8.43 0.90 14.24
C LYS A 79 -7.02 0.94 13.68
N SER A 80 -6.82 1.79 12.68
CA SER A 80 -5.51 1.92 12.05
C SER A 80 -5.10 0.62 11.35
N ASP A 81 -4.22 0.75 10.37
CA ASP A 81 -3.75 -0.42 9.61
C ASP A 81 -2.74 0.00 8.55
N PRO A 82 -1.49 0.26 8.99
CA PRO A 82 -0.42 0.67 8.08
C PRO A 82 0.03 -0.46 7.16
N TYR A 83 -0.24 -1.69 7.58
CA TYR A 83 0.15 -2.87 6.80
C TYR A 83 -0.40 -2.79 5.38
N ARG A 84 -1.67 -2.39 5.27
CA ARG A 84 -2.32 -2.26 3.97
C ARG A 84 -1.71 -1.11 3.16
N VAL A 85 -1.41 -0.01 3.85
CA VAL A 85 -0.83 1.15 3.20
C VAL A 85 0.48 0.80 2.50
N GLN A 86 1.45 0.32 3.29
CA GLN A 86 2.75 -0.05 2.74
C GLN A 86 2.61 -1.19 1.73
N ALA A 87 1.73 -2.13 2.04
CA ALA A 87 1.49 -3.27 1.15
C ALA A 87 1.02 -2.81 -0.23
N VAL A 88 -0.01 -1.97 -0.24
CA VAL A 88 -0.57 -1.46 -1.49
C VAL A 88 0.47 -0.66 -2.26
N LYS A 89 1.10 0.29 -1.59
CA LYS A 89 2.13 1.12 -2.22
C LYS A 89 3.18 0.27 -2.91
N PHE A 90 3.62 -0.78 -2.22
CA PHE A 90 4.63 -1.68 -2.77
C PHE A 90 4.10 -2.41 -4.01
N LEU A 91 2.85 -2.84 -3.93
CA LEU A 91 2.22 -3.55 -5.05
C LEU A 91 2.22 -2.69 -6.31
N ILE A 92 1.75 -1.45 -6.18
CA ILE A 92 1.70 -0.53 -7.31
C ILE A 92 3.09 -0.27 -7.87
N GLU A 93 4.02 0.07 -6.97
CA GLU A 93 5.40 0.34 -7.38
C GLU A 93 6.01 -0.85 -8.10
N ARG A 94 5.89 -2.03 -7.48
CA ARG A 94 6.43 -3.25 -8.05
C ARG A 94 5.91 -3.46 -9.47
N ILE A 95 4.61 -3.27 -9.66
CA ILE A 95 3.99 -3.43 -10.96
C ILE A 95 4.42 -2.32 -11.91
N ARG A 96 4.60 -1.12 -11.37
CA ARG A 96 5.01 0.02 -12.18
C ARG A 96 6.48 -0.07 -12.55
N LYS A 97 7.22 -0.92 -11.83
CA LYS A 97 8.65 -1.11 -12.09
C LYS A 97 8.91 -2.45 -12.75
N ASN A 98 7.91 -3.32 -12.73
CA ASN A 98 8.04 -4.65 -13.33
C ASN A 98 9.10 -5.47 -12.60
N GLU A 99 9.12 -5.36 -11.27
CA GLU A 99 10.07 -6.09 -10.46
C GLU A 99 9.44 -7.37 -9.90
N PRO A 100 10.31 -8.31 -9.49
CA PRO A 100 9.86 -9.59 -8.92
C PRO A 100 9.23 -9.43 -7.54
N LEU A 101 7.92 -9.69 -7.46
CA LEU A 101 7.20 -9.57 -6.20
C LEU A 101 7.63 -10.67 -5.23
N PRO A 102 8.27 -10.26 -4.12
CA PRO A 102 8.74 -11.19 -3.09
C PRO A 102 7.59 -11.82 -2.31
N VAL A 103 7.93 -12.58 -1.27
CA VAL A 103 6.92 -13.23 -0.44
C VAL A 103 6.13 -12.21 0.38
N TYR A 104 4.84 -12.47 0.52
CA TYR A 104 3.97 -11.57 1.28
C TYR A 104 4.37 -11.52 2.74
N LYS A 105 4.61 -12.69 3.33
CA LYS A 105 5.00 -12.79 4.73
C LYS A 105 6.38 -12.18 4.95
N ASP A 106 7.32 -12.53 4.08
CA ASP A 106 8.68 -12.01 4.19
C ASP A 106 8.70 -10.50 3.97
N LEU A 107 8.12 -10.05 2.86
CA LEU A 107 8.07 -8.63 2.54
C LEU A 107 7.37 -7.85 3.64
N TRP A 108 6.25 -8.38 4.12
CA TRP A 108 5.49 -7.73 5.18
C TRP A 108 6.35 -7.55 6.44
N ASN A 109 6.97 -8.64 6.89
CA ASN A 109 7.81 -8.60 8.07
C ASN A 109 8.94 -7.59 7.90
N ALA A 110 9.51 -7.55 6.70
CA ALA A 110 10.60 -6.63 6.41
C ALA A 110 10.16 -5.18 6.55
N LEU A 111 9.02 -4.85 5.95
CA LEU A 111 8.47 -3.50 6.01
C LEU A 111 7.96 -3.19 7.41
N ARG A 112 7.56 -4.22 8.14
CA ARG A 112 7.05 -4.06 9.49
C ARG A 112 8.16 -3.61 10.44
N LYS A 113 9.24 -4.38 10.48
CA LYS A 113 10.37 -4.07 11.35
C LYS A 113 11.23 -2.95 10.74
N GLY A 114 11.13 -2.79 9.43
CA GLY A 114 11.90 -1.75 8.75
C GLY A 114 11.15 -1.13 7.60
N GLY A 1 19.94 3.92 -5.45
CA GLY A 1 18.72 4.43 -4.84
C GLY A 1 18.88 4.68 -3.36
N SER A 2 19.64 3.83 -2.68
CA SER A 2 19.87 3.96 -1.25
C SER A 2 21.30 3.58 -0.89
N HIS A 3 22.17 3.57 -1.88
CA HIS A 3 23.57 3.21 -1.67
C HIS A 3 24.36 4.42 -1.16
N MET A 4 23.66 5.52 -0.92
CA MET A 4 24.29 6.74 -0.44
C MET A 4 23.44 7.42 0.63
N ILE A 5 23.67 8.71 0.84
CA ILE A 5 22.92 9.47 1.84
C ILE A 5 22.06 10.53 1.17
N ASN A 6 20.81 10.19 0.90
CA ASN A 6 19.88 11.12 0.27
C ASN A 6 18.70 11.41 1.18
N LEU A 7 18.64 12.64 1.68
CA LEU A 7 17.57 13.06 2.57
C LEU A 7 16.21 12.70 1.98
N GLU A 8 16.11 12.73 0.66
CA GLU A 8 14.87 12.41 -0.02
C GLU A 8 14.32 11.05 0.43
N ASP A 9 15.23 10.18 0.86
CA ASP A 9 14.86 8.85 1.32
C ASP A 9 15.63 8.48 2.59
N TYR A 10 16.18 9.48 3.25
CA TYR A 10 16.95 9.25 4.47
C TYR A 10 16.73 10.38 5.48
N TRP A 11 15.70 11.19 5.23
CA TRP A 11 15.38 12.31 6.10
C TRP A 11 14.56 11.83 7.30
N GLU A 12 13.90 10.70 7.15
CA GLU A 12 13.08 10.14 8.22
C GLU A 12 11.90 11.06 8.54
N ASP A 13 10.71 10.63 8.16
CA ASP A 13 9.51 11.42 8.42
C ASP A 13 8.31 10.52 8.69
N GLU A 14 8.58 9.25 8.98
CA GLU A 14 7.53 8.28 9.26
C GLU A 14 7.55 7.86 10.73
N THR A 15 7.87 8.82 11.61
CA THR A 15 7.92 8.55 13.03
C THR A 15 6.66 7.84 13.52
N PRO A 16 6.81 6.97 14.52
CA PRO A 16 5.69 6.22 15.09
C PRO A 16 4.74 7.10 15.88
N GLY A 17 3.67 6.50 16.39
CA GLY A 17 2.69 7.25 17.16
C GLY A 17 1.44 6.45 17.46
N PRO A 18 0.38 7.13 17.92
CA PRO A 18 -0.90 6.49 18.25
C PRO A 18 -1.63 5.99 17.02
N ASP A 19 -2.88 5.57 17.21
CA ASP A 19 -3.69 5.06 16.11
C ASP A 19 -4.91 5.96 15.89
N ARG A 20 -4.84 7.19 16.37
CA ARG A 20 -5.94 8.14 16.24
C ARG A 20 -5.56 9.27 15.29
N GLU A 21 -4.73 10.19 15.78
CA GLU A 21 -4.29 11.33 14.97
C GLU A 21 -3.61 10.86 13.69
N PRO A 22 -4.13 11.32 12.55
CA PRO A 22 -3.58 10.96 11.23
C PRO A 22 -2.22 11.59 10.98
N THR A 23 -1.74 11.48 9.74
CA THR A 23 -0.44 12.05 9.37
C THR A 23 -0.49 12.63 7.96
N ASN A 24 0.14 13.79 7.79
CA ASN A 24 0.17 14.45 6.49
C ASN A 24 0.62 13.48 5.40
N GLU A 25 1.65 12.71 5.69
CA GLU A 25 2.19 11.74 4.73
C GLU A 25 1.20 10.59 4.54
N LEU A 26 0.43 10.29 5.57
CA LEU A 26 -0.55 9.21 5.51
C LEU A 26 -1.63 9.52 4.49
N ARG A 27 -2.28 10.67 4.65
CA ARG A 27 -3.34 11.09 3.74
C ARG A 27 -2.77 11.47 2.38
N ASN A 28 -1.54 11.96 2.37
CA ASN A 28 -0.88 12.38 1.14
C ASN A 28 -0.52 11.16 0.29
N GLU A 29 0.14 10.19 0.91
CA GLU A 29 0.54 8.97 0.21
C GLU A 29 -0.68 8.17 -0.24
N VAL A 30 -1.67 8.06 0.64
CA VAL A 30 -2.89 7.33 0.34
C VAL A 30 -3.65 7.98 -0.80
N GLU A 31 -3.79 9.30 -0.73
CA GLU A 31 -4.51 10.05 -1.76
C GLU A 31 -3.86 9.85 -3.13
N GLU A 32 -2.55 10.03 -3.18
CA GLU A 32 -1.81 9.87 -4.43
C GLU A 32 -1.83 8.43 -4.89
N THR A 33 -1.56 7.51 -3.97
CA THR A 33 -1.54 6.08 -4.29
C THR A 33 -2.89 5.63 -4.82
N ILE A 34 -3.97 6.09 -4.17
CA ILE A 34 -5.32 5.73 -4.60
C ILE A 34 -5.66 6.35 -5.95
N THR A 35 -5.17 7.56 -6.18
CA THR A 35 -5.43 8.26 -7.43
C THR A 35 -4.74 7.56 -8.60
N LEU A 36 -3.54 7.07 -8.36
CA LEU A 36 -2.77 6.38 -9.40
C LEU A 36 -3.24 4.93 -9.55
N MET A 37 -3.55 4.29 -8.42
CA MET A 37 -4.02 2.91 -8.42
C MET A 37 -5.45 2.83 -8.93
N GLU A 38 -6.18 3.94 -8.84
CA GLU A 38 -7.56 3.98 -9.28
C GLU A 38 -7.68 3.55 -10.75
N LEU A 39 -6.59 3.72 -11.49
CA LEU A 39 -6.56 3.35 -12.90
C LEU A 39 -5.93 1.97 -13.09
N LEU A 40 -6.01 1.14 -12.07
CA LEU A 40 -5.45 -0.20 -12.12
C LEU A 40 -5.92 -0.95 -13.37
N LYS A 41 -5.03 -1.72 -13.96
CA LYS A 41 -5.35 -2.49 -15.16
C LYS A 41 -5.34 -3.98 -14.86
N VAL A 42 -5.73 -4.78 -15.86
CA VAL A 42 -5.76 -6.23 -15.70
C VAL A 42 -4.41 -6.77 -15.26
N SER A 43 -3.34 -6.13 -15.72
CA SER A 43 -1.98 -6.55 -15.37
C SER A 43 -1.72 -6.34 -13.88
N GLU A 44 -2.02 -5.13 -13.40
CA GLU A 44 -1.82 -4.80 -12.00
C GLU A 44 -2.74 -5.62 -11.10
N LEU A 45 -4.01 -5.69 -11.48
CA LEU A 45 -5.00 -6.44 -10.70
C LEU A 45 -4.55 -7.89 -10.52
N LYS A 46 -4.19 -8.54 -11.61
CA LYS A 46 -3.73 -9.92 -11.58
C LYS A 46 -2.47 -10.06 -10.74
N ASP A 47 -1.53 -9.15 -10.96
CA ASP A 47 -0.26 -9.16 -10.23
C ASP A 47 -0.51 -9.08 -8.73
N ILE A 48 -1.31 -8.12 -8.31
CA ILE A 48 -1.62 -7.94 -6.90
C ILE A 48 -2.28 -9.19 -6.32
N CYS A 49 -3.35 -9.63 -6.96
CA CYS A 49 -4.08 -10.83 -6.51
C CYS A 49 -3.13 -12.00 -6.32
N ARG A 50 -2.17 -12.14 -7.24
CA ARG A 50 -1.20 -13.22 -7.17
C ARG A 50 -0.21 -13.00 -6.04
N SER A 51 0.37 -11.81 -5.99
CA SER A 51 1.34 -11.47 -4.95
C SER A 51 0.76 -11.69 -3.57
N VAL A 52 -0.54 -11.38 -3.42
CA VAL A 52 -1.22 -11.55 -2.15
C VAL A 52 -1.89 -12.91 -2.06
N SER A 53 -1.89 -13.65 -3.16
CA SER A 53 -2.49 -14.97 -3.21
C SER A 53 -4.00 -14.89 -3.04
N PHE A 54 -4.54 -13.68 -3.17
CA PHE A 54 -5.97 -13.46 -3.03
C PHE A 54 -6.74 -14.11 -4.19
N PRO A 55 -8.04 -14.33 -3.98
CA PRO A 55 -8.90 -14.95 -4.99
C PRO A 55 -9.14 -14.05 -6.19
N VAL A 56 -8.56 -14.41 -7.33
CA VAL A 56 -8.72 -13.61 -8.54
C VAL A 56 -9.86 -14.15 -9.40
N SER A 57 -10.81 -14.83 -8.77
CA SER A 57 -11.94 -15.39 -9.47
C SER A 57 -12.99 -14.33 -9.76
N GLY A 58 -12.85 -13.18 -9.10
CA GLY A 58 -13.80 -12.10 -9.29
C GLY A 58 -13.55 -11.33 -10.57
N ARG A 59 -13.52 -10.00 -10.47
CA ARG A 59 -13.29 -9.15 -11.64
C ARG A 59 -12.44 -7.95 -11.27
N LYS A 60 -12.03 -7.18 -12.27
CA LYS A 60 -11.21 -6.00 -12.05
C LYS A 60 -11.85 -5.08 -11.02
N ALA A 61 -13.18 -5.01 -11.02
CA ALA A 61 -13.90 -4.18 -10.09
C ALA A 61 -13.76 -4.70 -8.66
N VAL A 62 -13.82 -6.02 -8.51
CA VAL A 62 -13.69 -6.65 -7.20
C VAL A 62 -12.30 -6.42 -6.61
N LEU A 63 -11.28 -6.58 -7.45
CA LEU A 63 -9.90 -6.40 -7.02
C LEU A 63 -9.63 -4.95 -6.65
N GLN A 64 -9.92 -4.04 -7.58
CA GLN A 64 -9.71 -2.61 -7.35
C GLN A 64 -10.52 -2.13 -6.15
N ASP A 65 -11.66 -2.76 -5.93
CA ASP A 65 -12.53 -2.39 -4.81
C ASP A 65 -11.93 -2.83 -3.49
N LEU A 66 -11.38 -4.04 -3.46
CA LEU A 66 -10.77 -4.59 -2.25
C LEU A 66 -9.56 -3.75 -1.84
N ILE A 67 -8.71 -3.42 -2.80
CA ILE A 67 -7.52 -2.63 -2.54
C ILE A 67 -7.89 -1.20 -2.15
N ARG A 68 -8.71 -0.55 -2.96
CA ARG A 68 -9.13 0.81 -2.70
C ARG A 68 -9.70 0.93 -1.29
N ASN A 69 -10.64 0.05 -0.95
CA ASN A 69 -11.25 0.07 0.38
C ASN A 69 -10.23 -0.25 1.46
N PHE A 70 -9.32 -1.18 1.15
CA PHE A 70 -8.30 -1.58 2.11
C PHE A 70 -7.53 -0.36 2.62
N LEU A 71 -6.95 0.39 1.69
CA LEU A 71 -6.19 1.59 2.04
C LEU A 71 -7.10 2.66 2.64
N GLN A 72 -8.27 2.83 2.05
CA GLN A 72 -9.23 3.83 2.52
C GLN A 72 -9.54 3.61 4.00
N ASN A 73 -9.74 2.35 4.39
CA ASN A 73 -10.04 2.01 5.77
C ASN A 73 -8.77 1.84 6.58
N ALA A 74 -7.64 1.68 5.88
CA ALA A 74 -6.35 1.51 6.54
C ALA A 74 -6.04 2.68 7.47
N LEU A 75 -6.72 3.80 7.24
CA LEU A 75 -6.52 5.00 8.05
C LEU A 75 -7.83 5.45 8.69
N VAL A 76 -8.37 4.62 9.57
CA VAL A 76 -9.61 4.94 10.26
C VAL A 76 -9.36 5.28 11.73
N VAL A 77 -10.11 6.25 12.24
CA VAL A 77 -9.97 6.67 13.63
C VAL A 77 -10.19 5.50 14.58
N GLY A 78 -9.12 5.10 15.26
CA GLY A 78 -9.22 3.99 16.19
C GLY A 78 -9.25 2.65 15.49
N LYS A 79 -8.56 2.54 14.37
CA LYS A 79 -8.52 1.31 13.61
C LYS A 79 -7.47 1.38 12.50
N SER A 80 -6.36 2.06 12.79
CA SER A 80 -5.28 2.20 11.82
C SER A 80 -4.88 0.85 11.25
N ASP A 81 -4.09 0.88 10.18
CA ASP A 81 -3.63 -0.34 9.54
C ASP A 81 -2.56 -0.03 8.50
N PRO A 82 -1.33 0.22 8.97
CA PRO A 82 -0.20 0.53 8.10
C PRO A 82 0.27 -0.68 7.30
N TYR A 83 -0.03 -1.87 7.80
CA TYR A 83 0.35 -3.10 7.13
C TYR A 83 -0.10 -3.10 5.67
N ARG A 84 -1.40 -2.90 5.46
CA ARG A 84 -1.95 -2.87 4.11
C ARG A 84 -1.46 -1.64 3.35
N VAL A 85 -1.25 -0.54 4.07
CA VAL A 85 -0.77 0.69 3.46
C VAL A 85 0.57 0.49 2.78
N GLN A 86 1.57 0.10 3.56
CA GLN A 86 2.91 -0.12 3.03
C GLN A 86 2.93 -1.30 2.07
N ALA A 87 2.12 -2.31 2.37
CA ALA A 87 2.04 -3.49 1.52
C ALA A 87 1.52 -3.14 0.13
N VAL A 88 0.41 -2.42 0.07
CA VAL A 88 -0.18 -2.02 -1.20
C VAL A 88 0.75 -1.08 -1.95
N LYS A 89 1.22 -0.03 -1.27
CA LYS A 89 2.11 0.94 -1.89
C LYS A 89 3.31 0.25 -2.52
N PHE A 90 3.90 -0.70 -1.79
CA PHE A 90 5.05 -1.43 -2.28
C PHE A 90 4.70 -2.23 -3.54
N LEU A 91 3.63 -3.02 -3.46
CA LEU A 91 3.20 -3.83 -4.58
C LEU A 91 2.91 -2.95 -5.80
N ILE A 92 2.14 -1.91 -5.60
CA ILE A 92 1.80 -0.99 -6.69
C ILE A 92 3.06 -0.46 -7.37
N GLU A 93 3.96 0.08 -6.58
CA GLU A 93 5.22 0.63 -7.11
C GLU A 93 5.95 -0.42 -7.93
N ARG A 94 6.03 -1.64 -7.41
CA ARG A 94 6.71 -2.73 -8.10
C ARG A 94 6.08 -2.99 -9.46
N ILE A 95 4.76 -2.94 -9.52
CA ILE A 95 4.04 -3.17 -10.77
C ILE A 95 4.37 -2.10 -11.80
N ARG A 96 4.32 -0.84 -11.36
CA ARG A 96 4.63 0.28 -12.25
C ARG A 96 6.12 0.41 -12.49
N LYS A 97 6.91 -0.32 -11.69
CA LYS A 97 8.35 -0.29 -11.81
C LYS A 97 8.87 -1.55 -12.51
N ASN A 98 7.98 -2.51 -12.71
CA ASN A 98 8.33 -3.77 -13.37
C ASN A 98 9.30 -4.58 -12.50
N GLU A 99 9.08 -4.54 -11.19
CA GLU A 99 9.93 -5.27 -10.26
C GLU A 99 9.30 -6.60 -9.89
N PRO A 100 10.13 -7.51 -9.34
CA PRO A 100 9.68 -8.85 -8.93
C PRO A 100 8.77 -8.79 -7.71
N LEU A 101 7.85 -9.75 -7.62
CA LEU A 101 6.92 -9.81 -6.50
C LEU A 101 7.31 -10.93 -5.54
N PRO A 102 8.00 -10.56 -4.45
CA PRO A 102 8.45 -11.52 -3.43
C PRO A 102 7.28 -12.08 -2.62
N VAL A 103 7.61 -12.77 -1.54
CA VAL A 103 6.59 -13.36 -0.67
C VAL A 103 5.86 -12.29 0.13
N TYR A 104 4.54 -12.43 0.23
CA TYR A 104 3.72 -11.47 0.96
C TYR A 104 4.08 -11.47 2.44
N LYS A 105 4.26 -12.66 3.00
CA LYS A 105 4.60 -12.81 4.41
C LYS A 105 6.00 -12.28 4.68
N ASP A 106 6.96 -12.71 3.87
CA ASP A 106 8.35 -12.27 4.02
C ASP A 106 8.46 -10.76 3.82
N LEU A 107 7.95 -10.28 2.68
CA LEU A 107 8.00 -8.86 2.37
C LEU A 107 7.33 -8.03 3.47
N TRP A 108 6.16 -8.48 3.91
CA TRP A 108 5.43 -7.79 4.96
C TRP A 108 6.25 -7.68 6.24
N ASN A 109 6.79 -8.81 6.67
CA ASN A 109 7.61 -8.84 7.88
C ASN A 109 8.80 -7.90 7.77
N ALA A 110 9.41 -7.87 6.59
CA ALA A 110 10.56 -7.00 6.34
C ALA A 110 10.18 -5.53 6.49
N LEU A 111 9.08 -5.14 5.85
CA LEU A 111 8.62 -3.76 5.91
C LEU A 111 8.08 -3.43 7.30
N ARG A 112 7.62 -4.44 8.01
CA ARG A 112 7.07 -4.26 9.35
C ARG A 112 8.18 -3.89 10.33
N LYS A 113 9.22 -4.73 10.38
CA LYS A 113 10.34 -4.48 11.28
C LYS A 113 11.27 -3.42 10.72
N GLY A 114 11.21 -3.21 9.40
CA GLY A 114 12.05 -2.21 8.77
C GLY A 114 11.36 -1.54 7.60
N GLY A 1 9.50 4.54 4.65
CA GLY A 1 10.30 3.35 4.43
C GLY A 1 11.05 2.91 5.66
N SER A 2 12.05 2.05 5.48
CA SER A 2 12.85 1.56 6.59
C SER A 2 13.94 0.61 6.10
N HIS A 3 13.62 -0.14 5.05
CA HIS A 3 14.58 -1.10 4.49
C HIS A 3 15.60 -0.37 3.59
N MET A 4 15.43 0.93 3.46
CA MET A 4 16.32 1.73 2.63
C MET A 4 16.63 3.07 3.30
N ILE A 5 16.28 3.18 4.58
CA ILE A 5 16.52 4.41 5.33
C ILE A 5 16.91 4.10 6.77
N ASN A 6 16.78 5.11 7.64
CA ASN A 6 17.12 4.95 9.05
C ASN A 6 16.78 6.20 9.84
N LEU A 7 16.14 6.01 10.99
CA LEU A 7 15.75 7.13 11.85
C LEU A 7 16.97 7.89 12.34
N GLU A 8 18.06 7.17 12.58
CA GLU A 8 19.29 7.76 13.06
C GLU A 8 20.05 8.43 11.92
N ASP A 9 19.77 7.98 10.70
CA ASP A 9 20.43 8.53 9.51
C ASP A 9 19.47 9.40 8.71
N TYR A 10 18.63 10.16 9.41
CA TYR A 10 17.65 11.03 8.77
C TYR A 10 17.46 12.31 9.56
N TRP A 11 18.42 12.60 10.45
CA TRP A 11 18.35 13.80 11.27
C TRP A 11 16.98 13.93 11.93
N GLU A 12 16.74 13.12 12.96
CA GLU A 12 15.47 13.16 13.68
C GLU A 12 15.54 12.32 14.95
N ASP A 13 15.05 12.88 16.05
CA ASP A 13 15.05 12.18 17.33
C ASP A 13 13.81 12.54 18.14
N GLU A 14 12.82 13.11 17.48
CA GLU A 14 11.59 13.51 18.15
C GLU A 14 10.42 13.58 17.15
N THR A 15 10.26 12.52 16.36
CA THR A 15 9.20 12.46 15.37
C THR A 15 7.87 12.14 16.01
N PRO A 16 6.78 12.66 15.42
CA PRO A 16 5.42 12.43 15.92
C PRO A 16 4.96 10.99 15.72
N GLY A 17 3.92 10.59 16.45
CA GLY A 17 3.40 9.25 16.34
C GLY A 17 2.20 9.01 17.23
N PRO A 18 1.06 9.64 16.88
CA PRO A 18 -0.17 9.51 17.64
C PRO A 18 -0.79 8.11 17.52
N ASP A 19 -1.95 7.93 18.14
CA ASP A 19 -2.64 6.65 18.09
C ASP A 19 -4.05 6.80 17.52
N ARG A 20 -4.25 7.88 16.75
CA ARG A 20 -5.55 8.14 16.14
C ARG A 20 -5.50 9.41 15.30
N GLU A 21 -4.74 10.40 15.75
CA GLU A 21 -4.61 11.66 15.04
C GLU A 21 -4.07 11.44 13.63
N PRO A 22 -4.84 11.88 12.63
CA PRO A 22 -4.45 11.74 11.22
C PRO A 22 -3.27 12.62 10.85
N THR A 23 -2.42 12.12 9.95
CA THR A 23 -1.25 12.85 9.51
C THR A 23 -1.41 13.34 8.07
N ASN A 24 -0.99 14.59 7.82
CA ASN A 24 -1.09 15.16 6.48
C ASN A 24 -0.49 14.23 5.44
N GLU A 25 0.68 13.68 5.75
CA GLU A 25 1.35 12.76 4.84
C GLU A 25 0.58 11.46 4.68
N LEU A 26 -0.08 11.04 5.76
CA LEU A 26 -0.87 9.81 5.74
C LEU A 26 -2.02 9.91 4.75
N ARG A 27 -2.82 10.96 4.89
CA ARG A 27 -3.96 11.17 4.00
C ARG A 27 -3.50 11.58 2.61
N ASN A 28 -2.36 12.26 2.55
CA ASN A 28 -1.80 12.70 1.28
C ASN A 28 -1.28 11.53 0.46
N GLU A 29 -0.54 10.64 1.12
CA GLU A 29 0.02 9.47 0.45
C GLU A 29 -1.09 8.49 0.05
N VAL A 30 -2.04 8.29 0.96
CA VAL A 30 -3.16 7.39 0.71
C VAL A 30 -4.03 7.89 -0.42
N GLU A 31 -4.36 9.19 -0.39
CA GLU A 31 -5.18 9.80 -1.42
C GLU A 31 -4.52 9.70 -2.79
N GLU A 32 -3.26 10.10 -2.85
CA GLU A 32 -2.51 10.07 -4.10
C GLU A 32 -2.37 8.64 -4.61
N THR A 33 -2.02 7.73 -3.72
CA THR A 33 -1.85 6.32 -4.08
C THR A 33 -3.15 5.74 -4.63
N ILE A 34 -4.27 6.11 -4.02
CA ILE A 34 -5.58 5.63 -4.46
C ILE A 34 -5.95 6.19 -5.82
N THR A 35 -5.59 7.46 -6.05
CA THR A 35 -5.88 8.12 -7.32
C THR A 35 -5.09 7.49 -8.46
N LEU A 36 -3.81 7.24 -8.22
CA LEU A 36 -2.94 6.64 -9.22
C LEU A 36 -3.26 5.15 -9.40
N MET A 37 -3.47 4.46 -8.29
CA MET A 37 -3.78 3.04 -8.32
C MET A 37 -5.18 2.80 -8.84
N GLU A 38 -6.03 3.83 -8.75
CA GLU A 38 -7.41 3.74 -9.23
C GLU A 38 -7.44 3.33 -10.69
N LEU A 39 -6.34 3.57 -11.41
CA LEU A 39 -6.26 3.23 -12.82
C LEU A 39 -5.68 1.83 -13.01
N LEU A 40 -5.76 1.01 -11.97
CA LEU A 40 -5.26 -0.35 -12.02
C LEU A 40 -5.81 -1.10 -13.24
N LYS A 41 -4.92 -1.78 -13.96
CA LYS A 41 -5.32 -2.54 -15.14
C LYS A 41 -5.28 -4.04 -14.86
N VAL A 42 -5.72 -4.83 -15.84
CA VAL A 42 -5.73 -6.28 -15.70
C VAL A 42 -4.37 -6.80 -15.28
N SER A 43 -3.31 -6.20 -15.81
CA SER A 43 -1.95 -6.61 -15.49
C SER A 43 -1.62 -6.29 -14.03
N GLU A 44 -1.91 -5.06 -13.62
CA GLU A 44 -1.64 -4.64 -12.25
C GLU A 44 -2.45 -5.48 -11.26
N LEU A 45 -3.75 -5.60 -11.51
CA LEU A 45 -4.62 -6.37 -10.64
C LEU A 45 -4.12 -7.80 -10.49
N LYS A 46 -3.79 -8.43 -11.61
CA LYS A 46 -3.29 -9.80 -11.60
C LYS A 46 -2.00 -9.91 -10.80
N ASP A 47 -1.12 -8.92 -10.97
CA ASP A 47 0.15 -8.90 -10.26
C ASP A 47 -0.06 -8.91 -8.75
N ILE A 48 -0.90 -8.01 -8.27
CA ILE A 48 -1.20 -7.91 -6.85
C ILE A 48 -1.82 -9.22 -6.33
N CYS A 49 -2.83 -9.69 -7.03
CA CYS A 49 -3.51 -10.93 -6.64
C CYS A 49 -2.52 -12.08 -6.54
N ARG A 50 -1.55 -12.10 -7.45
CA ARG A 50 -0.54 -13.16 -7.46
C ARG A 50 0.46 -12.98 -6.31
N SER A 51 0.71 -11.73 -5.95
CA SER A 51 1.65 -11.42 -4.88
C SER A 51 1.07 -11.85 -3.53
N VAL A 52 -0.16 -11.42 -3.26
CA VAL A 52 -0.83 -11.77 -2.01
C VAL A 52 -1.47 -13.14 -2.07
N SER A 53 -1.39 -13.76 -3.25
CA SER A 53 -1.96 -15.09 -3.45
C SER A 53 -3.48 -15.06 -3.32
N PHE A 54 -4.06 -13.87 -3.53
CA PHE A 54 -5.50 -13.69 -3.43
C PHE A 54 -6.20 -14.27 -4.67
N PRO A 55 -7.50 -14.54 -4.52
CA PRO A 55 -8.32 -15.09 -5.61
C PRO A 55 -8.54 -14.09 -6.75
N VAL A 56 -7.92 -14.36 -7.89
CA VAL A 56 -8.05 -13.49 -9.05
C VAL A 56 -9.15 -13.97 -9.99
N SER A 57 -10.10 -14.72 -9.43
CA SER A 57 -11.21 -15.25 -10.22
C SER A 57 -12.49 -14.46 -9.94
N GLY A 58 -12.33 -13.23 -9.47
CA GLY A 58 -13.49 -12.40 -9.18
C GLY A 58 -13.76 -11.39 -10.28
N ARG A 59 -13.14 -10.22 -10.19
CA ARG A 59 -13.33 -9.18 -11.18
C ARG A 59 -12.44 -7.97 -10.87
N LYS A 60 -11.99 -7.29 -11.93
CA LYS A 60 -11.13 -6.12 -11.76
C LYS A 60 -11.74 -5.14 -10.77
N ALA A 61 -13.01 -4.79 -10.97
CA ALA A 61 -13.70 -3.87 -10.08
C ALA A 61 -13.68 -4.38 -8.63
N VAL A 62 -13.85 -5.69 -8.47
CA VAL A 62 -13.85 -6.29 -7.14
C VAL A 62 -12.49 -6.14 -6.47
N LEU A 63 -11.44 -6.56 -7.17
CA LEU A 63 -10.09 -6.48 -6.65
C LEU A 63 -9.72 -5.04 -6.30
N GLN A 64 -9.88 -4.15 -7.27
CA GLN A 64 -9.57 -2.74 -7.08
C GLN A 64 -10.41 -2.15 -5.94
N ASP A 65 -11.63 -2.65 -5.80
CA ASP A 65 -12.52 -2.17 -4.75
C ASP A 65 -12.02 -2.60 -3.37
N LEU A 66 -11.52 -3.83 -3.29
CA LEU A 66 -11.01 -4.35 -2.02
C LEU A 66 -9.77 -3.58 -1.57
N ILE A 67 -8.81 -3.43 -2.49
CA ILE A 67 -7.58 -2.72 -2.19
C ILE A 67 -7.85 -1.26 -1.84
N ARG A 68 -8.65 -0.60 -2.67
CA ARG A 68 -9.00 0.81 -2.44
C ARG A 68 -9.63 0.99 -1.08
N ASN A 69 -10.64 0.17 -0.77
CA ASN A 69 -11.33 0.25 0.51
C ASN A 69 -10.37 -0.02 1.66
N PHE A 70 -9.44 -0.94 1.45
CA PHE A 70 -8.46 -1.29 2.48
C PHE A 70 -7.61 -0.08 2.84
N LEU A 71 -7.09 0.61 1.82
CA LEU A 71 -6.25 1.78 2.05
C LEU A 71 -7.05 2.90 2.72
N GLN A 72 -8.26 3.14 2.22
CA GLN A 72 -9.11 4.18 2.77
C GLN A 72 -9.52 3.85 4.21
N ASN A 73 -9.76 2.57 4.47
CA ASN A 73 -10.15 2.11 5.80
C ASN A 73 -8.96 2.18 6.76
N ALA A 74 -7.77 2.03 6.23
CA ALA A 74 -6.55 2.07 7.04
C ALA A 74 -6.44 3.39 7.80
N LEU A 75 -7.16 4.40 7.32
CA LEU A 75 -7.14 5.71 7.96
C LEU A 75 -8.37 5.90 8.85
N VAL A 76 -8.72 4.86 9.59
CA VAL A 76 -9.87 4.90 10.49
C VAL A 76 -9.47 5.47 11.85
N VAL A 77 -10.33 6.32 12.40
CA VAL A 77 -10.07 6.92 13.70
C VAL A 77 -9.84 5.87 14.77
N GLY A 78 -8.71 5.97 15.47
CA GLY A 78 -8.39 5.00 16.51
C GLY A 78 -8.29 3.59 15.98
N LYS A 79 -7.68 3.44 14.81
CA LYS A 79 -7.52 2.13 14.19
C LYS A 79 -6.57 2.19 13.01
N SER A 80 -5.54 3.03 13.13
CA SER A 80 -4.55 3.19 12.07
C SER A 80 -4.04 1.84 11.60
N ASP A 81 -4.07 1.62 10.29
CA ASP A 81 -3.61 0.36 9.70
C ASP A 81 -2.65 0.62 8.54
N PRO A 82 -1.39 0.92 8.86
CA PRO A 82 -0.36 1.20 7.86
C PRO A 82 0.03 -0.05 7.07
N TYR A 83 -0.35 -1.21 7.59
CA TYR A 83 -0.04 -2.48 6.94
C TYR A 83 -0.46 -2.46 5.48
N ARG A 84 -1.71 -2.09 5.23
CA ARG A 84 -2.24 -2.03 3.88
C ARG A 84 -1.53 -0.95 3.07
N VAL A 85 -1.10 0.11 3.73
CA VAL A 85 -0.40 1.20 3.08
C VAL A 85 0.91 0.73 2.46
N GLN A 86 1.71 0.02 3.25
CA GLN A 86 2.99 -0.49 2.78
C GLN A 86 2.79 -1.63 1.79
N ALA A 87 1.80 -2.46 2.04
CA ALA A 87 1.49 -3.59 1.16
C ALA A 87 1.04 -3.11 -0.21
N VAL A 88 0.07 -2.19 -0.22
CA VAL A 88 -0.45 -1.65 -1.47
C VAL A 88 0.60 -0.83 -2.20
N LYS A 89 1.25 0.07 -1.47
CA LYS A 89 2.28 0.92 -2.04
C LYS A 89 3.37 0.08 -2.71
N PHE A 90 3.80 -0.97 -2.02
CA PHE A 90 4.84 -1.86 -2.55
C PHE A 90 4.35 -2.57 -3.81
N LEU A 91 3.15 -3.13 -3.73
CA LEU A 91 2.58 -3.85 -4.87
C LEU A 91 2.46 -2.93 -6.08
N ILE A 92 1.85 -1.76 -5.89
CA ILE A 92 1.68 -0.80 -6.96
C ILE A 92 3.02 -0.42 -7.59
N GLU A 93 4.00 -0.13 -6.73
CA GLU A 93 5.33 0.24 -7.19
C GLU A 93 5.97 -0.88 -7.98
N ARG A 94 5.95 -2.09 -7.41
CA ARG A 94 6.52 -3.25 -8.06
C ARG A 94 5.93 -3.46 -9.44
N ILE A 95 4.64 -3.18 -9.57
CA ILE A 95 3.94 -3.33 -10.85
C ILE A 95 4.41 -2.29 -11.86
N ARG A 96 4.36 -1.03 -11.46
CA ARG A 96 4.78 0.07 -12.33
C ARG A 96 6.29 0.04 -12.55
N LYS A 97 6.98 -0.77 -11.75
CA LYS A 97 8.43 -0.89 -11.86
C LYS A 97 8.82 -2.19 -12.56
N ASN A 98 7.89 -3.13 -12.62
CA ASN A 98 8.12 -4.42 -13.26
C ASN A 98 9.20 -5.20 -12.51
N GLU A 99 9.17 -5.12 -11.18
CA GLU A 99 10.13 -5.82 -10.35
C GLU A 99 9.60 -7.19 -9.92
N PRO A 100 10.52 -8.08 -9.51
CA PRO A 100 10.17 -9.43 -9.06
C PRO A 100 9.42 -9.43 -7.74
N LEU A 101 8.15 -9.79 -7.77
CA LEU A 101 7.32 -9.84 -6.57
C LEU A 101 7.79 -10.94 -5.63
N PRO A 102 8.31 -10.54 -4.46
CA PRO A 102 8.80 -11.49 -3.45
C PRO A 102 7.67 -12.27 -2.80
N VAL A 103 8.00 -12.99 -1.73
CA VAL A 103 7.01 -13.78 -1.01
C VAL A 103 6.09 -12.89 -0.18
N TYR A 104 4.82 -13.26 -0.10
CA TYR A 104 3.84 -12.50 0.66
C TYR A 104 4.22 -12.46 2.14
N LYS A 105 4.58 -13.61 2.69
CA LYS A 105 4.97 -13.70 4.09
C LYS A 105 6.28 -12.97 4.35
N ASP A 106 7.27 -13.23 3.50
CA ASP A 106 8.58 -12.58 3.65
C ASP A 106 8.45 -11.07 3.52
N LEU A 107 7.82 -10.62 2.43
CA LEU A 107 7.64 -9.19 2.19
C LEU A 107 6.90 -8.54 3.34
N TRP A 108 5.76 -9.10 3.71
CA TRP A 108 4.96 -8.57 4.81
C TRP A 108 5.81 -8.40 6.06
N ASN A 109 6.48 -9.46 6.48
CA ASN A 109 7.33 -9.42 7.66
C ASN A 109 8.42 -8.36 7.52
N ALA A 110 8.94 -8.22 6.31
CA ALA A 110 9.99 -7.23 6.05
C ALA A 110 9.46 -5.82 6.20
N LEU A 111 8.31 -5.54 5.58
CA LEU A 111 7.70 -4.22 5.65
C LEU A 111 7.19 -3.94 7.06
N ARG A 112 6.86 -4.99 7.80
CA ARG A 112 6.37 -4.85 9.16
C ARG A 112 7.48 -4.42 10.10
N LYS A 113 8.59 -5.16 10.08
CA LYS A 113 9.73 -4.85 10.94
C LYS A 113 10.52 -3.66 10.39
N GLY A 114 10.35 -3.39 9.10
CA GLY A 114 11.05 -2.28 8.48
C GLY A 114 12.49 -2.62 8.15
N GLY A 1 12.84 20.54 -2.84
CA GLY A 1 12.79 19.47 -1.86
C GLY A 1 13.14 18.12 -2.46
N SER A 2 12.95 17.99 -3.77
CA SER A 2 13.26 16.74 -4.46
C SER A 2 14.49 16.88 -5.33
N HIS A 3 14.98 18.12 -5.47
CA HIS A 3 16.16 18.39 -6.28
C HIS A 3 17.44 18.10 -5.48
N MET A 4 17.27 17.64 -4.25
CA MET A 4 18.41 17.33 -3.40
C MET A 4 17.99 16.41 -2.25
N ILE A 5 17.90 15.12 -2.55
CA ILE A 5 17.51 14.13 -1.54
C ILE A 5 16.06 14.34 -1.10
N ASN A 6 15.29 13.27 -1.15
CA ASN A 6 13.89 13.32 -0.75
C ASN A 6 13.36 11.94 -0.39
N LEU A 7 12.58 11.86 0.69
CA LEU A 7 12.01 10.60 1.14
C LEU A 7 11.20 9.93 0.04
N GLU A 8 10.57 10.77 -0.81
CA GLU A 8 9.76 10.26 -1.90
C GLU A 8 10.57 10.18 -3.19
N ASP A 9 11.89 10.32 -3.06
CA ASP A 9 12.78 10.25 -4.21
C ASP A 9 14.10 9.58 -3.84
N TYR A 10 14.09 8.85 -2.74
CA TYR A 10 15.29 8.16 -2.27
C TYR A 10 14.93 6.87 -1.54
N TRP A 11 13.79 6.29 -1.91
CA TRP A 11 13.32 5.05 -1.30
C TRP A 11 13.37 5.15 0.22
N GLU A 12 12.37 5.82 0.80
CA GLU A 12 12.30 5.98 2.25
C GLU A 12 10.90 5.66 2.77
N ASP A 13 10.75 4.49 3.38
CA ASP A 13 9.47 4.07 3.91
C ASP A 13 9.65 3.18 5.14
N GLU A 14 10.85 3.22 5.72
CA GLU A 14 11.16 2.43 6.90
C GLU A 14 10.95 3.23 8.17
N THR A 15 9.96 4.12 8.16
CA THR A 15 9.65 4.96 9.31
C THR A 15 8.30 4.58 9.92
N PRO A 16 8.20 4.72 11.25
CA PRO A 16 6.97 4.39 11.99
C PRO A 16 5.84 5.37 11.68
N GLY A 17 4.76 5.27 12.45
CA GLY A 17 3.62 6.16 12.25
C GLY A 17 2.63 6.07 13.38
N PRO A 18 1.62 6.97 13.36
CA PRO A 18 0.59 7.02 14.39
C PRO A 18 -0.36 5.82 14.33
N ASP A 19 -1.44 5.88 15.10
CA ASP A 19 -2.42 4.80 15.12
C ASP A 19 -3.83 5.35 15.24
N ARG A 20 -4.00 6.62 14.88
CA ARG A 20 -5.30 7.28 14.96
C ARG A 20 -5.23 8.71 14.46
N GLU A 21 -4.32 9.49 15.03
CA GLU A 21 -4.14 10.88 14.63
C GLU A 21 -3.80 10.99 13.14
N PRO A 22 -4.64 11.75 12.42
CA PRO A 22 -4.46 11.95 10.97
C PRO A 22 -3.24 12.80 10.66
N THR A 23 -2.60 12.51 9.53
CA THR A 23 -1.41 13.26 9.11
C THR A 23 -1.55 13.77 7.68
N ASN A 24 -1.13 15.00 7.45
CA ASN A 24 -1.21 15.60 6.12
C ASN A 24 -0.62 14.67 5.06
N GLU A 25 0.54 14.09 5.37
CA GLU A 25 1.20 13.17 4.45
C GLU A 25 0.41 11.87 4.31
N LEU A 26 -0.28 11.48 5.36
CA LEU A 26 -1.08 10.26 5.36
C LEU A 26 -2.20 10.36 4.34
N ARG A 27 -3.02 11.39 4.48
CA ARG A 27 -4.15 11.60 3.56
C ARG A 27 -3.66 12.01 2.18
N ASN A 28 -2.54 12.72 2.13
CA ASN A 28 -1.96 13.17 0.87
C ASN A 28 -1.43 11.99 0.07
N GLU A 29 -0.63 11.15 0.73
CA GLU A 29 -0.05 9.97 0.07
C GLU A 29 -1.14 8.99 -0.34
N VAL A 30 -2.12 8.80 0.55
CA VAL A 30 -3.21 7.88 0.28
C VAL A 30 -4.11 8.39 -0.85
N GLU A 31 -4.26 9.71 -0.92
CA GLU A 31 -5.08 10.32 -1.96
C GLU A 31 -4.44 10.15 -3.34
N GLU A 32 -3.16 10.48 -3.43
CA GLU A 32 -2.43 10.37 -4.69
C GLU A 32 -2.31 8.91 -5.12
N THR A 33 -1.96 8.04 -4.17
CA THR A 33 -1.81 6.62 -4.45
C THR A 33 -3.13 6.01 -4.92
N ILE A 34 -4.21 6.37 -4.24
CA ILE A 34 -5.53 5.85 -4.59
C ILE A 34 -5.98 6.37 -5.95
N THR A 35 -5.64 7.62 -6.24
CA THR A 35 -6.01 8.24 -7.52
C THR A 35 -5.27 7.57 -8.68
N LEU A 36 -4.02 7.22 -8.45
CA LEU A 36 -3.21 6.57 -9.48
C LEU A 36 -3.53 5.09 -9.56
N MET A 37 -3.79 4.47 -8.42
CA MET A 37 -4.11 3.05 -8.36
C MET A 37 -5.54 2.80 -8.86
N GLU A 38 -6.37 3.83 -8.82
CA GLU A 38 -7.75 3.72 -9.26
C GLU A 38 -7.82 3.23 -10.70
N LEU A 39 -6.73 3.41 -11.44
CA LEU A 39 -6.66 2.98 -12.83
C LEU A 39 -5.91 1.65 -12.96
N LEU A 40 -5.90 0.87 -11.89
CA LEU A 40 -5.22 -0.41 -11.87
C LEU A 40 -5.63 -1.26 -13.08
N LYS A 41 -4.69 -1.48 -13.99
CA LYS A 41 -4.94 -2.27 -15.18
C LYS A 41 -5.01 -3.75 -14.85
N VAL A 42 -5.55 -4.54 -15.78
CA VAL A 42 -5.66 -5.98 -15.59
C VAL A 42 -4.32 -6.59 -15.16
N SER A 43 -3.25 -6.15 -15.79
CA SER A 43 -1.91 -6.65 -15.48
C SER A 43 -1.53 -6.31 -14.04
N GLU A 44 -1.95 -5.14 -13.58
CA GLU A 44 -1.64 -4.69 -12.23
C GLU A 44 -2.36 -5.56 -11.20
N LEU A 45 -3.68 -5.64 -11.33
CA LEU A 45 -4.49 -6.43 -10.41
C LEU A 45 -4.05 -7.90 -10.42
N LYS A 46 -3.92 -8.45 -11.62
CA LYS A 46 -3.50 -9.84 -11.78
C LYS A 46 -2.17 -10.09 -11.08
N ASP A 47 -1.19 -9.24 -11.36
CA ASP A 47 0.13 -9.36 -10.77
C ASP A 47 0.04 -9.42 -9.24
N ILE A 48 -0.67 -8.46 -8.66
CA ILE A 48 -0.83 -8.41 -7.21
C ILE A 48 -1.58 -9.63 -6.71
N CYS A 49 -2.74 -9.90 -7.29
CA CYS A 49 -3.55 -11.06 -6.89
C CYS A 49 -2.72 -12.33 -6.92
N ARG A 50 -1.81 -12.43 -7.88
CA ARG A 50 -0.96 -13.60 -8.02
C ARG A 50 0.06 -13.67 -6.88
N SER A 51 0.77 -12.57 -6.66
CA SER A 51 1.77 -12.51 -5.60
C SER A 51 1.14 -12.79 -4.24
N VAL A 52 0.07 -12.08 -3.93
CA VAL A 52 -0.63 -12.25 -2.66
C VAL A 52 -1.49 -13.50 -2.67
N SER A 53 -1.60 -14.12 -3.84
CA SER A 53 -2.41 -15.34 -3.98
C SER A 53 -3.89 -15.03 -3.74
N PHE A 54 -4.24 -13.76 -3.74
CA PHE A 54 -5.61 -13.33 -3.52
C PHE A 54 -6.55 -14.01 -4.51
N PRO A 55 -7.85 -14.03 -4.18
CA PRO A 55 -8.88 -14.64 -5.02
C PRO A 55 -9.12 -13.86 -6.31
N VAL A 56 -8.31 -14.13 -7.32
CA VAL A 56 -8.44 -13.45 -8.61
C VAL A 56 -9.65 -13.96 -9.39
N SER A 57 -10.30 -14.99 -8.86
CA SER A 57 -11.47 -15.57 -9.50
C SER A 57 -12.60 -14.55 -9.61
N GLY A 58 -12.49 -13.49 -8.81
CA GLY A 58 -13.50 -12.44 -8.84
C GLY A 58 -13.46 -11.61 -10.11
N ARG A 59 -13.47 -10.30 -9.95
CA ARG A 59 -13.42 -9.39 -11.09
C ARG A 59 -12.59 -8.15 -10.77
N LYS A 60 -12.43 -7.28 -11.76
CA LYS A 60 -11.66 -6.06 -11.59
C LYS A 60 -12.20 -5.23 -10.44
N ALA A 61 -13.53 -5.19 -10.32
CA ALA A 61 -14.18 -4.43 -9.26
C ALA A 61 -13.83 -5.00 -7.88
N VAL A 62 -13.83 -6.33 -7.78
CA VAL A 62 -13.53 -7.00 -6.52
C VAL A 62 -12.09 -6.71 -6.09
N LEU A 63 -11.15 -6.94 -7.00
CA LEU A 63 -9.74 -6.71 -6.72
C LEU A 63 -9.49 -5.26 -6.30
N GLN A 64 -9.91 -4.33 -7.16
CA GLN A 64 -9.73 -2.91 -6.89
C GLN A 64 -10.43 -2.51 -5.59
N ASP A 65 -11.54 -3.19 -5.30
CA ASP A 65 -12.30 -2.91 -4.08
C ASP A 65 -11.52 -3.35 -2.84
N LEU A 66 -10.84 -4.48 -2.95
CA LEU A 66 -10.06 -5.00 -1.83
C LEU A 66 -8.87 -4.10 -1.52
N ILE A 67 -8.10 -3.78 -2.55
CA ILE A 67 -6.93 -2.92 -2.39
C ILE A 67 -7.35 -1.52 -1.94
N ARG A 68 -8.29 -0.92 -2.67
CA ARG A 68 -8.77 0.41 -2.34
C ARG A 68 -9.24 0.49 -0.89
N ASN A 69 -10.11 -0.44 -0.52
CA ASN A 69 -10.64 -0.48 0.84
C ASN A 69 -9.52 -0.61 1.87
N PHE A 70 -8.53 -1.45 1.54
CA PHE A 70 -7.39 -1.66 2.43
C PHE A 70 -6.69 -0.34 2.74
N LEU A 71 -6.45 0.45 1.71
CA LEU A 71 -5.78 1.74 1.86
C LEU A 71 -6.65 2.71 2.65
N GLN A 72 -7.90 2.86 2.22
CA GLN A 72 -8.84 3.76 2.88
C GLN A 72 -9.00 3.38 4.35
N ASN A 73 -9.06 2.08 4.62
CA ASN A 73 -9.21 1.58 5.97
C ASN A 73 -7.88 1.61 6.73
N ALA A 74 -6.79 1.66 5.98
CA ALA A 74 -5.46 1.70 6.58
C ALA A 74 -5.30 2.91 7.49
N LEU A 75 -6.17 3.90 7.30
CA LEU A 75 -6.13 5.12 8.11
C LEU A 75 -7.47 5.39 8.76
N VAL A 76 -7.87 4.53 9.69
CA VAL A 76 -9.13 4.68 10.39
C VAL A 76 -8.91 5.05 11.86
N VAL A 77 -9.77 5.92 12.37
CA VAL A 77 -9.67 6.35 13.76
C VAL A 77 -9.92 5.21 14.72
N GLY A 78 -8.95 4.95 15.59
CA GLY A 78 -9.08 3.87 16.56
C GLY A 78 -8.95 2.50 15.91
N LYS A 79 -8.37 2.46 14.72
CA LYS A 79 -8.18 1.21 14.00
C LYS A 79 -7.20 1.38 12.85
N SER A 80 -6.24 2.28 13.02
CA SER A 80 -5.25 2.55 11.99
C SER A 80 -4.58 1.25 11.53
N ASP A 81 -3.79 1.35 10.47
CA ASP A 81 -3.10 0.19 9.92
C ASP A 81 -2.24 0.58 8.72
N PRO A 82 -1.03 1.06 9.00
CA PRO A 82 -0.08 1.48 7.95
C PRO A 82 0.47 0.31 7.16
N TYR A 83 0.27 -0.90 7.68
CA TYR A 83 0.75 -2.10 7.02
C TYR A 83 0.23 -2.18 5.59
N ARG A 84 -1.07 -2.00 5.42
CA ARG A 84 -1.68 -2.04 4.10
C ARG A 84 -1.13 -0.93 3.20
N VAL A 85 -0.81 0.21 3.81
CA VAL A 85 -0.27 1.34 3.07
C VAL A 85 1.06 0.99 2.42
N GLN A 86 2.03 0.59 3.25
CA GLN A 86 3.35 0.22 2.75
C GLN A 86 3.26 -0.92 1.75
N ALA A 87 2.40 -1.89 2.04
CA ALA A 87 2.22 -3.04 1.15
C ALA A 87 1.70 -2.60 -0.22
N VAL A 88 0.64 -1.80 -0.23
CA VAL A 88 0.06 -1.32 -1.46
C VAL A 88 1.08 -0.53 -2.28
N LYS A 89 1.83 0.32 -1.61
CA LYS A 89 2.85 1.13 -2.27
C LYS A 89 3.88 0.26 -2.95
N PHE A 90 4.42 -0.72 -2.22
CA PHE A 90 5.41 -1.62 -2.77
C PHE A 90 4.89 -2.31 -4.03
N LEU A 91 3.68 -2.85 -3.95
CA LEU A 91 3.07 -3.52 -5.09
C LEU A 91 3.00 -2.60 -6.30
N ILE A 92 2.40 -1.42 -6.10
CA ILE A 92 2.27 -0.46 -7.18
C ILE A 92 3.63 -0.10 -7.78
N GLU A 93 4.67 -0.17 -6.95
CA GLU A 93 6.02 0.14 -7.41
C GLU A 93 6.51 -0.92 -8.38
N ARG A 94 6.48 -2.18 -7.95
CA ARG A 94 6.94 -3.29 -8.78
C ARG A 94 6.18 -3.33 -10.09
N ILE A 95 4.92 -2.89 -10.07
CA ILE A 95 4.09 -2.88 -11.26
C ILE A 95 4.44 -1.69 -12.16
N ARG A 96 4.74 -0.55 -11.53
CA ARG A 96 5.09 0.65 -12.27
C ARG A 96 6.51 0.56 -12.83
N LYS A 97 7.29 -0.37 -12.29
CA LYS A 97 8.67 -0.57 -12.74
C LYS A 97 8.81 -1.87 -13.50
N ASN A 98 7.80 -2.73 -13.39
CA ASN A 98 7.81 -4.02 -14.08
C ASN A 98 8.88 -4.93 -13.50
N GLU A 99 8.66 -5.41 -12.28
CA GLU A 99 9.61 -6.29 -11.62
C GLU A 99 8.89 -7.26 -10.69
N PRO A 100 9.55 -8.38 -10.38
CA PRO A 100 8.99 -9.41 -9.50
C PRO A 100 8.91 -8.95 -8.05
N LEU A 101 7.78 -9.24 -7.40
CA LEU A 101 7.57 -8.86 -6.01
C LEU A 101 7.58 -10.08 -5.10
N PRO A 102 8.03 -9.88 -3.85
CA PRO A 102 8.08 -10.95 -2.85
C PRO A 102 6.71 -11.40 -2.39
N VAL A 103 6.67 -12.22 -1.35
CA VAL A 103 5.42 -12.73 -0.81
C VAL A 103 4.73 -11.68 0.05
N TYR A 104 3.40 -11.63 -0.03
CA TYR A 104 2.62 -10.67 0.73
C TYR A 104 2.89 -10.82 2.23
N LYS A 105 2.95 -12.06 2.69
CA LYS A 105 3.20 -12.35 4.10
C LYS A 105 4.64 -11.99 4.48
N ASP A 106 5.59 -12.48 3.69
CA ASP A 106 7.00 -12.23 3.95
C ASP A 106 7.28 -10.73 3.95
N LEU A 107 6.88 -10.05 2.88
CA LEU A 107 7.09 -8.61 2.76
C LEU A 107 6.42 -7.87 3.91
N TRP A 108 5.14 -8.12 4.11
CA TRP A 108 4.39 -7.47 5.17
C TRP A 108 5.09 -7.63 6.52
N ASN A 109 5.43 -8.88 6.85
CA ASN A 109 6.12 -9.17 8.10
C ASN A 109 7.46 -8.44 8.17
N ALA A 110 8.16 -8.41 7.05
CA ALA A 110 9.46 -7.75 6.98
C ALA A 110 9.33 -6.25 7.28
N LEU A 111 8.37 -5.60 6.62
CA LEU A 111 8.15 -4.18 6.81
C LEU A 111 7.57 -3.90 8.19
N ARG A 112 6.87 -4.89 8.75
CA ARG A 112 6.27 -4.75 10.07
C ARG A 112 7.35 -4.70 11.16
N LYS A 113 8.22 -5.69 11.16
CA LYS A 113 9.30 -5.77 12.15
C LYS A 113 10.42 -4.80 11.80
N GLY A 114 10.52 -4.45 10.52
CA GLY A 114 11.56 -3.54 10.07
C GLY A 114 12.75 -4.25 9.46
#